data_3KB6
#
_entry.id   3KB6
#
_cell.length_a   90.938
_cell.length_b   94.432
_cell.length_c   188.849
_cell.angle_alpha   90.000
_cell.angle_beta   90.000
_cell.angle_gamma   90.000
#
_symmetry.space_group_name_H-M   'P 21 21 21'
#
loop_
_entity.id
_entity.type
_entity.pdbx_description
1 polymer 'D-lactate dehydrogenase'
2 non-polymer 'PROPANOIC ACID'
3 non-polymer 'LACTIC ACID'
4 non-polymer NICOTINAMIDE-ADENINE-DINUCLEOTIDE
5 non-polymer DI(HYDROXYETHYL)ETHER
6 non-polymer 'PENTAETHYLENE GLYCOL'
7 non-polymer GLYCEROL
8 water water
#
_entity_poly.entity_id   1
_entity_poly.type   'polypeptide(L)'
_entity_poly.pdbx_seq_one_letter_code
;(MSE)NVLFTSVPQEDVPFYQEALKDLSLKIYTTDVSKVPENELKKAELISVFVYDKLTEELLSK(MSE)PRLKLIHTRS
VGFDHIDLDYCKKKGILVTHIPAYSPESVAEHTFA(MSE)ILTLVKRLKRIEDRVKKLNFSQDSEILARELNRLTLGVIG
TGRIGSRVA(MSE)YGLAFG(MSE)KVLCYDVVKREDLKEKGCVYTSLDELLKESDVISLHVPYTKETHH(MSE)INEER
ISL(MSE)KDGVYLINTARGKVVDTDALYRAYQRGKFSGLGLDVFEDEEILILKKYTEGKATDKNLKILELACKDNVIIT
PHIAYYTDKSLERIREETVKVVKAFVKGDLEQIKGNFVVGPS
;
_entity_poly.pdbx_strand_id   A,B,C,D
#
# COMPACT_ATOMS: atom_id res chain seq x y z
N ASN A 2 -13.92 -5.83 -48.31
CA ASN A 2 -14.50 -5.59 -46.98
C ASN A 2 -13.55 -6.07 -45.88
N VAL A 3 -13.04 -5.13 -45.11
CA VAL A 3 -12.03 -5.44 -44.12
C VAL A 3 -12.63 -5.18 -42.76
N LEU A 4 -12.41 -6.13 -41.84
CA LEU A 4 -12.87 -6.03 -40.47
C LEU A 4 -11.71 -6.06 -39.48
N PHE A 5 -11.66 -5.08 -38.59
CA PHE A 5 -10.68 -5.05 -37.53
C PHE A 5 -11.42 -5.19 -36.22
N THR A 6 -10.96 -6.09 -35.34
CA THR A 6 -11.51 -6.23 -34.00
C THR A 6 -10.42 -6.00 -32.93
N SER A 7 -10.89 -5.80 -31.71
CA SER A 7 -10.09 -5.57 -30.51
C SER A 7 -9.05 -4.48 -30.72
N VAL A 8 -9.44 -3.44 -31.44
CA VAL A 8 -8.55 -2.34 -31.71
C VAL A 8 -8.64 -1.28 -30.61
N PRO A 9 -7.52 -0.96 -29.93
CA PRO A 9 -7.60 0.16 -28.98
C PRO A 9 -8.09 1.48 -29.62
N GLN A 10 -8.74 2.31 -28.83
CA GLN A 10 -9.41 3.51 -29.33
C GLN A 10 -8.51 4.42 -30.15
N GLU A 11 -7.26 4.56 -29.69
CA GLU A 11 -6.31 5.49 -30.26
C GLU A 11 -5.77 5.00 -31.58
N ASP A 12 -5.87 3.69 -31.83
CA ASP A 12 -5.53 3.14 -33.14
C ASP A 12 -6.65 3.34 -34.17
N VAL A 13 -7.87 3.62 -33.70
CA VAL A 13 -9.02 3.70 -34.60
C VAL A 13 -8.76 4.69 -35.72
N PRO A 14 -8.41 5.95 -35.38
CA PRO A 14 -8.13 6.92 -36.44
C PRO A 14 -6.94 6.59 -37.32
N PHE A 15 -5.84 6.09 -36.73
CA PHE A 15 -4.69 5.66 -37.55
C PHE A 15 -5.05 4.63 -38.66
N TYR A 16 -5.89 3.65 -38.33
CA TYR A 16 -6.23 2.61 -39.31
C TYR A 16 -7.23 3.10 -40.38
N GLN A 17 -8.11 4.03 -39.99
CA GLN A 17 -9.03 4.68 -40.94
C GLN A 17 -8.25 5.47 -41.98
N GLU A 18 -7.28 6.26 -41.53
CA GLU A 18 -6.43 7.03 -42.45
C GLU A 18 -5.52 6.14 -43.29
N ALA A 19 -4.87 5.18 -42.65
CA ALA A 19 -3.92 4.35 -43.36
C ALA A 19 -4.60 3.45 -44.41
N LEU A 20 -5.86 3.11 -44.17
CA LEU A 20 -6.59 2.17 -45.06
C LEU A 20 -7.83 2.84 -45.69
N LYS A 21 -7.71 4.10 -46.09
CA LYS A 21 -8.87 4.90 -46.52
C LYS A 21 -9.54 4.38 -47.79
N ASP A 22 -8.76 3.78 -48.68
CA ASP A 22 -9.27 3.23 -49.95
C ASP A 22 -10.22 2.06 -49.74
N LEU A 23 -10.12 1.39 -48.60
CA LEU A 23 -10.84 0.15 -48.39
C LEU A 23 -12.15 0.39 -47.68
N SER A 24 -13.03 -0.61 -47.77
CA SER A 24 -14.26 -0.62 -47.01
C SER A 24 -13.97 -1.26 -45.66
N LEU A 25 -13.88 -0.44 -44.62
CA LEU A 25 -13.30 -0.85 -43.34
C LEU A 25 -14.26 -0.64 -42.20
N LYS A 26 -14.54 -1.71 -41.47
CA LYS A 26 -15.26 -1.62 -40.21
C LYS A 26 -14.30 -1.94 -39.04
N ILE A 27 -14.27 -1.06 -38.04
CA ILE A 27 -13.37 -1.23 -36.88
C ILE A 27 -14.17 -1.37 -35.61
N TYR A 28 -13.81 -2.35 -34.79
CA TYR A 28 -14.40 -2.54 -33.47
C TYR A 28 -13.30 -2.53 -32.39
N THR A 29 -13.52 -1.75 -31.33
CA THR A 29 -12.68 -1.79 -30.16
C THR A 29 -13.01 -3.06 -29.37
N THR A 30 -14.21 -3.55 -29.55
CA THR A 30 -14.62 -4.79 -28.93
C THR A 30 -14.07 -6.02 -29.65
N ASP A 31 -14.17 -7.19 -29.02
CA ASP A 31 -13.70 -8.45 -29.60
C ASP A 31 -14.70 -9.05 -30.59
N VAL A 32 -14.21 -10.00 -31.36
CA VAL A 32 -14.92 -10.56 -32.50
C VAL A 32 -16.25 -11.26 -32.11
N SER A 33 -16.34 -11.76 -30.88
CA SER A 33 -17.58 -12.43 -30.42
C SER A 33 -18.74 -11.43 -30.20
N LYS A 34 -18.46 -10.14 -30.20
CA LYS A 34 -19.48 -9.12 -30.06
C LYS A 34 -19.78 -8.40 -31.37
N VAL A 35 -19.18 -8.86 -32.47
CA VAL A 35 -19.44 -8.28 -33.79
C VAL A 35 -20.74 -8.90 -34.33
N PRO A 36 -21.65 -8.08 -34.88
CA PRO A 36 -22.91 -8.64 -35.39
C PRO A 36 -22.69 -9.55 -36.61
N GLU A 37 -23.48 -10.61 -36.68
CA GLU A 37 -23.37 -11.61 -37.73
C GLU A 37 -23.42 -11.02 -39.15
N ASN A 38 -24.15 -9.93 -39.36
CA ASN A 38 -24.21 -9.35 -40.70
C ASN A 38 -22.85 -8.74 -41.13
N GLU A 39 -22.02 -8.33 -40.17
CA GLU A 39 -20.63 -7.90 -40.46
C GLU A 39 -19.67 -9.07 -40.59
N LEU A 40 -19.86 -10.11 -39.77
CA LEU A 40 -19.06 -11.32 -39.91
C LEU A 40 -19.23 -11.95 -41.30
N LYS A 41 -20.47 -12.00 -41.81
CA LYS A 41 -20.80 -12.62 -43.11
C LYS A 41 -20.09 -11.95 -44.28
N LYS A 42 -19.93 -10.63 -44.17
CA LYS A 42 -19.36 -9.76 -45.23
C LYS A 42 -17.82 -9.76 -45.30
N ALA A 43 -17.16 -9.92 -44.16
CA ALA A 43 -15.69 -9.81 -44.05
C ALA A 43 -14.90 -10.73 -44.99
N GLU A 44 -14.04 -10.12 -45.79
CA GLU A 44 -13.05 -10.87 -46.60
C GLU A 44 -11.68 -10.98 -45.91
N LEU A 45 -11.32 -9.96 -45.13
CA LEU A 45 -10.09 -9.95 -44.32
C LEU A 45 -10.46 -9.47 -42.90
N ILE A 46 -10.15 -10.28 -41.88
CA ILE A 46 -10.29 -9.84 -40.50
C ILE A 46 -8.88 -9.64 -39.85
N SER A 47 -8.73 -8.58 -39.07
CA SER A 47 -7.52 -8.39 -38.28
C SER A 47 -7.88 -8.44 -36.79
N VAL A 48 -7.23 -9.30 -36.03
CA VAL A 48 -7.54 -9.50 -34.64
C VAL A 48 -6.29 -9.31 -33.77
N PHE A 49 -6.47 -9.51 -32.46
CA PHE A 49 -5.38 -9.62 -31.53
C PHE A 49 -5.63 -10.91 -30.73
N VAL A 50 -4.88 -11.10 -29.64
CA VAL A 50 -4.76 -12.43 -29.02
C VAL A 50 -5.95 -12.89 -28.17
N TYR A 51 -6.88 -11.98 -27.89
CA TYR A 51 -8.09 -12.31 -27.12
C TYR A 51 -9.33 -12.54 -28.01
N ASP A 52 -9.19 -12.45 -29.32
CA ASP A 52 -10.25 -12.85 -30.27
C ASP A 52 -10.09 -14.34 -30.55
N LYS A 53 -11.01 -15.16 -30.03
CA LYS A 53 -10.94 -16.60 -30.24
C LYS A 53 -11.55 -17.01 -31.59
N LEU A 54 -10.69 -17.33 -32.57
CA LEU A 54 -11.14 -17.75 -33.89
C LEU A 54 -11.31 -19.26 -33.96
N THR A 55 -12.38 -19.69 -33.33
CA THR A 55 -12.83 -21.07 -33.28
C THR A 55 -13.56 -21.41 -34.57
N GLU A 56 -13.66 -22.70 -34.85
CA GLU A 56 -14.48 -23.20 -35.97
C GLU A 56 -15.90 -22.62 -35.92
N GLU A 57 -16.49 -22.59 -34.73
CA GLU A 57 -17.82 -22.09 -34.55
C GLU A 57 -17.89 -20.63 -35.03
N LEU A 58 -16.94 -19.79 -34.62
CA LEU A 58 -16.96 -18.42 -35.08
C LEU A 58 -16.63 -18.33 -36.56
N LEU A 59 -15.61 -19.05 -37.01
CA LEU A 59 -15.18 -18.92 -38.41
C LEU A 59 -16.24 -19.46 -39.41
N SER A 60 -17.06 -20.40 -38.98
CA SER A 60 -18.19 -20.85 -39.77
C SER A 60 -19.18 -19.75 -40.14
N LYS A 61 -19.26 -18.71 -39.32
CA LYS A 61 -20.15 -17.57 -39.58
C LYS A 61 -19.53 -16.58 -40.55
N PRO A 63 -18.41 -16.85 -44.21
CA PRO A 63 -18.30 -17.54 -45.50
C PRO A 63 -17.46 -16.81 -46.55
N ARG A 64 -17.28 -15.49 -46.46
CA ARG A 64 -16.44 -14.77 -47.42
C ARG A 64 -14.95 -14.55 -46.99
N LEU A 65 -14.60 -15.00 -45.78
CA LEU A 65 -13.25 -14.83 -45.21
C LEU A 65 -12.13 -15.45 -46.06
N LYS A 66 -11.18 -14.65 -46.50
CA LYS A 66 -10.00 -15.16 -47.22
C LYS A 66 -8.66 -15.16 -46.43
N LEU A 67 -8.51 -14.19 -45.54
CA LEU A 67 -7.27 -14.02 -44.74
C LEU A 67 -7.54 -13.52 -43.32
N ILE A 68 -6.90 -14.15 -42.32
CA ILE A 68 -6.90 -13.69 -40.94
C ILE A 68 -5.51 -13.18 -40.63
N HIS A 69 -5.43 -11.91 -40.22
CA HIS A 69 -4.21 -11.32 -39.74
C HIS A 69 -4.27 -11.02 -38.25
N THR A 70 -3.37 -11.60 -37.46
CA THR A 70 -3.31 -11.38 -36.03
C THR A 70 -2.14 -10.44 -35.80
N ARG A 71 -2.35 -9.37 -35.01
CA ARG A 71 -1.35 -8.33 -34.79
C ARG A 71 -0.44 -8.75 -33.63
N SER A 72 0.16 -9.92 -33.79
CA SER A 72 0.86 -10.56 -32.69
C SER A 72 1.85 -11.60 -33.22
N VAL A 73 2.74 -12.06 -32.35
CA VAL A 73 3.62 -13.15 -32.65
C VAL A 73 2.82 -14.45 -32.51
N GLY A 74 2.01 -14.52 -31.46
CA GLY A 74 1.27 -15.72 -31.18
C GLY A 74 0.04 -15.88 -32.08
N PHE A 75 -0.31 -17.12 -32.32
CA PHE A 75 -1.46 -17.43 -33.16
C PHE A 75 -2.22 -18.66 -32.61
N ASP A 76 -1.99 -18.97 -31.34
CA ASP A 76 -2.64 -20.13 -30.70
C ASP A 76 -4.14 -19.87 -30.46
N HIS A 77 -4.56 -18.61 -30.66
CA HIS A 77 -5.96 -18.22 -30.53
C HIS A 77 -6.80 -18.50 -31.79
N ILE A 78 -6.14 -19.03 -32.83
CA ILE A 78 -6.76 -19.28 -34.12
C ILE A 78 -6.76 -20.77 -34.44
N ASP A 79 -7.92 -21.30 -34.91
CA ASP A 79 -7.98 -22.72 -35.30
C ASP A 79 -7.35 -22.91 -36.66
N LEU A 80 -6.04 -23.13 -36.68
CA LEU A 80 -5.30 -23.22 -37.94
C LEU A 80 -5.75 -24.39 -38.82
N ASP A 81 -6.08 -25.51 -38.19
CA ASP A 81 -6.44 -26.70 -38.91
C ASP A 81 -7.71 -26.45 -39.72
N TYR A 82 -8.66 -25.74 -39.16
CA TYR A 82 -9.85 -25.33 -39.86
C TYR A 82 -9.49 -24.45 -41.06
N CYS A 83 -8.66 -23.43 -40.82
CA CYS A 83 -8.22 -22.53 -41.88
C CYS A 83 -7.56 -23.28 -43.04
N LYS A 84 -6.68 -24.25 -42.73
CA LYS A 84 -5.99 -25.06 -43.72
C LYS A 84 -7.00 -25.84 -44.56
N LYS A 85 -8.01 -26.42 -43.90
CA LYS A 85 -8.99 -27.22 -44.57
C LYS A 85 -9.94 -26.33 -45.38
N LYS A 86 -10.28 -25.13 -44.92
CA LYS A 86 -11.12 -24.22 -45.74
C LYS A 86 -10.40 -23.32 -46.72
N GLY A 87 -9.07 -23.43 -46.85
CA GLY A 87 -8.27 -22.48 -47.64
C GLY A 87 -8.23 -21.03 -47.14
N ILE A 88 -8.34 -20.82 -45.83
CA ILE A 88 -8.18 -19.45 -45.30
C ILE A 88 -6.69 -19.22 -44.96
N LEU A 89 -6.15 -18.13 -45.47
CA LEU A 89 -4.78 -17.73 -45.16
C LEU A 89 -4.73 -17.12 -43.73
N VAL A 90 -3.64 -17.38 -43.01
CA VAL A 90 -3.41 -16.73 -41.73
C VAL A 90 -2.02 -16.12 -41.75
N THR A 91 -1.97 -14.83 -41.37
CA THR A 91 -0.74 -14.10 -41.16
C THR A 91 -0.58 -13.62 -39.70
N HIS A 92 0.66 -13.29 -39.34
CA HIS A 92 0.97 -12.74 -38.03
C HIS A 92 2.11 -11.76 -38.19
N ILE A 93 2.65 -11.27 -37.07
CA ILE A 93 3.80 -10.36 -37.06
C ILE A 93 4.89 -11.02 -36.21
N PRO A 94 5.82 -11.76 -36.84
CA PRO A 94 6.74 -12.57 -36.11
C PRO A 94 7.79 -11.81 -35.32
N ALA A 95 8.08 -10.57 -35.67
CA ALA A 95 9.22 -9.89 -35.08
C ALA A 95 9.08 -8.40 -34.99
N TYR A 96 7.95 -7.92 -34.50
CA TYR A 96 7.80 -6.47 -34.34
C TYR A 96 8.82 -6.00 -33.28
N SER A 97 9.10 -6.82 -32.26
CA SER A 97 10.05 -6.43 -31.19
C SER A 97 10.29 -7.54 -30.20
N PRO A 98 11.12 -8.49 -30.58
CA PRO A 98 11.55 -9.51 -29.64
C PRO A 98 12.24 -8.90 -28.40
N GLU A 99 12.91 -7.77 -28.59
CA GLU A 99 13.60 -7.06 -27.52
C GLU A 99 12.68 -6.62 -26.40
N SER A 100 11.47 -6.19 -26.76
CA SER A 100 10.54 -5.73 -25.74
C SER A 100 10.33 -6.80 -24.66
N VAL A 101 10.04 -8.01 -25.08
CA VAL A 101 9.73 -9.12 -24.13
C VAL A 101 10.97 -9.62 -23.41
N ALA A 102 12.08 -9.62 -24.14
CA ALA A 102 13.35 -10.08 -23.57
C ALA A 102 13.81 -9.08 -22.50
N GLU A 103 13.69 -7.79 -22.78
CA GLU A 103 14.00 -6.78 -21.79
C GLU A 103 13.05 -6.86 -20.58
N HIS A 104 11.75 -7.05 -20.84
CA HIS A 104 10.82 -7.18 -19.75
C HIS A 104 11.16 -8.41 -18.89
N THR A 105 11.55 -9.51 -19.54
CA THR A 105 11.92 -10.72 -18.80
C THR A 105 13.07 -10.42 -17.84
N PHE A 106 14.05 -9.67 -18.31
CA PHE A 106 15.19 -9.35 -17.46
C PHE A 106 14.88 -8.35 -16.35
N ALA A 107 13.99 -7.40 -16.63
CA ALA A 107 13.42 -6.56 -15.58
C ALA A 107 12.81 -7.36 -14.46
N ILE A 109 13.48 -10.62 -13.78
CA ILE A 109 14.55 -11.38 -13.09
C ILE A 109 15.28 -10.46 -12.09
N LEU A 110 15.69 -9.28 -12.53
CA LEU A 110 16.44 -8.39 -11.65
C LEU A 110 15.62 -7.90 -10.47
N THR A 111 14.32 -7.67 -10.70
CA THR A 111 13.41 -7.21 -9.64
C THR A 111 13.35 -8.21 -8.56
N LEU A 112 13.24 -9.47 -8.97
CA LEU A 112 13.15 -10.55 -8.02
C LEU A 112 14.47 -10.83 -7.29
N VAL A 113 15.57 -10.96 -8.01
CA VAL A 113 16.83 -11.35 -7.38
CA VAL A 113 16.81 -11.36 -7.36
C VAL A 113 17.37 -10.26 -6.43
N LYS A 114 17.12 -9.00 -6.76
CA LYS A 114 17.49 -7.85 -5.92
C LYS A 114 16.43 -7.45 -4.86
N ARG A 115 15.34 -8.23 -4.81
CA ARG A 115 14.29 -8.12 -3.79
C ARG A 115 13.67 -6.74 -3.70
N LEU A 116 13.45 -6.12 -4.84
CA LEU A 116 13.08 -4.72 -4.87
C LEU A 116 11.70 -4.44 -4.26
N LYS A 117 10.80 -5.40 -4.39
CA LYS A 117 9.45 -5.22 -3.92
C LYS A 117 9.46 -5.24 -2.39
N ARG A 118 10.23 -6.15 -1.82
CA ARG A 118 10.36 -6.21 -0.40
C ARG A 118 11.05 -4.94 0.16
N ILE A 119 12.12 -4.49 -0.49
CA ILE A 119 12.75 -3.22 -0.13
C ILE A 119 11.75 -2.06 -0.18
N GLU A 120 10.98 -1.97 -1.25
CA GLU A 120 9.98 -0.89 -1.38
C GLU A 120 8.91 -0.92 -0.23
N ASP A 121 8.47 -2.12 0.16
CA ASP A 121 7.59 -2.26 1.31
C ASP A 121 8.24 -1.75 2.63
N ARG A 122 9.53 -2.09 2.83
CA ARG A 122 10.25 -1.60 3.99
C ARG A 122 10.38 -0.09 3.96
N VAL A 123 10.83 0.45 2.85
CA VAL A 123 10.98 1.90 2.72
C VAL A 123 9.70 2.71 2.98
N LYS A 124 8.55 2.28 2.43
CA LYS A 124 7.23 2.84 2.79
C LYS A 124 6.92 2.85 4.32
N LYS A 125 7.52 1.95 5.11
CA LYS A 125 7.35 1.92 6.57
C LYS A 125 8.47 2.67 7.30
N LEU A 126 9.22 3.53 6.59
CA LEU A 126 10.42 4.20 7.09
C LEU A 126 11.42 3.21 7.64
N ASN A 127 11.46 1.99 7.12
CA ASN A 127 12.46 1.03 7.52
C ASN A 127 13.58 1.04 6.48
N PHE A 128 14.66 1.77 6.77
CA PHE A 128 15.80 1.89 5.89
C PHE A 128 16.96 1.02 6.41
N SER A 129 16.65 0.03 7.25
CA SER A 129 17.68 -0.84 7.74
C SER A 129 18.06 -1.88 6.69
N GLN A 130 19.18 -2.54 6.96
CA GLN A 130 19.71 -3.57 6.10
C GLN A 130 19.75 -4.83 6.94
N ASP A 131 19.16 -5.91 6.46
CA ASP A 131 19.29 -7.21 7.11
C ASP A 131 19.03 -8.28 6.08
N SER A 132 19.11 -9.52 6.51
CA SER A 132 19.15 -10.64 5.62
C SER A 132 17.88 -10.83 4.83
N GLU A 133 16.78 -10.29 5.33
CA GLU A 133 15.53 -10.36 4.60
C GLU A 133 15.64 -9.65 3.27
N ILE A 134 16.53 -8.68 3.13
CA ILE A 134 16.74 -8.04 1.81
C ILE A 134 18.12 -8.30 1.21
N LEU A 135 18.84 -9.32 1.70
CA LEU A 135 20.19 -9.72 1.15
C LEU A 135 20.00 -10.29 -0.26
N ALA A 136 20.54 -9.61 -1.25
CA ALA A 136 20.33 -9.99 -2.66
C ALA A 136 21.29 -11.09 -3.12
N ARG A 137 21.00 -11.67 -4.26
CA ARG A 137 21.99 -12.50 -4.92
C ARG A 137 22.55 -11.80 -6.13
N GLU A 138 23.62 -12.35 -6.69
CA GLU A 138 24.20 -11.81 -7.93
C GLU A 138 23.96 -12.73 -9.12
N LEU A 139 23.57 -12.15 -10.23
CA LEU A 139 23.30 -12.94 -11.44
C LEU A 139 24.53 -13.73 -11.88
N ASN A 140 25.72 -13.16 -11.72
CA ASN A 140 26.94 -13.80 -12.20
C ASN A 140 27.27 -15.07 -11.42
N ARG A 141 26.58 -15.30 -10.32
CA ARG A 141 26.77 -16.55 -9.63
C ARG A 141 25.66 -17.54 -9.92
N LEU A 142 24.73 -17.17 -10.80
CA LEU A 142 23.59 -18.04 -11.01
C LEU A 142 23.59 -18.70 -12.40
N THR A 143 22.88 -19.82 -12.46
CA THR A 143 22.56 -20.50 -13.72
C THR A 143 21.13 -20.16 -14.23
N LEU A 144 21.08 -19.68 -15.44
CA LEU A 144 19.86 -19.37 -16.17
C LEU A 144 19.51 -20.52 -17.10
N GLY A 145 18.26 -20.98 -17.01
CA GLY A 145 17.73 -22.02 -17.88
C GLY A 145 16.71 -21.39 -18.80
N VAL A 146 17.01 -21.31 -20.10
CA VAL A 146 16.08 -20.73 -21.05
C VAL A 146 15.39 -21.85 -21.85
N ILE A 147 14.07 -21.90 -21.71
CA ILE A 147 13.24 -22.88 -22.41
C ILE A 147 12.60 -22.16 -23.62
N GLY A 148 13.12 -22.47 -24.80
CA GLY A 148 12.79 -21.83 -26.03
C GLY A 148 13.79 -20.74 -26.34
N THR A 149 14.61 -20.95 -27.37
CA THR A 149 15.68 -20.03 -27.76
C THR A 149 15.42 -19.45 -29.14
N GLY A 150 14.22 -18.96 -29.34
CA GLY A 150 13.80 -18.35 -30.59
C GLY A 150 14.15 -16.89 -30.59
N ARG A 151 13.33 -16.10 -31.23
CA ARG A 151 13.63 -14.72 -31.32
C ARG A 151 13.74 -14.05 -29.94
N ILE A 152 12.78 -14.33 -29.06
CA ILE A 152 12.82 -13.74 -27.72
C ILE A 152 13.83 -14.46 -26.82
N GLY A 153 13.74 -15.77 -26.72
CA GLY A 153 14.60 -16.53 -25.80
C GLY A 153 16.10 -16.42 -26.06
N SER A 154 16.48 -16.30 -27.34
CA SER A 154 17.88 -16.20 -27.68
C SER A 154 18.42 -14.87 -27.16
N ARG A 155 17.62 -13.81 -27.24
CA ARG A 155 17.97 -12.54 -26.62
C ARG A 155 18.08 -12.64 -25.07
N VAL A 156 17.13 -13.31 -24.45
CA VAL A 156 17.23 -13.55 -23.04
C VAL A 156 18.52 -14.29 -22.67
N ALA A 157 18.88 -15.31 -23.45
CA ALA A 157 20.13 -16.04 -23.25
C ALA A 157 21.34 -15.12 -23.36
N TYR A 159 21.44 -11.67 -22.93
CA TYR A 159 21.51 -10.81 -21.76
C TYR A 159 22.07 -11.58 -20.57
N GLY A 160 21.63 -12.82 -20.39
CA GLY A 160 22.20 -13.70 -19.33
C GLY A 160 23.73 -13.81 -19.35
N LEU A 161 24.26 -14.11 -20.55
CA LEU A 161 25.71 -14.16 -20.75
C LEU A 161 26.39 -12.84 -20.40
N ALA A 162 25.82 -11.72 -20.84
CA ALA A 162 26.39 -10.40 -20.55
C ALA A 162 26.49 -10.17 -19.02
N PHE A 163 25.58 -10.75 -18.25
CA PHE A 163 25.60 -10.66 -16.80
C PHE A 163 26.47 -11.71 -16.15
N GLY A 164 27.13 -12.54 -16.95
CA GLY A 164 28.05 -13.51 -16.39
C GLY A 164 27.36 -14.75 -15.87
N LYS A 166 25.95 -18.50 -16.06
CA LYS A 166 25.97 -19.78 -16.78
C LYS A 166 24.59 -19.96 -17.45
N VAL A 167 24.58 -20.17 -18.77
CA VAL A 167 23.32 -20.28 -19.51
C VAL A 167 23.08 -21.69 -20.10
N LEU A 168 22.01 -22.35 -19.61
CA LEU A 168 21.52 -23.59 -20.20
C LEU A 168 20.30 -23.29 -21.05
N CYS A 169 20.18 -24.05 -22.13
CA CYS A 169 19.11 -23.88 -23.10
C CYS A 169 18.40 -25.19 -23.44
N TYR A 170 17.10 -25.06 -23.69
CA TYR A 170 16.32 -26.18 -24.19
C TYR A 170 15.48 -25.74 -25.38
N ASP A 171 15.69 -26.43 -26.51
CA ASP A 171 14.98 -26.16 -27.74
C ASP A 171 15.17 -27.32 -28.68
N VAL A 172 14.19 -27.56 -29.54
CA VAL A 172 14.39 -28.53 -30.61
C VAL A 172 15.39 -28.03 -31.66
N VAL A 173 15.55 -26.71 -31.80
CA VAL A 173 16.56 -26.12 -32.69
C VAL A 173 17.78 -25.55 -31.91
N LYS A 174 18.92 -26.20 -32.06
CA LYS A 174 20.10 -25.88 -31.26
C LYS A 174 20.99 -24.89 -31.98
N ARG A 175 21.01 -23.66 -31.50
CA ARG A 175 21.62 -22.56 -32.20
C ARG A 175 23.14 -22.48 -32.07
N GLU A 176 23.81 -22.48 -33.23
CA GLU A 176 25.24 -22.23 -33.31
C GLU A 176 25.67 -20.91 -32.69
N ASP A 177 24.93 -19.84 -32.98
CA ASP A 177 25.35 -18.52 -32.51
C ASP A 177 25.38 -18.48 -30.97
N LEU A 178 24.36 -19.04 -30.31
CA LEU A 178 24.34 -19.17 -28.85
C LEU A 178 25.40 -20.09 -28.26
N LYS A 179 25.68 -21.20 -28.94
CA LYS A 179 26.72 -22.15 -28.54
C LYS A 179 28.15 -21.58 -28.59
N GLU A 180 28.41 -20.86 -29.66
CA GLU A 180 29.68 -20.16 -29.82
C GLU A 180 29.90 -19.11 -28.72
N LYS A 181 28.81 -18.49 -28.26
CA LYS A 181 28.90 -17.48 -27.19
C LYS A 181 28.97 -18.06 -25.80
N GLY A 182 28.82 -19.36 -25.64
CA GLY A 182 28.86 -19.95 -24.29
C GLY A 182 27.64 -20.70 -23.78
N CYS A 183 26.49 -20.64 -24.46
CA CYS A 183 25.31 -21.37 -23.99
C CYS A 183 25.44 -22.86 -24.25
N VAL A 184 24.87 -23.64 -23.34
CA VAL A 184 24.97 -25.09 -23.41
C VAL A 184 23.54 -25.64 -23.50
N TYR A 185 23.27 -26.39 -24.56
CA TYR A 185 21.97 -26.99 -24.77
C TYR A 185 21.96 -28.33 -24.02
N THR A 186 20.85 -28.59 -23.36
CA THR A 186 20.74 -29.72 -22.47
CA THR A 186 20.72 -29.61 -22.33
C THR A 186 19.40 -30.37 -22.56
N SER A 187 19.23 -31.49 -21.87
CA SER A 187 17.93 -32.11 -21.75
C SER A 187 17.04 -31.16 -20.87
N LEU A 188 15.73 -31.28 -21.00
CA LEU A 188 14.79 -30.57 -20.14
C LEU A 188 15.01 -30.90 -18.67
N ASP A 189 15.13 -32.17 -18.37
CA ASP A 189 15.38 -32.62 -17.01
C ASP A 189 16.66 -32.03 -16.41
N GLU A 190 17.73 -31.99 -17.20
CA GLU A 190 18.98 -31.35 -16.73
C GLU A 190 18.79 -29.83 -16.53
N LEU A 191 18.08 -29.15 -17.44
CA LEU A 191 17.86 -27.72 -17.28
C LEU A 191 17.04 -27.45 -15.98
N LEU A 192 16.00 -28.26 -15.75
CA LEU A 192 15.13 -28.10 -14.57
C LEU A 192 15.89 -28.32 -13.30
N LYS A 193 16.80 -29.28 -13.30
CA LYS A 193 17.54 -29.60 -12.10
C LYS A 193 18.67 -28.62 -11.78
N GLU A 194 19.28 -28.04 -12.81
CA GLU A 194 20.51 -27.28 -12.58
C GLU A 194 20.28 -25.79 -12.56
N SER A 195 19.10 -25.33 -12.93
CA SER A 195 18.93 -23.89 -13.13
C SER A 195 18.55 -23.19 -11.82
N ASP A 196 19.03 -21.97 -11.63
CA ASP A 196 18.58 -21.14 -10.51
C ASP A 196 17.47 -20.19 -10.94
N VAL A 197 17.54 -19.75 -12.19
CA VAL A 197 16.50 -18.95 -12.80
C VAL A 197 16.03 -19.65 -14.08
N ILE A 198 14.74 -19.93 -14.20
CA ILE A 198 14.20 -20.55 -15.40
C ILE A 198 13.20 -19.59 -16.05
N SER A 199 13.30 -19.45 -17.37
CA SER A 199 12.46 -18.54 -18.12
C SER A 199 11.89 -19.23 -19.36
N LEU A 200 10.57 -19.09 -19.57
CA LEU A 200 9.82 -19.76 -20.66
C LEU A 200 9.60 -18.85 -21.85
N HIS A 201 9.95 -19.32 -23.05
CA HIS A 201 9.81 -18.56 -24.28
C HIS A 201 9.40 -19.46 -25.46
N VAL A 202 8.46 -20.38 -25.20
CA VAL A 202 7.91 -21.25 -26.25
C VAL A 202 6.50 -20.82 -26.56
N PRO A 203 6.03 -21.08 -27.78
CA PRO A 203 4.64 -20.84 -28.07
C PRO A 203 3.76 -21.82 -27.35
N TYR A 204 2.46 -21.51 -27.23
CA TYR A 204 1.49 -22.50 -26.75
C TYR A 204 1.07 -23.46 -27.88
N THR A 205 1.30 -24.75 -27.66
CA THR A 205 0.92 -25.79 -28.59
C THR A 205 0.49 -27.01 -27.79
N LYS A 206 0.03 -28.06 -28.49
CA LYS A 206 -0.28 -29.33 -27.79
C LYS A 206 0.94 -29.90 -27.09
N GLU A 207 2.11 -29.74 -27.70
CA GLU A 207 3.35 -30.20 -27.07
C GLU A 207 3.80 -29.37 -25.84
N THR A 208 3.48 -28.09 -25.78
CA THR A 208 3.96 -27.24 -24.65
C THR A 208 2.87 -27.07 -23.58
N HIS A 209 1.68 -27.63 -23.84
CA HIS A 209 0.55 -27.55 -22.93
C HIS A 209 0.90 -28.09 -21.58
N HIS A 210 0.76 -27.23 -20.57
CA HIS A 210 1.12 -27.60 -19.20
C HIS A 210 2.46 -28.30 -19.06
N ILE A 212 5.20 -27.16 -17.79
CA ILE A 212 5.61 -26.94 -16.43
C ILE A 212 4.45 -27.39 -15.55
N ASN A 213 4.58 -28.61 -15.02
CA ASN A 213 3.52 -29.28 -14.29
C ASN A 213 4.06 -29.72 -12.93
N GLU A 214 3.28 -30.49 -12.19
CA GLU A 214 3.66 -30.95 -10.87
C GLU A 214 4.98 -31.65 -10.88
N GLU A 215 5.12 -32.60 -11.80
CA GLU A 215 6.34 -33.37 -11.92
C GLU A 215 7.53 -32.49 -12.28
N ARG A 216 7.40 -31.64 -13.29
CA ARG A 216 8.53 -30.81 -13.69
C ARG A 216 8.93 -29.81 -12.56
N ILE A 217 7.94 -29.24 -11.87
CA ILE A 217 8.23 -28.31 -10.80
C ILE A 217 8.98 -29.04 -9.69
N SER A 218 8.61 -30.29 -9.41
CA SER A 218 9.29 -31.06 -8.37
C SER A 218 10.75 -31.31 -8.67
N LEU A 219 11.12 -31.30 -9.94
CA LEU A 219 12.53 -31.47 -10.31
C LEU A 219 13.37 -30.22 -10.10
N LYS A 221 15.18 -26.87 -8.42
CA LYS A 221 15.77 -26.56 -7.12
C LYS A 221 14.78 -25.88 -6.18
N ASP A 222 14.85 -26.27 -4.91
CA ASP A 222 14.18 -25.52 -3.86
C ASP A 222 14.80 -24.12 -3.90
N GLY A 223 13.93 -23.11 -4.03
CA GLY A 223 14.34 -21.73 -4.16
C GLY A 223 14.58 -21.25 -5.58
N VAL A 224 14.20 -22.04 -6.58
CA VAL A 224 14.34 -21.58 -7.96
C VAL A 224 13.51 -20.28 -8.15
N TYR A 225 13.90 -19.49 -9.15
CA TYR A 225 13.08 -18.39 -9.65
C TYR A 225 12.49 -18.82 -11.01
N LEU A 226 11.17 -18.62 -11.21
CA LEU A 226 10.49 -19.01 -12.45
C LEU A 226 9.81 -17.82 -13.09
N ILE A 227 10.09 -17.61 -14.35
CA ILE A 227 9.54 -16.51 -15.11
C ILE A 227 8.73 -17.07 -16.28
N ASN A 228 7.50 -16.55 -16.43
CA ASN A 228 6.70 -16.82 -17.63
C ASN A 228 6.26 -15.58 -18.36
N THR A 229 6.80 -15.41 -19.57
CA THR A 229 6.34 -14.38 -20.49
C THR A 229 5.88 -15.01 -21.81
N ALA A 230 5.63 -16.32 -21.82
CA ALA A 230 5.27 -17.02 -23.08
C ALA A 230 3.74 -17.03 -23.22
N ARG A 231 3.12 -18.07 -22.69
CA ARG A 231 1.69 -18.18 -22.62
C ARG A 231 1.32 -18.85 -21.31
N GLY A 232 0.18 -18.43 -20.77
CA GLY A 232 -0.27 -18.93 -19.50
C GLY A 232 -0.41 -20.43 -19.44
N LYS A 233 -0.93 -21.02 -20.52
CA LYS A 233 -1.24 -22.45 -20.49
C LYS A 233 -0.04 -23.36 -20.64
N VAL A 234 1.16 -22.79 -20.81
CA VAL A 234 2.42 -23.55 -20.71
C VAL A 234 2.68 -24.01 -19.31
N VAL A 235 2.01 -23.34 -18.35
CA VAL A 235 2.20 -23.64 -16.95
C VAL A 235 0.87 -24.12 -16.33
N ASP A 236 0.93 -25.23 -15.61
CA ASP A 236 -0.21 -25.69 -14.82
C ASP A 236 -0.29 -24.80 -13.58
N THR A 237 -1.12 -23.75 -13.67
CA THR A 237 -1.31 -22.79 -12.60
C THR A 237 -1.66 -23.40 -11.25
N ASP A 238 -2.44 -24.47 -11.23
CA ASP A 238 -2.79 -25.14 -9.98
C ASP A 238 -1.56 -25.74 -9.34
N ALA A 239 -0.75 -26.44 -10.12
CA ALA A 239 0.53 -26.99 -9.62
C ALA A 239 1.48 -25.84 -9.13
N LEU A 240 1.48 -24.73 -9.86
CA LEU A 240 2.33 -23.57 -9.53
C LEU A 240 1.96 -23.01 -8.16
N TYR A 241 0.68 -22.76 -8.00
CA TYR A 241 0.12 -22.27 -6.75
C TYR A 241 0.42 -23.21 -5.58
N ARG A 242 0.18 -24.50 -5.74
CA ARG A 242 0.45 -25.45 -4.65
C ARG A 242 1.92 -25.43 -4.28
N ALA A 243 2.81 -25.33 -5.27
CA ALA A 243 4.25 -25.34 -4.99
C ALA A 243 4.67 -24.04 -4.27
N TYR A 244 4.13 -22.91 -4.73
CA TYR A 244 4.39 -21.63 -4.10
C TYR A 244 4.01 -21.70 -2.63
N GLN A 245 2.80 -22.19 -2.35
CA GLN A 245 2.35 -22.30 -0.96
C GLN A 245 3.28 -23.18 -0.11
N ARG A 246 4.01 -24.11 -0.71
CA ARG A 246 4.93 -24.96 0.05
C ARG A 246 6.32 -24.30 0.16
N GLY A 247 6.45 -23.08 -0.35
CA GLY A 247 7.74 -22.41 -0.31
C GLY A 247 8.77 -22.83 -1.34
N LYS A 248 8.33 -23.37 -2.48
CA LYS A 248 9.27 -23.92 -3.49
C LYS A 248 10.11 -22.83 -4.18
N PHE A 249 9.58 -21.60 -4.24
CA PHE A 249 10.18 -20.58 -5.08
C PHE A 249 10.83 -19.44 -4.28
N SER A 250 12.03 -19.00 -4.73
CA SER A 250 12.55 -17.71 -4.30
C SER A 250 11.73 -16.60 -4.89
N GLY A 251 11.21 -16.79 -6.09
CA GLY A 251 10.34 -15.81 -6.69
C GLY A 251 9.64 -16.25 -7.97
N LEU A 252 8.56 -15.57 -8.31
CA LEU A 252 7.82 -15.84 -9.53
C LEU A 252 7.63 -14.53 -10.28
N GLY A 253 7.84 -14.55 -11.58
CA GLY A 253 7.53 -13.44 -12.47
C GLY A 253 6.63 -13.94 -13.58
N LEU A 254 5.39 -13.48 -13.59
CA LEU A 254 4.41 -13.92 -14.58
C LEU A 254 3.77 -12.73 -15.29
N ASP A 255 4.00 -12.65 -16.59
CA ASP A 255 3.32 -11.70 -17.45
C ASP A 255 2.12 -12.29 -18.19
N VAL A 256 1.98 -13.61 -18.11
CA VAL A 256 0.92 -14.36 -18.77
C VAL A 256 0.54 -15.43 -17.76
N PHE A 257 -0.73 -15.77 -17.74
CA PHE A 257 -1.21 -16.77 -16.87
C PHE A 257 -2.59 -17.25 -17.37
N GLU A 258 -2.98 -18.44 -16.99
CA GLU A 258 -4.27 -19.00 -17.37
C GLU A 258 -5.43 -18.15 -16.88
N ASP A 259 -6.44 -18.01 -17.74
CA ASP A 259 -7.65 -17.19 -17.48
C ASP A 259 -7.44 -15.68 -17.33
N GLU A 260 -6.26 -15.23 -17.77
CA GLU A 260 -5.86 -13.81 -17.69
C GLU A 260 -6.87 -12.90 -18.32
N GLU A 261 -7.50 -13.36 -19.40
CA GLU A 261 -8.41 -12.52 -20.17
C GLU A 261 -9.58 -12.05 -19.29
N ILE A 262 -9.95 -12.86 -18.29
CA ILE A 262 -11.04 -12.47 -17.40
C ILE A 262 -10.69 -11.20 -16.61
N LEU A 263 -9.44 -11.10 -16.15
CA LEU A 263 -8.98 -9.91 -15.43
C LEU A 263 -8.68 -8.77 -16.37
N ILE A 264 -8.03 -9.07 -17.49
CA ILE A 264 -7.50 -8.04 -18.34
C ILE A 264 -8.66 -7.34 -19.04
N LEU A 265 -9.68 -8.10 -19.44
CA LEU A 265 -10.89 -7.53 -20.06
C LEU A 265 -12.10 -7.40 -19.10
N LYS A 266 -11.88 -7.60 -17.81
CA LYS A 266 -12.95 -7.45 -16.81
C LYS A 266 -14.23 -8.19 -17.21
N LYS A 267 -14.06 -9.42 -17.68
CA LYS A 267 -15.18 -10.26 -18.07
C LYS A 267 -16.02 -10.63 -16.86
N TYR A 268 -15.48 -10.44 -15.65
CA TYR A 268 -16.31 -10.63 -14.46
C TYR A 268 -17.49 -9.66 -14.43
N THR A 269 -17.48 -8.59 -15.21
CA THR A 269 -18.66 -7.74 -15.29
C THR A 269 -19.83 -8.42 -16.04
N GLU A 270 -19.57 -9.54 -16.72
CA GLU A 270 -20.55 -10.28 -17.49
C GLU A 270 -20.57 -11.71 -16.97
N GLY A 271 -20.20 -11.91 -15.71
CA GLY A 271 -20.43 -13.21 -15.08
C GLY A 271 -19.29 -14.21 -15.03
N LYS A 272 -18.12 -13.90 -15.59
CA LYS A 272 -17.07 -14.91 -15.62
C LYS A 272 -16.08 -14.79 -14.45
N ALA A 273 -15.56 -15.94 -14.00
CA ALA A 273 -14.51 -15.98 -12.99
C ALA A 273 -14.04 -17.39 -12.84
N THR A 274 -12.78 -17.58 -12.51
CA THR A 274 -12.29 -18.91 -12.15
C THR A 274 -11.41 -18.89 -10.95
N ASP A 275 -11.23 -20.06 -10.37
CA ASP A 275 -10.35 -20.19 -9.26
C ASP A 275 -8.92 -19.69 -9.60
N LYS A 276 -8.50 -19.81 -10.87
CA LYS A 276 -7.17 -19.37 -11.27
C LYS A 276 -6.99 -17.83 -11.25
N ASN A 277 -8.09 -17.10 -11.46
CA ASN A 277 -8.10 -15.65 -11.25
C ASN A 277 -7.83 -15.29 -9.81
N LEU A 278 -8.48 -16.00 -8.89
CA LEU A 278 -8.26 -15.71 -7.47
C LEU A 278 -6.87 -16.13 -7.04
N LYS A 279 -6.38 -17.24 -7.60
CA LYS A 279 -5.04 -17.73 -7.25
C LYS A 279 -4.00 -16.68 -7.66
N ILE A 280 -4.13 -16.16 -8.86
CA ILE A 280 -3.23 -15.15 -9.36
C ILE A 280 -3.30 -13.84 -8.55
N LEU A 281 -4.50 -13.41 -8.18
CA LEU A 281 -4.63 -12.17 -7.43
C LEU A 281 -3.96 -12.33 -6.05
N GLU A 282 -4.10 -13.50 -5.45
CA GLU A 282 -3.41 -13.76 -4.19
C GLU A 282 -1.86 -13.74 -4.32
N LEU A 283 -1.35 -14.38 -5.36
CA LEU A 283 0.08 -14.40 -5.63
C LEU A 283 0.58 -13.01 -5.88
N ALA A 284 -0.20 -12.21 -6.58
CA ALA A 284 0.20 -10.88 -6.96
C ALA A 284 0.56 -9.97 -5.77
N CYS A 285 -0.03 -10.25 -4.61
CA CYS A 285 0.19 -9.50 -3.37
CA CYS A 285 0.28 -9.42 -3.44
C CYS A 285 1.48 -9.92 -2.64
N LYS A 286 2.07 -11.05 -3.02
CA LYS A 286 3.27 -11.52 -2.30
C LYS A 286 4.48 -10.65 -2.60
N ASP A 287 5.40 -10.52 -1.64
CA ASP A 287 6.56 -9.64 -1.88
C ASP A 287 7.68 -10.23 -2.78
N ASN A 288 7.62 -11.53 -3.10
CA ASN A 288 8.56 -12.18 -4.02
C ASN A 288 7.87 -12.65 -5.34
N VAL A 289 6.81 -11.97 -5.74
CA VAL A 289 6.06 -12.29 -6.94
C VAL A 289 5.76 -11.02 -7.69
N ILE A 290 6.00 -11.01 -8.98
CA ILE A 290 5.55 -9.90 -9.80
CA ILE A 290 5.57 -9.90 -9.82
C ILE A 290 4.62 -10.45 -10.89
N ILE A 291 3.40 -9.93 -10.92
CA ILE A 291 2.41 -10.24 -11.93
C ILE A 291 2.22 -8.95 -12.76
N THR A 292 2.35 -9.04 -14.08
CA THR A 292 2.07 -7.92 -14.97
C THR A 292 1.03 -8.38 -16.01
N PRO A 293 0.18 -7.46 -16.50
CA PRO A 293 -1.00 -7.92 -17.24
C PRO A 293 -0.71 -8.12 -18.73
N HIS A 294 0.12 -9.12 -19.06
CA HIS A 294 0.46 -9.38 -20.45
C HIS A 294 0.88 -8.09 -21.14
N ILE A 295 1.88 -7.41 -20.59
CA ILE A 295 2.36 -6.17 -21.25
C ILE A 295 3.85 -6.22 -21.54
N ALA A 296 4.44 -7.41 -21.59
CA ALA A 296 5.89 -7.48 -21.88
C ALA A 296 6.22 -6.89 -23.23
N TYR A 297 5.29 -7.01 -24.17
CA TYR A 297 5.44 -6.49 -25.53
C TYR A 297 5.16 -5.02 -25.62
N TYR A 298 4.54 -4.46 -24.59
CA TYR A 298 3.83 -3.20 -24.71
C TYR A 298 4.79 -2.00 -24.57
N THR A 299 5.53 -1.76 -25.63
CA THR A 299 6.43 -0.63 -25.72
C THR A 299 6.04 0.23 -26.92
N ASP A 300 6.57 1.46 -26.93
CA ASP A 300 6.28 2.39 -28.00
C ASP A 300 6.81 1.85 -29.33
N LYS A 301 7.98 1.23 -29.31
CA LYS A 301 8.55 0.65 -30.51
C LYS A 301 7.65 -0.50 -31.02
N SER A 302 7.22 -1.40 -30.14
CA SER A 302 6.36 -2.49 -30.56
C SER A 302 5.10 -1.99 -31.25
N LEU A 303 4.45 -0.98 -30.66
CA LEU A 303 3.15 -0.54 -31.15
C LEU A 303 3.27 0.14 -32.50
N GLU A 304 4.37 0.87 -32.70
CA GLU A 304 4.67 1.48 -33.98
C GLU A 304 4.94 0.41 -35.04
N ARG A 305 5.67 -0.65 -34.69
CA ARG A 305 5.94 -1.70 -35.65
C ARG A 305 4.68 -2.56 -35.96
N ILE A 306 3.84 -2.79 -34.96
CA ILE A 306 2.66 -3.56 -35.16
C ILE A 306 1.72 -2.86 -36.14
N ARG A 307 1.58 -1.55 -35.98
CA ARG A 307 0.87 -0.73 -36.96
C ARG A 307 1.42 -0.87 -38.37
N GLU A 308 2.72 -0.65 -38.51
CA GLU A 308 3.40 -0.65 -39.80
C GLU A 308 3.22 -1.96 -40.50
N GLU A 309 3.51 -3.06 -39.81
CA GLU A 309 3.40 -4.38 -40.40
C GLU A 309 1.94 -4.70 -40.73
N THR A 310 1.02 -4.26 -39.90
CA THR A 310 -0.37 -4.56 -40.12
C THR A 310 -0.86 -3.90 -41.40
N VAL A 311 -0.52 -2.62 -41.57
CA VAL A 311 -0.85 -1.91 -42.80
C VAL A 311 -0.19 -2.57 -44.03
N LYS A 312 1.08 -2.94 -43.95
CA LYS A 312 1.75 -3.66 -45.06
C LYS A 312 1.05 -4.98 -45.49
N VAL A 313 0.66 -5.81 -44.53
CA VAL A 313 0.01 -7.07 -44.82
C VAL A 313 -1.35 -6.83 -45.51
N VAL A 314 -2.11 -5.87 -45.01
CA VAL A 314 -3.43 -5.58 -45.56
C VAL A 314 -3.35 -5.06 -47.01
N LYS A 315 -2.43 -4.13 -47.26
CA LYS A 315 -2.28 -3.56 -48.61
C LYS A 315 -1.74 -4.62 -49.55
N ALA A 316 -0.72 -5.35 -49.11
CA ALA A 316 -0.20 -6.45 -49.90
C ALA A 316 -1.32 -7.38 -50.36
N PHE A 317 -2.27 -7.68 -49.49
CA PHE A 317 -3.29 -8.68 -49.80
C PHE A 317 -4.39 -8.16 -50.74
N VAL A 318 -4.78 -6.90 -50.59
CA VAL A 318 -5.76 -6.31 -51.50
C VAL A 318 -5.20 -6.25 -52.93
N LYS A 319 -3.91 -5.96 -53.10
CA LYS A 319 -3.25 -5.97 -54.42
C LYS A 319 -2.92 -7.37 -54.94
N GLY A 320 -3.02 -8.39 -54.10
CA GLY A 320 -2.61 -9.74 -54.49
C GLY A 320 -1.10 -10.03 -54.46
N ASP A 321 -0.30 -9.10 -53.92
CA ASP A 321 1.16 -9.27 -53.89
C ASP A 321 1.60 -10.08 -52.68
N LEU A 322 1.39 -11.39 -52.74
CA LEU A 322 1.68 -12.25 -51.60
C LEU A 322 3.19 -12.45 -51.35
N GLU A 323 4.03 -12.23 -52.38
CA GLU A 323 5.47 -12.38 -52.25
C GLU A 323 6.00 -11.36 -51.27
N GLN A 324 5.36 -10.20 -51.28
CA GLN A 324 5.71 -9.15 -50.36
C GLN A 324 5.57 -9.52 -48.88
N ILE A 325 4.73 -10.49 -48.54
CA ILE A 325 4.43 -10.78 -47.13
C ILE A 325 4.66 -12.23 -46.76
N LYS A 326 5.53 -12.87 -47.51
CA LYS A 326 5.72 -14.31 -47.35
C LYS A 326 6.26 -14.71 -45.96
N GLY A 327 7.05 -13.82 -45.35
CA GLY A 327 7.52 -14.05 -43.97
C GLY A 327 6.46 -13.85 -42.88
N ASN A 328 5.28 -13.35 -43.27
CA ASN A 328 4.17 -13.17 -42.33
C ASN A 328 3.21 -14.36 -42.25
N PHE A 329 3.34 -15.33 -43.15
CA PHE A 329 2.32 -16.40 -43.20
C PHE A 329 2.50 -17.43 -42.08
N VAL A 330 1.39 -17.81 -41.46
CA VAL A 330 1.33 -18.98 -40.61
C VAL A 330 0.75 -20.12 -41.41
N VAL A 331 -0.38 -19.83 -42.08
CA VAL A 331 -1.03 -20.74 -43.02
C VAL A 331 -0.95 -20.01 -44.36
N GLY A 332 -0.01 -20.42 -45.23
CA GLY A 332 0.22 -19.76 -46.51
C GLY A 332 -0.42 -20.51 -47.68
N PRO A 333 -0.27 -19.98 -48.91
CA PRO A 333 -0.76 -20.69 -50.10
C PRO A 333 -0.02 -22.04 -50.30
N SER A 334 -0.68 -23.10 -50.76
CA SER A 334 -2.06 -23.07 -51.25
C SER A 334 -3.03 -23.21 -50.09
N ASN B 2 45.89 -4.47 19.82
CA ASN B 2 44.53 -4.13 20.25
C ASN B 2 43.70 -3.77 19.01
N VAL B 3 42.74 -4.62 18.69
CA VAL B 3 41.94 -4.43 17.50
C VAL B 3 40.49 -4.05 17.88
N LEU B 4 40.00 -2.99 17.27
CA LEU B 4 38.66 -2.48 17.48
C LEU B 4 37.85 -2.54 16.17
N PHE B 5 36.71 -3.22 16.20
CA PHE B 5 35.71 -3.23 15.08
C PHE B 5 34.49 -2.47 15.50
N THR B 6 34.03 -1.54 14.66
CA THR B 6 32.73 -0.90 14.89
C THR B 6 31.75 -1.15 13.73
N SER B 7 30.49 -0.84 13.99
CA SER B 7 29.40 -1.00 13.03
C SER B 7 29.34 -2.40 12.43
N VAL B 8 29.52 -3.42 13.25
CA VAL B 8 29.51 -4.78 12.77
C VAL B 8 28.10 -5.34 13.01
N PRO B 9 27.40 -5.75 11.96
CA PRO B 9 26.14 -6.46 12.21
C PRO B 9 26.31 -7.61 13.21
N GLN B 10 25.34 -7.79 14.09
CA GLN B 10 25.39 -8.90 15.04
C GLN B 10 25.65 -10.26 14.35
N GLU B 11 25.08 -10.48 13.19
CA GLU B 11 25.26 -11.76 12.48
C GLU B 11 26.73 -12.02 12.07
N ASP B 12 27.55 -10.97 11.96
CA ASP B 12 28.98 -11.10 11.65
C ASP B 12 29.91 -11.22 12.86
N VAL B 13 29.39 -11.08 14.05
CA VAL B 13 30.22 -11.05 15.24
C VAL B 13 30.91 -12.40 15.46
N PRO B 14 30.15 -13.49 15.32
CA PRO B 14 30.77 -14.81 15.51
C PRO B 14 31.92 -15.05 14.54
N PHE B 15 31.74 -14.64 13.29
CA PHE B 15 32.76 -14.84 12.30
C PHE B 15 34.09 -14.15 12.65
N TYR B 16 34.02 -12.85 12.96
CA TYR B 16 35.21 -12.09 13.31
C TYR B 16 35.82 -12.56 14.63
N GLN B 17 34.98 -12.89 15.61
CA GLN B 17 35.50 -13.44 16.89
C GLN B 17 36.31 -14.71 16.70
N GLU B 18 35.87 -15.63 15.84
CA GLU B 18 36.64 -16.84 15.58
C GLU B 18 37.86 -16.61 14.70
N ALA B 19 37.72 -15.78 13.67
CA ALA B 19 38.80 -15.57 12.71
C ALA B 19 39.98 -14.82 13.32
N LEU B 20 39.68 -13.91 14.26
CA LEU B 20 40.67 -13.07 14.90
C LEU B 20 40.81 -13.41 16.42
N LYS B 21 40.53 -14.67 16.79
CA LYS B 21 40.46 -15.04 18.21
C LYS B 21 41.77 -14.91 18.99
N ASP B 22 42.91 -14.92 18.33
CA ASP B 22 44.20 -14.81 19.00
C ASP B 22 44.74 -13.36 19.07
N LEU B 23 43.88 -12.38 18.77
CA LEU B 23 44.20 -10.96 18.89
C LEU B 23 43.46 -10.41 20.07
N SER B 24 43.82 -9.23 20.53
CA SER B 24 43.01 -8.56 21.53
C SER B 24 41.92 -7.75 20.83
N LEU B 25 40.73 -8.33 20.74
CA LEU B 25 39.70 -7.87 19.83
C LEU B 25 38.49 -7.36 20.60
N LYS B 26 38.04 -6.15 20.27
CA LYS B 26 36.78 -5.62 20.80
C LYS B 26 35.84 -5.27 19.62
N ILE B 27 34.61 -5.80 19.67
CA ILE B 27 33.64 -5.62 18.59
C ILE B 27 32.40 -4.86 19.04
N TYR B 28 32.07 -3.81 18.31
CA TYR B 28 30.85 -3.05 18.53
C TYR B 28 29.93 -3.13 17.30
N THR B 29 28.63 -3.31 17.56
CA THR B 29 27.61 -3.32 16.52
C THR B 29 27.11 -1.91 16.28
N THR B 30 27.27 -1.08 17.29
CA THR B 30 27.05 0.36 17.18
C THR B 30 28.24 1.06 16.48
N ASP B 31 28.06 2.31 16.10
CA ASP B 31 29.09 3.04 15.38
C ASP B 31 30.13 3.68 16.30
N VAL B 32 31.23 4.11 15.68
CA VAL B 32 32.36 4.63 16.40
C VAL B 32 32.05 5.81 17.35
N SER B 33 31.05 6.63 17.06
CA SER B 33 30.72 7.76 17.96
C SER B 33 30.23 7.25 19.32
N LYS B 34 29.72 6.02 19.37
CA LYS B 34 29.19 5.43 20.58
C LYS B 34 30.21 4.62 21.36
N VAL B 35 31.47 4.58 20.94
CA VAL B 35 32.44 3.74 21.66
C VAL B 35 33.02 4.52 22.85
N PRO B 36 33.05 3.90 24.05
CA PRO B 36 33.64 4.56 25.23
C PRO B 36 35.09 5.03 24.98
N GLU B 37 35.42 6.20 25.52
CA GLU B 37 36.76 6.76 25.39
C GLU B 37 37.86 5.80 25.86
N ASN B 38 37.61 5.02 26.90
CA ASN B 38 38.62 4.08 27.37
C ASN B 38 38.95 3.03 26.31
N GLU B 39 37.98 2.67 25.47
CA GLU B 39 38.26 1.70 24.39
C GLU B 39 38.94 2.38 23.21
N LEU B 40 38.49 3.58 22.87
CA LEU B 40 39.12 4.35 21.79
C LEU B 40 40.63 4.58 22.00
N LYS B 41 41.01 4.88 23.25
CA LYS B 41 42.38 5.16 23.65
C LYS B 41 43.33 3.99 23.45
N LYS B 42 42.82 2.76 23.55
CA LYS B 42 43.66 1.55 23.55
C LYS B 42 43.89 0.99 22.14
N ALA B 43 43.07 1.43 21.21
CA ALA B 43 42.97 0.78 19.90
C ALA B 43 44.12 1.11 18.99
N GLU B 44 44.71 0.09 18.40
CA GLU B 44 45.81 0.26 17.47
C GLU B 44 45.37 0.04 16.01
N LEU B 45 44.30 -0.72 15.82
CA LEU B 45 43.74 -0.90 14.49
C LEU B 45 42.25 -0.84 14.65
N ILE B 46 41.62 0.06 13.89
CA ILE B 46 40.15 0.11 13.84
C ILE B 46 39.66 -0.35 12.45
N SER B 47 38.58 -1.13 12.44
CA SER B 47 37.83 -1.47 11.24
C SER B 47 36.39 -0.95 11.33
N VAL B 48 36.05 -0.10 10.36
CA VAL B 48 34.80 0.64 10.31
C VAL B 48 34.04 0.37 9.01
N PHE B 49 32.81 0.87 8.95
CA PHE B 49 32.11 0.90 7.68
C PHE B 49 31.80 2.35 7.41
N VAL B 50 30.97 2.62 6.41
CA VAL B 50 30.88 3.95 5.83
C VAL B 50 30.08 4.99 6.63
N TYR B 51 29.39 4.56 7.68
CA TYR B 51 28.66 5.47 8.59
C TYR B 51 29.47 5.85 9.82
N ASP B 52 30.65 5.23 10.00
CA ASP B 52 31.58 5.62 11.05
C ASP B 52 32.34 6.85 10.54
N LYS B 53 32.02 8.00 11.08
CA LYS B 53 32.60 9.26 10.63
C LYS B 53 33.95 9.48 11.36
N LEU B 54 35.07 9.30 10.67
CA LEU B 54 36.40 9.42 11.31
C LEU B 54 36.96 10.80 11.01
N THR B 55 36.44 11.79 11.74
CA THR B 55 36.87 13.17 11.62
C THR B 55 38.15 13.40 12.44
N GLU B 56 38.82 14.52 12.20
CA GLU B 56 39.92 14.95 13.12
C GLU B 56 39.55 14.81 14.60
N GLU B 57 38.42 15.39 14.99
CA GLU B 57 38.00 15.36 16.40
C GLU B 57 37.86 13.93 16.97
N LEU B 58 37.31 13.00 16.19
CA LEU B 58 37.20 11.64 16.65
C LEU B 58 38.58 10.98 16.67
N LEU B 59 39.34 11.15 15.61
CA LEU B 59 40.66 10.51 15.53
C LEU B 59 41.62 10.96 16.62
N SER B 60 41.45 12.21 17.10
CA SER B 60 42.26 12.74 18.21
C SER B 60 42.19 11.95 19.47
N LYS B 61 41.11 11.21 19.65
CA LYS B 61 40.92 10.43 20.85
C LYS B 61 41.47 9.01 20.78
N PRO B 63 45.03 7.90 20.44
CA PRO B 63 46.46 8.20 20.34
C PRO B 63 47.35 7.00 19.99
N ARG B 64 46.85 5.77 20.12
CA ARG B 64 47.62 4.59 19.73
C ARG B 64 47.31 4.01 18.34
N LEU B 65 46.51 4.72 17.56
CA LEU B 65 46.03 4.16 16.30
C LEU B 65 47.10 4.16 15.21
N LYS B 66 47.30 3.00 14.63
CA LYS B 66 48.27 2.76 13.55
C LYS B 66 47.61 2.52 12.16
N LEU B 67 46.44 1.89 12.14
CA LEU B 67 45.75 1.60 10.88
C LEU B 67 44.21 1.67 10.98
N ILE B 68 43.60 2.34 10.01
CA ILE B 68 42.15 2.35 9.81
C ILE B 68 41.86 1.46 8.57
N HIS B 69 41.04 0.46 8.77
CA HIS B 69 40.49 -0.35 7.69
C HIS B 69 38.97 -0.11 7.54
N THR B 70 38.54 0.32 6.37
CA THR B 70 37.13 0.47 6.11
C THR B 70 36.68 -0.69 5.22
N ARG B 71 35.60 -1.32 5.63
CA ARG B 71 35.09 -2.51 4.99
C ARG B 71 34.27 -2.10 3.77
N SER B 72 34.92 -1.43 2.81
CA SER B 72 34.20 -0.68 1.80
C SER B 72 35.12 -0.19 0.70
N VAL B 73 34.52 0.14 -0.44
CA VAL B 73 35.24 0.76 -1.52
C VAL B 73 35.47 2.23 -1.19
N GLY B 74 34.45 2.85 -0.65
CA GLY B 74 34.48 4.30 -0.41
C GLY B 74 35.25 4.60 0.87
N PHE B 75 35.94 5.75 0.86
CA PHE B 75 36.71 6.23 2.02
C PHE B 75 36.53 7.73 2.30
N ASP B 76 35.51 8.34 1.71
CA ASP B 76 35.21 9.75 1.93
C ASP B 76 34.77 10.05 3.41
N HIS B 77 34.44 8.99 4.18
CA HIS B 77 34.09 9.15 5.59
C HIS B 77 35.33 9.30 6.51
N ILE B 78 36.52 9.22 5.92
CA ILE B 78 37.77 9.19 6.69
C ILE B 78 38.56 10.45 6.37
N ASP B 79 39.01 11.19 7.41
CA ASP B 79 39.85 12.38 7.20
C ASP B 79 41.28 11.94 6.86
N LEU B 80 41.58 11.83 5.57
CA LEU B 80 42.86 11.32 5.12
C LEU B 80 44.05 12.26 5.39
N ASP B 81 43.84 13.57 5.27
CA ASP B 81 44.87 14.59 5.53
C ASP B 81 45.39 14.48 6.98
N TYR B 82 44.45 14.32 7.91
CA TYR B 82 44.76 14.05 9.29
C TYR B 82 45.54 12.76 9.46
N CYS B 83 45.11 11.70 8.78
CA CYS B 83 45.82 10.44 8.77
C CYS B 83 47.27 10.56 8.26
N LYS B 84 47.43 11.29 7.14
CA LYS B 84 48.75 11.51 6.54
C LYS B 84 49.68 12.32 7.49
N LYS B 85 49.13 13.40 8.04
CA LYS B 85 49.81 14.21 9.05
C LYS B 85 50.34 13.36 10.21
N LYS B 86 49.53 12.41 10.66
CA LYS B 86 49.77 11.66 11.88
C LYS B 86 50.48 10.34 11.63
N GLY B 87 50.58 9.92 10.38
CA GLY B 87 51.17 8.64 10.05
C GLY B 87 50.26 7.44 10.26
N ILE B 88 48.95 7.67 10.23
CA ILE B 88 47.96 6.58 10.33
C ILE B 88 47.76 5.96 8.94
N LEU B 89 47.88 4.65 8.86
CA LEU B 89 47.67 3.96 7.59
C LEU B 89 46.17 3.77 7.40
N VAL B 90 45.72 3.83 6.15
CA VAL B 90 44.29 3.65 5.80
C VAL B 90 44.17 2.64 4.67
N THR B 91 43.46 1.55 4.95
CA THR B 91 43.09 0.62 3.91
C THR B 91 41.58 0.57 3.64
N HIS B 92 41.26 -0.02 2.49
CA HIS B 92 39.88 -0.26 2.10
C HIS B 92 39.81 -1.53 1.31
N ILE B 93 38.64 -1.81 0.72
CA ILE B 93 38.44 -3.01 -0.08
C ILE B 93 37.95 -2.56 -1.45
N PRO B 94 38.88 -2.44 -2.41
CA PRO B 94 38.53 -1.83 -3.68
C PRO B 94 37.58 -2.63 -4.59
N ALA B 95 37.47 -3.94 -4.39
CA ALA B 95 36.85 -4.78 -5.43
C ALA B 95 36.25 -6.03 -4.90
N TYR B 96 35.56 -6.00 -3.76
CA TYR B 96 34.87 -7.21 -3.25
C TYR B 96 33.82 -7.69 -4.27
N SER B 97 33.11 -6.75 -4.92
CA SER B 97 32.11 -7.09 -5.93
C SER B 97 31.55 -5.86 -6.63
N PRO B 98 32.26 -5.36 -7.62
CA PRO B 98 31.74 -4.31 -8.46
C PRO B 98 30.45 -4.69 -9.19
N GLU B 99 30.29 -6.00 -9.45
CA GLU B 99 29.12 -6.53 -10.12
C GLU B 99 27.88 -6.29 -9.28
N SER B 100 28.01 -6.34 -7.96
CA SER B 100 26.80 -6.15 -7.08
C SER B 100 26.12 -4.86 -7.46
N VAL B 101 26.91 -3.79 -7.49
CA VAL B 101 26.38 -2.43 -7.71
C VAL B 101 25.97 -2.19 -9.15
N ALA B 102 26.77 -2.71 -10.11
CA ALA B 102 26.45 -2.59 -11.54
C ALA B 102 25.09 -3.29 -11.83
N GLU B 103 24.89 -4.47 -11.27
CA GLU B 103 23.63 -5.19 -11.38
C GLU B 103 22.48 -4.45 -10.75
N HIS B 104 22.70 -3.88 -9.57
CA HIS B 104 21.67 -3.11 -8.93
C HIS B 104 21.29 -1.89 -9.77
N THR B 105 22.27 -1.28 -10.40
CA THR B 105 22.05 -0.12 -11.21
C THR B 105 21.11 -0.45 -12.38
N PHE B 106 21.36 -1.62 -12.99
CA PHE B 106 20.53 -2.04 -14.08
C PHE B 106 19.17 -2.49 -13.65
N ALA B 107 19.06 -3.08 -12.46
CA ALA B 107 17.76 -3.41 -11.85
C ALA B 107 16.91 -2.18 -11.71
N ILE B 109 17.32 0.68 -13.43
CA ILE B 109 17.09 1.24 -14.76
C ILE B 109 15.90 0.50 -15.42
N LEU B 110 15.92 -0.82 -15.37
CA LEU B 110 14.84 -1.62 -15.99
C LEU B 110 13.49 -1.46 -15.25
N THR B 111 13.54 -1.43 -13.94
CA THR B 111 12.35 -1.12 -13.13
C THR B 111 11.67 0.16 -13.62
N LEU B 112 12.47 1.19 -13.81
CA LEU B 112 11.94 2.48 -14.20
C LEU B 112 11.47 2.50 -15.63
N VAL B 113 12.28 1.93 -16.52
CA VAL B 113 11.96 2.01 -17.94
C VAL B 113 10.74 1.15 -18.30
N LYS B 114 10.56 0.04 -17.60
CA LYS B 114 9.39 -0.82 -17.84
C LYS B 114 8.20 -0.47 -16.93
N ARG B 115 8.35 0.58 -16.13
CA ARG B 115 7.28 1.19 -15.33
C ARG B 115 6.61 0.23 -14.37
N LEU B 116 7.42 -0.64 -13.78
CA LEU B 116 6.92 -1.74 -12.98
C LEU B 116 6.20 -1.32 -11.67
N LYS B 117 6.66 -0.20 -11.09
CA LYS B 117 6.03 0.33 -9.87
C LYS B 117 4.59 0.80 -10.18
N ARG B 118 4.41 1.51 -11.29
CA ARG B 118 3.10 1.97 -11.72
CA ARG B 118 3.09 1.97 -11.71
C ARG B 118 2.19 0.75 -12.04
N ILE B 119 2.69 -0.19 -12.83
CA ILE B 119 1.96 -1.40 -13.12
C ILE B 119 1.53 -2.14 -11.81
N GLU B 120 2.44 -2.29 -10.87
CA GLU B 120 2.13 -2.96 -9.62
C GLU B 120 0.98 -2.27 -8.86
N ASP B 121 0.95 -0.94 -8.89
CA ASP B 121 -0.12 -0.14 -8.25
C ASP B 121 -1.48 -0.45 -8.90
N ARG B 122 -1.47 -0.56 -10.23
CA ARG B 122 -2.69 -0.88 -10.98
C ARG B 122 -3.16 -2.30 -10.69
N VAL B 123 -2.25 -3.26 -10.75
CA VAL B 123 -2.60 -4.64 -10.48
C VAL B 123 -3.24 -4.77 -9.08
N LYS B 124 -2.64 -4.14 -8.06
CA LYS B 124 -3.23 -4.07 -6.71
C LYS B 124 -4.70 -3.58 -6.66
N LYS B 125 -5.08 -2.68 -7.58
CA LYS B 125 -6.44 -2.14 -7.65
C LYS B 125 -7.36 -2.93 -8.59
N LEU B 126 -6.93 -4.15 -8.90
CA LEU B 126 -7.53 -4.96 -9.92
C LEU B 126 -7.61 -4.27 -11.28
N ASN B 127 -6.70 -3.40 -11.59
CA ASN B 127 -6.70 -2.76 -12.92
C ASN B 127 -5.66 -3.48 -13.79
N PHE B 128 -6.13 -4.43 -14.59
CA PHE B 128 -5.26 -5.20 -15.46
C PHE B 128 -5.33 -4.71 -16.90
N SER B 129 -5.83 -3.50 -17.12
CA SER B 129 -5.90 -2.95 -18.47
C SER B 129 -4.54 -2.39 -18.93
N GLN B 130 -4.47 -2.08 -20.23
CA GLN B 130 -3.31 -1.50 -20.88
C GLN B 130 -3.69 -0.13 -21.45
N ASP B 131 -2.85 0.87 -21.21
CA ASP B 131 -3.05 2.18 -21.82
C ASP B 131 -1.76 2.97 -21.71
N SER B 132 -1.77 4.20 -22.22
CA SER B 132 -0.54 4.94 -22.42
C SER B 132 0.20 5.28 -21.10
N GLU B 133 -0.50 5.31 -19.98
CA GLU B 133 0.14 5.53 -18.68
CA GLU B 133 0.16 5.53 -18.69
C GLU B 133 1.15 4.41 -18.36
N ILE B 134 1.02 3.24 -18.97
CA ILE B 134 2.02 2.22 -18.73
C ILE B 134 2.78 1.79 -19.98
N LEU B 135 2.67 2.55 -21.06
CA LEU B 135 3.46 2.24 -22.26
C LEU B 135 4.96 2.38 -21.98
N ALA B 136 5.69 1.28 -22.09
CA ALA B 136 7.13 1.25 -21.79
C ALA B 136 8.04 1.76 -22.95
N ARG B 137 9.30 2.03 -22.65
CA ARG B 137 10.31 2.24 -23.70
C ARG B 137 11.28 1.09 -23.77
N GLU B 138 12.08 1.04 -24.82
CA GLU B 138 13.10 -0.03 -24.92
C GLU B 138 14.50 0.49 -24.73
N LEU B 139 15.27 -0.22 -23.92
CA LEU B 139 16.68 0.14 -23.68
C LEU B 139 17.45 0.25 -24.98
N ASN B 140 17.18 -0.65 -25.93
CA ASN B 140 17.96 -0.66 -27.15
C ASN B 140 17.71 0.60 -28.01
N ARG B 141 16.72 1.41 -27.67
CA ARG B 141 16.48 2.66 -28.41
C ARG B 141 17.04 3.89 -27.68
N LEU B 142 17.80 3.68 -26.61
CA LEU B 142 18.18 4.76 -25.70
C LEU B 142 19.68 4.93 -25.61
N THR B 143 20.09 6.11 -25.18
CA THR B 143 21.50 6.39 -24.91
C THR B 143 21.72 6.43 -23.43
N LEU B 144 22.66 5.62 -22.97
CA LEU B 144 23.16 5.58 -21.61
C LEU B 144 24.39 6.48 -21.47
N GLY B 145 24.44 7.31 -20.45
CA GLY B 145 25.60 8.13 -20.14
C GLY B 145 26.11 7.68 -18.78
N VAL B 146 27.32 7.12 -18.76
CA VAL B 146 27.96 6.65 -17.56
C VAL B 146 28.98 7.71 -17.11
N ILE B 147 28.75 8.28 -15.93
CA ILE B 147 29.68 9.26 -15.34
C ILE B 147 30.54 8.55 -14.31
N GLY B 148 31.79 8.30 -14.72
CA GLY B 148 32.72 7.49 -13.96
C GLY B 148 32.74 6.10 -14.57
N THR B 149 33.87 5.71 -15.18
CA THR B 149 34.01 4.39 -15.76
C THR B 149 35.13 3.59 -15.08
N GLY B 150 35.03 3.47 -13.77
CA GLY B 150 35.95 2.62 -13.00
C GLY B 150 35.44 1.22 -12.89
N ARG B 151 35.76 0.53 -11.79
CA ARG B 151 35.33 -0.86 -11.66
C ARG B 151 33.83 -1.02 -11.83
N ILE B 152 33.03 -0.18 -11.18
CA ILE B 152 31.57 -0.26 -11.26
C ILE B 152 31.06 0.28 -12.56
N GLY B 153 31.45 1.50 -12.90
CA GLY B 153 30.90 2.16 -14.06
C GLY B 153 31.21 1.46 -15.38
N SER B 154 32.41 0.89 -15.47
CA SER B 154 32.80 0.17 -16.70
C SER B 154 31.90 -1.02 -16.93
N ARG B 155 31.56 -1.76 -15.85
CA ARG B 155 30.61 -2.87 -15.96
C ARG B 155 29.18 -2.40 -16.35
N VAL B 156 28.75 -1.27 -15.81
CA VAL B 156 27.47 -0.70 -16.18
C VAL B 156 27.48 -0.38 -17.68
N ALA B 157 28.57 0.18 -18.17
CA ALA B 157 28.66 0.52 -19.62
C ALA B 157 28.54 -0.76 -20.50
N TYR B 159 27.10 -3.65 -19.63
CA TYR B 159 25.69 -4.12 -19.61
C TYR B 159 24.88 -3.27 -20.57
N GLY B 160 25.09 -1.97 -20.58
CA GLY B 160 24.37 -1.08 -21.51
C GLY B 160 24.57 -1.52 -22.96
N LEU B 161 25.83 -1.75 -23.33
CA LEU B 161 26.16 -2.20 -24.70
C LEU B 161 25.47 -3.50 -25.03
N ALA B 162 25.43 -4.42 -24.08
CA ALA B 162 24.82 -5.72 -24.33
C ALA B 162 23.30 -5.63 -24.56
N PHE B 163 22.66 -4.58 -24.03
CA PHE B 163 21.26 -4.26 -24.30
C PHE B 163 21.05 -3.48 -25.59
N GLY B 164 22.10 -3.25 -26.37
CA GLY B 164 21.98 -2.53 -27.63
C GLY B 164 21.88 -1.04 -27.42
N LYS B 166 23.24 2.80 -27.08
CA LYS B 166 24.39 3.66 -27.34
C LYS B 166 24.94 4.06 -25.97
N VAL B 167 26.26 3.95 -25.74
CA VAL B 167 26.86 4.27 -24.44
C VAL B 167 27.87 5.42 -24.55
N LEU B 168 27.59 6.53 -23.86
CA LEU B 168 28.50 7.67 -23.70
C LEU B 168 29.13 7.63 -22.32
N CYS B 169 30.39 8.04 -22.25
CA CYS B 169 31.20 7.82 -21.07
C CYS B 169 31.89 9.13 -20.74
N TYR B 170 31.99 9.43 -19.44
CA TYR B 170 32.75 10.57 -18.92
C TYR B 170 33.63 10.14 -17.77
N ASP B 171 34.93 10.38 -17.90
CA ASP B 171 35.90 10.05 -16.85
C ASP B 171 37.18 10.83 -17.18
N VAL B 172 37.99 11.11 -16.16
CA VAL B 172 39.29 11.73 -16.41
C VAL B 172 40.27 10.75 -17.02
N VAL B 173 40.07 9.46 -16.77
CA VAL B 173 40.80 8.40 -17.47
C VAL B 173 39.90 7.79 -18.55
N LYS B 174 40.39 7.77 -19.78
CA LYS B 174 39.65 7.24 -20.92
C LYS B 174 40.14 5.84 -21.18
N ARG B 175 39.30 4.82 -20.96
CA ARG B 175 39.76 3.43 -21.10
C ARG B 175 39.68 2.94 -22.54
N GLU B 176 40.79 2.39 -23.03
CA GLU B 176 40.83 1.91 -24.41
C GLU B 176 39.97 0.64 -24.54
N ASP B 177 39.90 -0.15 -23.47
CA ASP B 177 39.08 -1.37 -23.49
C ASP B 177 37.58 -1.06 -23.71
N LEU B 178 37.08 0.02 -23.13
CA LEU B 178 35.71 0.46 -23.36
C LEU B 178 35.49 1.09 -24.74
N LYS B 179 36.44 1.91 -25.21
CA LYS B 179 36.36 2.48 -26.56
C LYS B 179 36.25 1.42 -27.63
N GLU B 180 36.99 0.35 -27.46
CA GLU B 180 37.07 -0.74 -28.42
C GLU B 180 35.79 -1.59 -28.41
N LYS B 181 35.01 -1.53 -27.32
CA LYS B 181 33.72 -2.21 -27.30
C LYS B 181 32.57 -1.35 -27.83
N GLY B 182 32.79 -0.05 -27.97
CA GLY B 182 31.78 0.79 -28.55
C GLY B 182 31.42 2.01 -27.72
N CYS B 183 31.87 2.11 -26.47
CA CYS B 183 31.61 3.30 -25.67
CA CYS B 183 31.57 3.32 -25.68
C CYS B 183 32.34 4.52 -26.25
N VAL B 184 31.66 5.65 -26.32
CA VAL B 184 32.23 6.89 -26.75
C VAL B 184 32.42 7.86 -25.59
N TYR B 185 33.68 8.21 -25.27
CA TYR B 185 33.99 9.20 -24.23
C TYR B 185 33.68 10.59 -24.75
N THR B 186 32.98 11.41 -23.96
CA THR B 186 32.55 12.75 -24.40
C THR B 186 32.83 13.74 -23.28
N SER B 187 32.59 15.02 -23.55
CA SER B 187 32.55 16.01 -22.50
C SER B 187 31.33 15.74 -21.61
N LEU B 188 31.36 16.29 -20.42
CA LEU B 188 30.26 16.21 -19.50
C LEU B 188 29.02 16.81 -20.10
N ASP B 189 29.13 18.01 -20.63
CA ASP B 189 27.96 18.65 -21.23
C ASP B 189 27.35 17.88 -22.38
N GLU B 190 28.15 17.23 -23.20
CA GLU B 190 27.59 16.44 -24.29
C GLU B 190 26.83 15.22 -23.74
N LEU B 191 27.41 14.55 -22.75
CA LEU B 191 26.79 13.37 -22.14
C LEU B 191 25.45 13.79 -21.54
N LEU B 192 25.44 14.90 -20.82
CA LEU B 192 24.23 15.42 -20.21
C LEU B 192 23.16 15.76 -21.22
N LYS B 193 23.55 16.32 -22.34
CA LYS B 193 22.59 16.74 -23.36
C LYS B 193 21.96 15.58 -24.16
N GLU B 194 22.73 14.52 -24.37
CA GLU B 194 22.37 13.46 -25.32
C GLU B 194 21.85 12.18 -24.67
N SER B 195 22.07 12.00 -23.37
CA SER B 195 21.72 10.75 -22.71
C SER B 195 20.25 10.69 -22.34
N ASP B 196 19.61 9.55 -22.55
CA ASP B 196 18.26 9.31 -22.03
C ASP B 196 18.24 8.76 -20.59
N VAL B 197 19.28 8.01 -20.23
CA VAL B 197 19.50 7.42 -18.88
C VAL B 197 20.92 7.83 -18.47
N ILE B 198 21.06 8.50 -17.34
CA ILE B 198 22.38 8.87 -16.82
C ILE B 198 22.59 8.14 -15.50
N SER B 199 23.76 7.53 -15.33
CA SER B 199 24.14 6.82 -14.10
C SER B 199 25.53 7.26 -13.56
N LEU B 200 25.56 7.54 -12.26
CA LEU B 200 26.73 8.09 -11.56
C LEU B 200 27.52 6.99 -10.85
N HIS B 201 28.84 6.94 -11.09
CA HIS B 201 29.75 5.95 -10.48
C HIS B 201 31.13 6.58 -10.17
N VAL B 202 31.09 7.79 -9.63
CA VAL B 202 32.29 8.48 -9.14
C VAL B 202 32.32 8.52 -7.64
N PRO B 203 33.53 8.52 -7.06
CA PRO B 203 33.70 8.73 -5.63
C PRO B 203 33.28 10.12 -5.18
N TYR B 204 32.97 10.27 -3.91
CA TYR B 204 32.73 11.59 -3.39
C TYR B 204 34.07 12.25 -3.08
N THR B 205 34.33 13.39 -3.72
CA THR B 205 35.50 14.21 -3.46
C THR B 205 35.07 15.68 -3.52
N LYS B 206 36.00 16.55 -3.14
CA LYS B 206 35.77 17.98 -3.28
C LYS B 206 35.44 18.31 -4.72
N GLU B 207 36.02 17.63 -5.71
CA GLU B 207 35.67 17.89 -7.11
C GLU B 207 34.30 17.36 -7.55
N THR B 208 33.78 16.30 -6.94
CA THR B 208 32.48 15.75 -7.40
C THR B 208 31.32 16.24 -6.57
N HIS B 209 31.63 17.04 -5.55
CA HIS B 209 30.62 17.64 -4.69
C HIS B 209 29.56 18.44 -5.45
N HIS B 210 28.29 18.02 -5.29
CA HIS B 210 27.16 18.59 -6.03
C HIS B 210 27.48 18.79 -7.51
N ILE B 212 26.16 17.20 -9.85
CA ILE B 212 24.84 17.24 -10.45
C ILE B 212 24.05 18.25 -9.67
N ASN B 213 23.97 19.44 -10.25
CA ASN B 213 23.49 20.59 -9.55
C ASN B 213 22.38 21.18 -10.42
N GLU B 214 21.87 22.33 -10.03
CA GLU B 214 20.77 22.93 -10.76
C GLU B 214 21.11 23.12 -12.24
N GLU B 215 22.27 23.68 -12.50
CA GLU B 215 22.72 23.86 -13.87
C GLU B 215 22.82 22.56 -14.66
N ARG B 216 23.56 21.57 -14.18
CA ARG B 216 23.73 20.35 -14.96
C ARG B 216 22.39 19.63 -15.18
N ILE B 217 21.50 19.62 -14.18
CA ILE B 217 20.16 19.04 -14.36
C ILE B 217 19.41 19.72 -15.47
N SER B 218 19.54 21.04 -15.61
CA SER B 218 18.78 21.76 -16.63
C SER B 218 19.35 21.47 -18.01
N LEU B 219 20.60 21.03 -18.12
CA LEU B 219 21.14 20.61 -19.39
C LEU B 219 20.61 19.23 -19.85
N LYS B 221 18.06 16.18 -21.00
CA LYS B 221 16.79 16.03 -21.69
C LYS B 221 15.66 15.99 -20.68
N ASP B 222 14.56 16.69 -20.98
CA ASP B 222 13.28 16.42 -20.32
C ASP B 222 12.94 14.97 -20.55
N GLY B 223 12.59 14.27 -19.48
CA GLY B 223 12.29 12.86 -19.59
C GLY B 223 13.45 11.93 -19.32
N VAL B 224 14.62 12.49 -18.99
CA VAL B 224 15.76 11.70 -18.59
C VAL B 224 15.43 10.84 -17.42
N TYR B 225 16.10 9.67 -17.33
CA TYR B 225 16.13 8.85 -16.10
C TYR B 225 17.51 9.06 -15.46
N LEU B 226 17.54 9.42 -14.18
CA LEU B 226 18.81 9.64 -13.46
C LEU B 226 18.96 8.58 -12.35
N ILE B 227 20.11 7.93 -12.30
CA ILE B 227 20.41 6.89 -11.34
C ILE B 227 21.62 7.33 -10.52
N ASN B 228 21.58 7.18 -9.19
CA ASN B 228 22.71 7.42 -8.30
C ASN B 228 22.96 6.26 -7.33
N THR B 229 24.01 5.51 -7.59
CA THR B 229 24.50 4.45 -6.68
C THR B 229 25.94 4.81 -6.21
N ALA B 230 26.34 6.06 -6.39
CA ALA B 230 27.71 6.47 -5.97
C ALA B 230 27.74 6.98 -4.53
N ARG B 231 27.63 8.29 -4.38
CA ARG B 231 27.44 8.94 -3.08
C ARG B 231 26.39 10.02 -3.20
N GLY B 232 25.61 10.23 -2.15
CA GLY B 232 24.57 11.22 -2.12
C GLY B 232 24.98 12.66 -2.39
N LYS B 233 26.14 13.06 -1.88
CA LYS B 233 26.59 14.43 -2.02
C LYS B 233 27.13 14.73 -3.40
N VAL B 234 27.26 13.72 -4.25
CA VAL B 234 27.53 13.97 -5.67
C VAL B 234 26.36 14.69 -6.35
N VAL B 235 25.15 14.57 -5.78
CA VAL B 235 23.98 15.27 -6.31
CA VAL B 235 23.94 15.24 -6.28
C VAL B 235 23.39 16.25 -5.28
N ASP B 236 23.03 17.45 -5.77
CA ASP B 236 22.35 18.46 -4.99
C ASP B 236 20.87 18.06 -4.90
N THR B 237 20.52 17.50 -3.74
CA THR B 237 19.20 16.96 -3.48
C THR B 237 18.14 18.06 -3.56
N ASP B 238 18.46 19.29 -3.16
CA ASP B 238 17.47 20.41 -3.28
C ASP B 238 17.13 20.69 -4.72
N ALA B 239 18.14 20.65 -5.58
CA ALA B 239 17.95 20.90 -7.00
C ALA B 239 17.24 19.70 -7.68
N LEU B 240 17.62 18.47 -7.32
CA LEU B 240 16.94 17.26 -7.79
C LEU B 240 15.43 17.28 -7.46
N TYR B 241 15.10 17.64 -6.22
CA TYR B 241 13.72 17.74 -5.76
C TYR B 241 12.91 18.79 -6.54
N ARG B 242 13.46 19.99 -6.68
CA ARG B 242 12.76 21.06 -7.43
C ARG B 242 12.53 20.65 -8.87
N ALA B 243 13.53 20.03 -9.47
CA ALA B 243 13.44 19.56 -10.84
C ALA B 243 12.39 18.46 -10.98
N TYR B 244 12.36 17.49 -10.07
CA TYR B 244 11.36 16.43 -10.07
C TYR B 244 9.93 17.03 -10.07
N GLN B 245 9.68 17.97 -9.17
CA GLN B 245 8.39 18.62 -9.04
C GLN B 245 7.99 19.40 -10.30
N ARG B 246 8.95 19.94 -11.06
CA ARG B 246 8.62 20.56 -12.36
C ARG B 246 8.47 19.50 -13.46
N GLY B 247 8.55 18.20 -13.13
CA GLY B 247 8.36 17.16 -14.14
C GLY B 247 9.54 16.91 -15.08
N LYS B 248 10.77 17.12 -14.59
CA LYS B 248 11.97 16.92 -15.40
C LYS B 248 12.24 15.45 -15.76
N PHE B 249 11.86 14.53 -14.89
CA PHE B 249 12.38 13.17 -14.96
C PHE B 249 11.32 12.17 -15.39
N SER B 250 11.69 11.19 -16.26
CA SER B 250 10.85 10.01 -16.44
C SER B 250 10.96 9.11 -15.24
N GLY B 251 12.12 9.14 -14.59
CA GLY B 251 12.29 8.36 -13.36
C GLY B 251 13.59 8.70 -12.64
N LEU B 252 13.65 8.34 -11.37
CA LEU B 252 14.82 8.49 -10.51
C LEU B 252 15.05 7.19 -9.82
N GLY B 253 16.30 6.75 -9.75
CA GLY B 253 16.71 5.60 -8.98
C GLY B 253 17.87 6.00 -8.08
N LEU B 254 17.60 6.06 -6.77
CA LEU B 254 18.58 6.50 -5.79
C LEU B 254 18.78 5.45 -4.72
N ASP B 255 20.00 4.90 -4.71
CA ASP B 255 20.46 4.02 -3.64
C ASP B 255 21.23 4.78 -2.58
N VAL B 256 21.57 6.02 -2.88
CA VAL B 256 22.37 6.86 -2.00
C VAL B 256 21.82 8.27 -2.15
N PHE B 257 21.87 9.00 -1.05
CA PHE B 257 21.30 10.34 -0.99
C PHE B 257 21.82 11.05 0.25
N GLU B 258 21.83 12.37 0.15
CA GLU B 258 22.27 13.21 1.25
C GLU B 258 21.44 12.95 2.50
N ASP B 259 22.16 12.83 3.61
CA ASP B 259 21.60 12.67 4.95
C ASP B 259 20.96 11.30 5.18
N GLU B 260 21.28 10.35 4.30
CA GLU B 260 20.75 9.00 4.35
C GLU B 260 20.94 8.33 5.67
N GLU B 261 22.06 8.63 6.33
CA GLU B 261 22.40 7.95 7.58
C GLU B 261 21.37 8.22 8.70
N ILE B 262 20.72 9.39 8.65
CA ILE B 262 19.65 9.70 9.62
C ILE B 262 18.51 8.66 9.52
N LEU B 263 18.10 8.35 8.29
CA LEU B 263 17.08 7.31 8.06
C LEU B 263 17.61 5.92 8.29
N ILE B 264 18.78 5.62 7.74
CA ILE B 264 19.29 4.26 7.75
C ILE B 264 19.63 3.78 9.16
N LEU B 265 20.22 4.65 9.97
CA LEU B 265 20.53 4.32 11.36
C LEU B 265 19.53 4.92 12.35
N LYS B 266 18.41 5.46 11.87
CA LYS B 266 17.37 5.99 12.75
C LYS B 266 17.87 6.97 13.81
N LYS B 267 18.66 7.94 13.35
CA LYS B 267 19.28 8.93 14.22
C LYS B 267 18.25 9.95 14.69
N TYR B 268 17.05 9.90 14.11
CA TYR B 268 15.97 10.74 14.60
C TYR B 268 15.51 10.33 15.99
N THR B 269 15.86 9.12 16.43
CA THR B 269 15.62 8.75 17.83
C THR B 269 16.58 9.46 18.79
N GLU B 270 17.56 10.20 18.26
CA GLU B 270 18.49 10.99 19.03
C GLU B 270 18.45 12.43 18.60
N GLY B 271 17.36 12.87 17.99
CA GLY B 271 17.14 14.27 17.77
C GLY B 271 17.53 14.80 16.40
N LYS B 272 18.03 13.94 15.50
CA LYS B 272 18.48 14.39 14.15
C LYS B 272 17.41 14.28 13.07
N ALA B 273 17.42 15.26 12.16
CA ALA B 273 16.52 15.28 11.04
C ALA B 273 16.90 16.44 10.12
N THR B 274 16.78 16.25 8.81
CA THR B 274 16.93 17.35 7.90
C THR B 274 15.82 17.37 6.87
N ASP B 275 15.74 18.49 6.17
CA ASP B 275 14.77 18.70 5.15
C ASP B 275 14.95 17.69 3.99
N LYS B 276 16.20 17.28 3.76
CA LYS B 276 16.49 16.34 2.71
C LYS B 276 15.96 14.95 3.08
N ASN B 277 15.85 14.66 4.37
CA ASN B 277 15.24 13.43 4.76
C ASN B 277 13.75 13.40 4.32
N LEU B 278 13.07 14.53 4.50
CA LEU B 278 11.65 14.63 4.19
C LEU B 278 11.40 14.66 2.67
N LYS B 279 12.25 15.35 1.94
CA LYS B 279 12.22 15.35 0.48
C LYS B 279 12.43 13.97 -0.11
N ILE B 280 13.37 13.21 0.41
CA ILE B 280 13.62 11.87 -0.10
C ILE B 280 12.41 10.99 0.25
N LEU B 281 11.84 11.15 1.43
CA LEU B 281 10.69 10.34 1.83
C LEU B 281 9.46 10.62 0.93
N GLU B 282 9.22 11.88 0.57
CA GLU B 282 8.19 12.21 -0.38
C GLU B 282 8.42 11.61 -1.79
N LEU B 283 9.66 11.66 -2.27
CA LEU B 283 10.01 11.07 -3.57
C LEU B 283 9.87 9.56 -3.55
N ALA B 284 10.19 8.94 -2.44
CA ALA B 284 10.08 7.51 -2.31
C ALA B 284 8.67 6.97 -2.63
N CYS B 285 7.63 7.76 -2.39
CA CYS B 285 6.26 7.28 -2.65
C CYS B 285 5.78 7.51 -4.08
N LYS B 286 6.59 8.11 -4.96
CA LYS B 286 6.14 8.37 -6.31
C LYS B 286 6.25 7.08 -7.11
N ASP B 287 5.42 6.97 -8.14
CA ASP B 287 5.37 5.74 -8.92
C ASP B 287 6.46 5.64 -9.97
N ASN B 288 7.27 6.71 -10.14
CA ASN B 288 8.40 6.68 -11.04
C ASN B 288 9.74 6.98 -10.34
N VAL B 289 9.80 6.66 -9.05
CA VAL B 289 11.00 6.85 -8.27
C VAL B 289 11.22 5.56 -7.52
N ILE B 290 12.46 5.09 -7.52
CA ILE B 290 12.85 3.99 -6.67
CA ILE B 290 12.84 4.00 -6.66
C ILE B 290 13.94 4.47 -5.72
N ILE B 291 13.67 4.37 -4.39
CA ILE B 291 14.68 4.70 -3.39
C ILE B 291 15.06 3.43 -2.65
N THR B 292 16.34 3.05 -2.63
CA THR B 292 16.78 1.89 -1.83
C THR B 292 17.82 2.38 -0.81
N PRO B 293 17.93 1.71 0.33
CA PRO B 293 18.72 2.27 1.44
C PRO B 293 20.18 1.89 1.38
N HIS B 294 20.89 2.39 0.39
CA HIS B 294 22.29 2.06 0.22
C HIS B 294 22.57 0.55 0.31
N ILE B 295 21.87 -0.23 -0.51
CA ILE B 295 22.06 -1.64 -0.54
C ILE B 295 22.47 -2.19 -1.91
N ALA B 296 22.89 -1.32 -2.80
CA ALA B 296 23.41 -1.76 -4.09
C ALA B 296 24.46 -2.84 -3.92
N TYR B 297 25.32 -2.70 -2.89
CA TYR B 297 26.42 -3.65 -2.65
C TYR B 297 25.99 -4.91 -1.92
N TYR B 298 24.78 -4.91 -1.36
CA TYR B 298 24.39 -5.85 -0.33
C TYR B 298 23.91 -7.17 -0.94
N THR B 299 24.89 -7.95 -1.39
CA THR B 299 24.64 -9.30 -1.84
C THR B 299 25.41 -10.30 -1.01
N ASP B 300 24.98 -11.55 -1.11
CA ASP B 300 25.69 -12.62 -0.42
C ASP B 300 27.19 -12.69 -0.82
N LYS B 301 27.50 -12.56 -2.10
CA LYS B 301 28.88 -12.58 -2.54
C LYS B 301 29.72 -11.41 -1.99
N SER B 302 29.19 -10.19 -2.02
CA SER B 302 29.86 -9.06 -1.44
C SER B 302 30.23 -9.30 0.02
N LEU B 303 29.26 -9.77 0.80
CA LEU B 303 29.45 -9.98 2.23
C LEU B 303 30.55 -11.00 2.53
N GLU B 304 30.56 -12.11 1.79
CA GLU B 304 31.60 -13.11 1.88
C GLU B 304 32.96 -12.49 1.63
N ARG B 305 33.05 -11.70 0.57
CA ARG B 305 34.33 -11.16 0.15
C ARG B 305 34.81 -10.04 1.10
N ILE B 306 33.88 -9.23 1.60
CA ILE B 306 34.21 -8.21 2.57
C ILE B 306 34.79 -8.90 3.83
N ARG B 307 34.13 -9.91 4.34
CA ARG B 307 34.69 -10.71 5.44
C ARG B 307 36.09 -11.21 5.19
N GLU B 308 36.29 -11.84 4.03
CA GLU B 308 37.58 -12.48 3.72
C GLU B 308 38.69 -11.45 3.59
N GLU B 309 38.42 -10.36 2.87
CA GLU B 309 39.42 -9.34 2.64
CA GLU B 309 39.42 -9.33 2.63
C GLU B 309 39.77 -8.58 3.92
N THR B 310 38.78 -8.36 4.78
CA THR B 310 39.02 -7.68 6.04
C THR B 310 39.92 -8.54 6.95
N VAL B 311 39.61 -9.82 7.08
CA VAL B 311 40.44 -10.72 7.86
C VAL B 311 41.87 -10.81 7.31
N LYS B 312 42.02 -10.92 6.01
CA LYS B 312 43.36 -10.87 5.38
C LYS B 312 44.15 -9.55 5.72
N VAL B 313 43.50 -8.39 5.68
CA VAL B 313 44.20 -7.14 6.02
C VAL B 313 44.65 -7.08 7.48
N VAL B 314 43.79 -7.48 8.39
CA VAL B 314 44.12 -7.46 9.80
C VAL B 314 45.31 -8.40 10.11
N LYS B 315 45.22 -9.63 9.63
CA LYS B 315 46.26 -10.61 9.87
C LYS B 315 47.59 -10.22 9.26
N ALA B 316 47.54 -9.66 8.05
CA ALA B 316 48.72 -9.16 7.37
C ALA B 316 49.37 -8.10 8.22
N PHE B 317 48.56 -7.15 8.67
CA PHE B 317 49.09 -6.02 9.40
C PHE B 317 49.72 -6.41 10.75
N VAL B 318 49.04 -7.22 11.54
CA VAL B 318 49.62 -7.71 12.77
C VAL B 318 50.94 -8.44 12.53
N LYS B 319 51.08 -9.11 11.38
CA LYS B 319 52.33 -9.82 11.02
C LYS B 319 53.41 -8.88 10.52
N GLY B 320 53.01 -7.69 10.07
CA GLY B 320 53.93 -6.79 9.40
C GLY B 320 54.16 -7.13 7.93
N ASP B 321 53.35 -8.02 7.38
CA ASP B 321 53.45 -8.39 5.96
C ASP B 321 52.65 -7.39 5.09
N LEU B 322 53.15 -6.17 4.97
CA LEU B 322 52.44 -5.10 4.28
C LEU B 322 52.35 -5.27 2.76
N GLU B 323 53.29 -5.98 2.15
CA GLU B 323 53.30 -6.09 0.68
C GLU B 323 52.13 -7.00 0.22
N GLN B 324 51.74 -7.92 1.06
CA GLN B 324 50.60 -8.79 0.84
C GLN B 324 49.25 -8.04 0.62
N ILE B 325 49.13 -6.87 1.24
CA ILE B 325 47.92 -6.05 1.16
C ILE B 325 48.22 -4.70 0.50
N LYS B 326 49.18 -4.68 -0.42
CA LYS B 326 49.53 -3.40 -1.04
C LYS B 326 48.36 -2.78 -1.85
N GLY B 327 47.54 -3.62 -2.47
CA GLY B 327 46.38 -3.15 -3.23
C GLY B 327 45.27 -2.54 -2.37
N ASN B 328 45.33 -2.75 -1.06
CA ASN B 328 44.32 -2.23 -0.18
C ASN B 328 44.59 -0.84 0.37
N PHE B 329 45.80 -0.30 0.17
CA PHE B 329 46.13 0.97 0.79
C PHE B 329 45.48 2.10 0.04
N VAL B 330 44.81 2.96 0.80
CA VAL B 330 44.48 4.29 0.37
C VAL B 330 45.62 5.28 0.80
N VAL B 331 46.04 5.17 2.05
CA VAL B 331 47.17 5.92 2.58
C VAL B 331 48.14 4.82 3.02
N GLY B 332 49.21 4.63 2.24
CA GLY B 332 50.14 3.52 2.39
C GLY B 332 51.47 3.98 2.98
N PRO B 333 52.33 3.01 3.32
CA PRO B 333 53.62 3.30 4.02
C PRO B 333 54.64 4.06 3.20
N SER B 334 55.33 5.00 3.72
CA SER B 334 54.95 5.58 5.00
C SER B 334 55.14 7.09 4.99
N ASN C 2 -8.29 49.51 7.16
CA ASN C 2 -7.35 48.59 6.53
C ASN C 2 -7.53 47.24 7.20
N VAL C 3 -7.98 46.25 6.43
CA VAL C 3 -8.16 44.89 6.95
C VAL C 3 -7.21 43.94 6.25
N LEU C 4 -6.52 43.12 7.04
CA LEU C 4 -5.59 42.14 6.51
C LEU C 4 -6.04 40.72 6.87
N PHE C 5 -6.18 39.90 5.84
CA PHE C 5 -6.46 38.47 6.00
C PHE C 5 -5.27 37.65 5.53
N THR C 6 -4.78 36.77 6.41
CA THR C 6 -3.74 35.82 6.06
C THR C 6 -4.24 34.35 6.17
N SER C 7 -3.47 33.47 5.53
CA SER C 7 -3.72 32.04 5.48
C SER C 7 -5.12 31.68 4.95
N VAL C 8 -5.65 32.45 4.02
CA VAL C 8 -6.95 32.17 3.43
C VAL C 8 -6.86 31.16 2.28
N PRO C 9 -7.69 30.10 2.31
CA PRO C 9 -7.70 29.15 1.18
C PRO C 9 -8.19 29.84 -0.09
N GLN C 10 -7.61 29.51 -1.23
CA GLN C 10 -7.93 30.22 -2.47
C GLN C 10 -9.44 30.27 -2.76
N GLU C 11 -10.13 29.18 -2.48
CA GLU C 11 -11.56 29.08 -2.80
C GLU C 11 -12.40 30.00 -1.89
N ASP C 12 -11.84 30.45 -0.76
CA ASP C 12 -12.51 31.44 0.12
C ASP C 12 -12.27 32.91 -0.27
N VAL C 13 -11.31 33.15 -1.17
CA VAL C 13 -10.88 34.52 -1.49
C VAL C 13 -12.00 35.37 -2.09
N PRO C 14 -12.64 34.89 -3.18
CA PRO C 14 -13.71 35.68 -3.76
C PRO C 14 -14.78 36.00 -2.75
N PHE C 15 -15.09 35.03 -1.89
CA PHE C 15 -16.13 35.16 -0.88
C PHE C 15 -15.87 36.29 0.13
N TYR C 16 -14.63 36.39 0.62
CA TYR C 16 -14.31 37.44 1.56
C TYR C 16 -14.18 38.82 0.85
N GLN C 17 -13.77 38.79 -0.41
CA GLN C 17 -13.70 40.00 -1.22
C GLN C 17 -15.10 40.56 -1.42
N GLU C 18 -16.06 39.71 -1.74
CA GLU C 18 -17.45 40.16 -1.89
C GLU C 18 -18.05 40.59 -0.55
N ALA C 19 -17.88 39.78 0.49
CA ALA C 19 -18.40 40.09 1.82
C ALA C 19 -17.92 41.44 2.38
N LEU C 20 -16.67 41.80 2.08
CA LEU C 20 -16.04 42.96 2.72
C LEU C 20 -15.58 44.04 1.71
N LYS C 21 -16.23 44.13 0.55
CA LYS C 21 -15.80 45.05 -0.51
C LYS C 21 -16.08 46.53 -0.17
N ASP C 22 -16.88 46.75 0.86
CA ASP C 22 -17.04 48.06 1.47
C ASP C 22 -15.79 48.49 2.25
N LEU C 23 -14.75 47.66 2.30
CA LEU C 23 -13.57 47.93 3.12
C LEU C 23 -12.28 47.81 2.33
N SER C 24 -11.21 48.35 2.90
CA SER C 24 -9.90 48.28 2.32
C SER C 24 -9.27 46.96 2.76
N LEU C 25 -9.38 45.95 1.89
CA LEU C 25 -9.12 44.55 2.25
C LEU C 25 -7.93 44.01 1.51
N LYS C 26 -6.91 43.58 2.25
CA LYS C 26 -5.80 42.83 1.68
C LYS C 26 -5.85 41.33 2.12
N ILE C 27 -5.91 40.44 1.11
CA ILE C 27 -6.04 38.99 1.31
C ILE C 27 -4.82 38.24 0.81
N TYR C 28 -4.22 37.44 1.69
CA TYR C 28 -3.15 36.55 1.32
C TYR C 28 -3.58 35.11 1.57
N THR C 29 -3.15 34.20 0.70
CA THR C 29 -3.31 32.76 0.93
C THR C 29 -2.13 32.17 1.71
N THR C 30 -1.02 32.89 1.76
CA THR C 30 0.15 32.51 2.58
C THR C 30 0.01 33.02 4.01
N ASP C 31 0.84 32.49 4.90
CA ASP C 31 0.84 32.92 6.29
C ASP C 31 1.46 34.30 6.49
N VAL C 32 1.18 34.85 7.67
CA VAL C 32 1.60 36.19 8.07
C VAL C 32 3.11 36.44 7.92
N SER C 33 3.94 35.43 8.20
CA SER C 33 5.40 35.54 8.00
C SER C 33 5.82 35.97 6.60
N LYS C 34 4.97 35.75 5.60
CA LYS C 34 5.28 36.08 4.21
C LYS C 34 4.55 37.32 3.71
N VAL C 35 4.01 38.10 4.64
CA VAL C 35 3.34 39.36 4.29
C VAL C 35 4.34 40.52 4.37
N PRO C 36 4.37 41.38 3.34
CA PRO C 36 5.34 42.50 3.38
C PRO C 36 5.12 43.40 4.60
N GLU C 37 6.23 43.92 5.15
CA GLU C 37 6.20 44.79 6.34
C GLU C 37 5.36 46.04 6.11
N ASN C 38 5.37 46.58 4.90
CA ASN C 38 4.56 47.76 4.62
C ASN C 38 3.08 47.49 4.87
N GLU C 39 2.61 46.31 4.46
CA GLU C 39 1.22 45.92 4.68
C GLU C 39 0.91 45.64 6.15
N LEU C 40 1.82 44.97 6.86
CA LEU C 40 1.68 44.77 8.31
C LEU C 40 1.51 46.06 9.14
N LYS C 41 2.20 47.13 8.74
CA LYS C 41 2.12 48.45 9.40
C LYS C 41 0.82 49.25 9.12
N LYS C 42 0.24 49.07 7.95
CA LYS C 42 -1.07 49.64 7.62
C LYS C 42 -2.22 48.98 8.40
N ALA C 43 -2.08 47.70 8.74
CA ALA C 43 -3.23 46.86 9.14
C ALA C 43 -3.92 47.29 10.44
N GLU C 44 -5.21 47.59 10.36
CA GLU C 44 -6.02 47.90 11.56
C GLU C 44 -6.69 46.66 12.20
N LEU C 45 -7.13 45.74 11.35
CA LEU C 45 -7.67 44.44 11.80
C LEU C 45 -6.94 43.32 11.05
N ILE C 46 -6.52 42.28 11.78
CA ILE C 46 -5.92 41.12 11.14
C ILE C 46 -6.75 39.86 11.44
N SER C 47 -7.03 39.06 10.41
CA SER C 47 -7.67 37.75 10.59
C SER C 47 -6.72 36.66 10.13
N VAL C 48 -6.47 35.73 11.03
CA VAL C 48 -5.48 34.68 10.83
C VAL C 48 -6.06 33.29 11.16
N PHE C 49 -5.24 32.24 11.00
CA PHE C 49 -5.63 30.88 11.36
C PHE C 49 -4.50 30.31 12.20
N VAL C 50 -4.54 29.03 12.56
CA VAL C 50 -3.73 28.55 13.65
C VAL C 50 -2.24 28.45 13.37
N TYR C 51 -1.85 28.58 12.09
CA TYR C 51 -0.46 28.51 11.67
C TYR C 51 0.18 29.90 11.49
N ASP C 52 -0.55 31.00 11.74
CA ASP C 52 0.04 32.34 11.70
C ASP C 52 0.57 32.65 13.09
N LYS C 53 1.89 32.78 13.26
CA LYS C 53 2.49 32.96 14.60
C LYS C 53 2.53 34.44 14.98
N LEU C 54 1.56 34.88 15.79
CA LEU C 54 1.50 36.28 16.20
C LEU C 54 2.24 36.43 17.52
N THR C 55 3.57 36.28 17.39
CA THR C 55 4.56 36.49 18.45
C THR C 55 4.66 37.97 18.77
N GLU C 56 5.20 38.31 19.94
CA GLU C 56 5.49 39.72 20.26
C GLU C 56 6.31 40.38 19.15
N GLU C 57 7.34 39.68 18.69
CA GLU C 57 8.16 40.15 17.59
C GLU C 57 7.32 40.54 16.36
N LEU C 58 6.45 39.64 15.90
CA LEU C 58 5.64 39.98 14.74
C LEU C 58 4.65 41.10 15.06
N LEU C 59 3.97 41.00 16.20
CA LEU C 59 3.01 42.03 16.58
C LEU C 59 3.67 43.39 16.79
N SER C 60 4.90 43.39 17.30
CA SER C 60 5.64 44.64 17.50
C SER C 60 5.84 45.39 16.19
N LYS C 61 5.73 44.70 15.06
CA LYS C 61 5.81 45.38 13.77
C LYS C 61 4.46 45.96 13.27
N PRO C 63 2.08 48.68 14.47
CA PRO C 63 1.68 49.83 15.30
C PRO C 63 0.20 50.23 15.23
N ARG C 64 -0.46 50.01 14.11
CA ARG C 64 -1.84 50.47 13.95
C ARG C 64 -2.92 49.43 14.28
N LEU C 65 -2.53 48.27 14.81
CA LEU C 65 -3.47 47.13 15.01
C LEU C 65 -4.42 47.29 16.19
N LYS C 66 -5.72 47.22 15.91
CA LYS C 66 -6.77 47.28 16.96
C LYS C 66 -7.35 45.90 17.35
N LEU C 67 -7.53 45.02 16.34
CA LEU C 67 -8.17 43.70 16.54
C LEU C 67 -7.58 42.56 15.69
N ILE C 68 -7.18 41.49 16.38
CA ILE C 68 -6.84 40.21 15.79
C ILE C 68 -8.05 39.25 15.90
N HIS C 69 -8.55 38.79 14.76
CA HIS C 69 -9.54 37.71 14.70
C HIS C 69 -8.94 36.41 14.15
N THR C 70 -8.92 35.38 15.00
CA THR C 70 -8.51 34.07 14.56
C THR C 70 -9.76 33.21 14.17
N ARG C 71 -9.71 32.63 12.97
CA ARG C 71 -10.82 31.84 12.42
C ARG C 71 -10.81 30.39 13.01
N SER C 72 -10.88 30.30 14.32
CA SER C 72 -10.55 29.10 15.01
C SER C 72 -11.02 29.18 16.42
N VAL C 73 -11.14 28.03 17.09
CA VAL C 73 -11.38 28.01 18.50
C VAL C 73 -10.08 28.32 19.24
N GLY C 74 -9.01 27.69 18.80
CA GLY C 74 -7.71 27.88 19.41
C GLY C 74 -7.13 29.27 19.24
N PHE C 75 -6.42 29.72 20.26
CA PHE C 75 -5.67 30.98 20.22
C PHE C 75 -4.23 30.88 20.84
N ASP C 76 -3.67 29.69 20.94
CA ASP C 76 -2.33 29.56 21.53
C ASP C 76 -1.23 30.12 20.62
N HIS C 77 -1.62 30.52 19.40
CA HIS C 77 -0.68 31.06 18.41
C HIS C 77 -0.57 32.59 18.51
N ILE C 78 -1.32 33.18 19.46
CA ILE C 78 -1.33 34.64 19.69
C ILE C 78 -0.77 34.89 21.09
N ASP C 79 0.20 35.80 21.16
CA ASP C 79 0.75 36.22 22.46
C ASP C 79 -0.25 37.17 23.11
N LEU C 80 -1.10 36.60 23.94
CA LEU C 80 -2.18 37.33 24.58
C LEU C 80 -1.64 38.43 25.55
N ASP C 81 -0.65 38.07 26.36
CA ASP C 81 0.01 39.03 27.28
C ASP C 81 0.37 40.31 26.57
N TYR C 82 1.06 40.18 25.45
CA TYR C 82 1.40 41.35 24.63
C TYR C 82 0.18 42.15 24.28
N CYS C 83 -0.85 41.51 23.75
CA CYS C 83 -2.06 42.19 23.29
C CYS C 83 -2.73 43.01 24.40
N LYS C 84 -2.80 42.45 25.60
CA LYS C 84 -3.37 43.13 26.77
C LYS C 84 -2.53 44.36 27.11
N LYS C 85 -1.22 44.15 27.30
CA LYS C 85 -0.28 45.23 27.52
C LYS C 85 -0.48 46.40 26.54
N LYS C 86 -0.71 46.10 25.26
CA LYS C 86 -0.87 47.14 24.25
C LYS C 86 -2.30 47.51 23.91
N GLY C 87 -3.29 46.95 24.59
CA GLY C 87 -4.70 47.26 24.31
C GLY C 87 -5.27 46.72 22.99
N ILE C 88 -4.63 45.69 22.42
CA ILE C 88 -5.14 45.06 21.18
C ILE C 88 -6.25 44.06 21.54
N LEU C 89 -7.39 44.16 20.86
CA LEU C 89 -8.46 43.16 21.02
C LEU C 89 -8.15 41.84 20.27
N VAL C 90 -8.62 40.73 20.83
CA VAL C 90 -8.50 39.40 20.21
C VAL C 90 -9.84 38.63 20.27
N THR C 91 -10.39 38.36 19.08
CA THR C 91 -11.53 37.46 18.93
C THR C 91 -11.16 36.09 18.33
N HIS C 92 -12.03 35.11 18.58
CA HIS C 92 -11.97 33.79 17.95
C HIS C 92 -13.38 33.33 17.58
N ILE C 93 -13.53 32.07 17.18
CA ILE C 93 -14.84 31.49 16.90
C ILE C 93 -14.94 30.30 17.83
N PRO C 94 -15.67 30.48 18.95
CA PRO C 94 -15.60 29.45 20.02
C PRO C 94 -16.37 28.18 19.71
N ALA C 95 -17.31 28.23 18.79
CA ALA C 95 -18.22 27.09 18.64
C ALA C 95 -18.78 26.94 17.24
N TYR C 96 -17.96 27.08 16.21
CA TYR C 96 -18.44 26.81 14.85
C TYR C 96 -18.91 25.33 14.74
N SER C 97 -18.21 24.38 15.37
CA SER C 97 -18.62 22.99 15.32
C SER C 97 -17.82 22.13 16.26
N PRO C 98 -18.17 22.17 17.53
CA PRO C 98 -17.60 21.20 18.41
C PRO C 98 -17.92 19.75 17.99
N GLU C 99 -19.05 19.51 17.32
CA GLU C 99 -19.44 18.14 16.89
C GLU C 99 -18.45 17.55 15.88
N SER C 100 -17.93 18.38 15.00
CA SER C 100 -16.91 17.92 14.04
C SER C 100 -15.74 17.20 14.70
N VAL C 101 -15.17 17.81 15.74
CA VAL C 101 -14.01 17.29 16.38
C VAL C 101 -14.36 16.09 17.25
N ALA C 102 -15.52 16.18 17.91
CA ALA C 102 -15.97 15.09 18.76
C ALA C 102 -16.27 13.79 17.97
N GLU C 103 -16.88 13.97 16.82
CA GLU C 103 -17.16 12.88 15.88
C GLU C 103 -15.88 12.29 15.29
N HIS C 104 -14.97 13.15 14.87
CA HIS C 104 -13.65 12.67 14.45
C HIS C 104 -12.97 11.86 15.53
N THR C 105 -13.06 12.31 16.78
CA THR C 105 -12.48 11.62 17.92
C THR C 105 -13.00 10.20 18.03
N PHE C 106 -14.31 10.06 17.95
CA PHE C 106 -14.90 8.71 17.96
C PHE C 106 -14.66 7.87 16.69
N ALA C 107 -14.46 8.52 15.56
CA ALA C 107 -14.06 7.80 14.34
C ALA C 107 -12.70 7.12 14.54
N ILE C 109 -11.25 6.45 17.69
CA ILE C 109 -11.43 5.40 18.69
C ILE C 109 -11.99 4.11 18.04
N LEU C 110 -13.09 4.21 17.31
CA LEU C 110 -13.68 3.03 16.68
C LEU C 110 -12.72 2.36 15.68
N THR C 111 -11.97 3.16 14.96
CA THR C 111 -10.98 2.62 14.00
C THR C 111 -9.98 1.76 14.72
N LEU C 112 -9.51 2.27 15.86
CA LEU C 112 -8.48 1.59 16.59
C LEU C 112 -8.98 0.34 17.30
N VAL C 113 -10.13 0.45 17.98
CA VAL C 113 -10.64 -0.67 18.79
C VAL C 113 -11.14 -1.82 17.89
N LYS C 114 -11.68 -1.49 16.73
CA LYS C 114 -12.11 -2.51 15.77
C LYS C 114 -10.99 -2.97 14.80
N ARG C 115 -9.78 -2.42 14.95
CA ARG C 115 -8.60 -2.88 14.22
C ARG C 115 -8.80 -2.83 12.72
N LEU C 116 -9.41 -1.76 12.25
CA LEU C 116 -9.80 -1.66 10.85
C LEU C 116 -8.60 -1.53 9.89
N LYS C 117 -7.53 -0.88 10.35
CA LYS C 117 -6.32 -0.72 9.53
C LYS C 117 -5.65 -2.06 9.29
N ARG C 118 -5.51 -2.86 10.33
CA ARG C 118 -4.95 -4.16 10.18
C ARG C 118 -5.83 -5.09 9.33
N ILE C 119 -7.13 -4.97 9.46
CA ILE C 119 -8.05 -5.78 8.64
C ILE C 119 -7.95 -5.39 7.18
N GLU C 120 -7.88 -4.10 6.91
CA GLU C 120 -7.69 -3.59 5.55
C GLU C 120 -6.37 -4.13 4.92
N ASP C 121 -5.28 -4.11 5.70
CA ASP C 121 -4.01 -4.71 5.26
C ASP C 121 -4.19 -6.20 4.85
N ARG C 122 -4.97 -6.94 5.65
CA ARG C 122 -5.19 -8.36 5.37
C ARG C 122 -6.03 -8.57 4.10
N VAL C 123 -7.11 -7.80 4.00
CA VAL C 123 -8.00 -7.83 2.85
C VAL C 123 -7.28 -7.47 1.54
N LYS C 124 -6.40 -6.48 1.61
CA LYS C 124 -5.51 -6.15 0.49
C LYS C 124 -4.65 -7.32 0.01
N LYS C 125 -4.25 -8.21 0.91
CA LYS C 125 -3.45 -9.40 0.57
C LYS C 125 -4.31 -10.66 0.34
N LEU C 126 -5.61 -10.47 0.14
CA LEU C 126 -6.56 -11.54 -0.03
C LEU C 126 -6.65 -12.46 1.15
N ASN C 127 -6.30 -11.98 2.35
CA ASN C 127 -6.39 -12.74 3.59
C ASN C 127 -7.71 -12.31 4.26
N PHE C 128 -8.77 -13.11 4.03
CA PHE C 128 -10.09 -12.85 4.58
C PHE C 128 -10.35 -13.80 5.77
N SER C 129 -9.30 -14.40 6.32
CA SER C 129 -9.46 -15.32 7.43
C SER C 129 -9.68 -14.56 8.72
N GLN C 130 -10.04 -15.30 9.75
CA GLN C 130 -10.27 -14.70 11.07
C GLN C 130 -9.33 -15.36 12.06
N ASP C 131 -8.61 -14.58 12.85
CA ASP C 131 -7.82 -15.14 13.95
C ASP C 131 -7.52 -14.03 14.97
N SER C 132 -6.85 -14.42 16.05
CA SER C 132 -6.61 -13.53 17.19
C SER C 132 -5.93 -12.22 16.84
N GLU C 133 -5.16 -12.17 15.76
CA GLU C 133 -4.54 -10.90 15.37
C GLU C 133 -5.54 -9.85 14.96
N ILE C 134 -6.77 -10.23 14.62
CA ILE C 134 -7.80 -9.20 14.43
C ILE C 134 -8.99 -9.24 15.44
N LEU C 135 -8.84 -9.97 16.55
CA LEU C 135 -9.84 -9.96 17.60
C LEU C 135 -10.03 -8.56 18.19
N ALA C 136 -11.25 -8.05 18.08
CA ALA C 136 -11.54 -6.70 18.50
C ALA C 136 -11.99 -6.70 19.95
N ARG C 137 -12.04 -5.51 20.52
CA ARG C 137 -12.58 -5.25 21.85
CA ARG C 137 -12.64 -5.34 21.83
C ARG C 137 -13.90 -4.50 21.68
N GLU C 138 -14.69 -4.38 22.74
CA GLU C 138 -15.96 -3.63 22.69
C GLU C 138 -15.94 -2.36 23.54
N LEU C 139 -16.45 -1.25 23.02
CA LEU C 139 -16.44 0.00 23.77
C LEU C 139 -17.26 -0.16 25.07
N ASN C 140 -18.38 -0.86 24.99
CA ASN C 140 -19.27 -0.92 26.13
C ASN C 140 -18.65 -1.65 27.30
N ARG C 141 -17.60 -2.43 27.07
CA ARG C 141 -16.84 -2.96 28.20
C ARG C 141 -15.76 -2.01 28.76
N LEU C 142 -15.50 -0.89 28.11
CA LEU C 142 -14.31 -0.11 28.45
C LEU C 142 -14.59 1.21 29.18
N THR C 143 -13.55 1.70 29.83
CA THR C 143 -13.62 2.99 30.50
C THR C 143 -12.97 4.04 29.61
N LEU C 144 -13.73 5.10 29.30
CA LEU C 144 -13.23 6.28 28.62
C LEU C 144 -12.80 7.37 29.64
N GLY C 145 -11.60 7.94 29.42
CA GLY C 145 -11.10 9.05 30.22
C GLY C 145 -11.02 10.29 29.35
N VAL C 146 -11.83 11.31 29.66
CA VAL C 146 -11.87 12.54 28.89
C VAL C 146 -11.10 13.60 29.73
N ILE C 147 -9.95 14.06 29.20
CA ILE C 147 -9.19 15.11 29.81
C ILE C 147 -9.58 16.40 29.13
N GLY C 148 -10.39 17.21 29.82
CA GLY C 148 -10.95 18.43 29.23
C GLY C 148 -12.41 18.23 28.86
N THR C 149 -13.33 18.75 29.66
CA THR C 149 -14.76 18.55 29.39
C THR C 149 -15.40 19.86 29.02
N GLY C 150 -14.81 20.54 28.03
CA GLY C 150 -15.40 21.73 27.42
C GLY C 150 -16.35 21.40 26.29
N ARG C 151 -16.50 22.30 25.32
CA ARG C 151 -17.48 22.09 24.29
C ARG C 151 -17.24 20.74 23.57
N ILE C 152 -15.99 20.44 23.23
CA ILE C 152 -15.70 19.23 22.49
C ILE C 152 -15.63 18.05 23.40
N GLY C 153 -14.89 18.18 24.48
CA GLY C 153 -14.76 17.04 25.40
C GLY C 153 -16.10 16.57 25.99
N SER C 154 -17.03 17.50 26.18
CA SER C 154 -18.30 17.15 26.82
C SER C 154 -19.09 16.30 25.86
N ARG C 155 -19.07 16.63 24.58
CA ARG C 155 -19.71 15.77 23.54
C ARG C 155 -19.07 14.42 23.45
N VAL C 156 -17.74 14.36 23.50
CA VAL C 156 -17.05 13.08 23.47
C VAL C 156 -17.52 12.21 24.64
N ALA C 157 -17.55 12.77 25.86
CA ALA C 157 -18.08 12.04 27.03
C ALA C 157 -19.50 11.52 26.78
N TYR C 159 -20.97 10.84 23.80
CA TYR C 159 -20.92 9.69 22.90
C TYR C 159 -20.52 8.44 23.64
N GLY C 160 -19.51 8.56 24.51
CA GLY C 160 -19.04 7.40 25.25
C GLY C 160 -20.15 6.81 26.11
N LEU C 161 -20.90 7.67 26.79
CA LEU C 161 -22.06 7.17 27.56
C LEU C 161 -23.03 6.44 26.64
N ALA C 162 -23.31 7.02 25.46
CA ALA C 162 -24.18 6.38 24.46
C ALA C 162 -23.69 4.98 24.04
N PHE C 163 -22.38 4.72 24.10
CA PHE C 163 -21.85 3.40 23.76
C PHE C 163 -21.75 2.48 24.95
N GLY C 164 -22.20 2.93 26.14
CA GLY C 164 -22.21 2.11 27.34
C GLY C 164 -20.86 2.11 28.04
N LYS C 166 -18.19 3.32 30.77
CA LYS C 166 -17.99 4.13 31.96
C LYS C 166 -17.14 5.32 31.53
N VAL C 167 -17.56 6.55 31.83
CA VAL C 167 -16.83 7.76 31.44
C VAL C 167 -16.23 8.48 32.67
N LEU C 168 -14.88 8.53 32.74
CA LEU C 168 -14.18 9.31 33.73
C LEU C 168 -13.80 10.63 33.08
N CYS C 169 -13.75 11.69 33.90
CA CYS C 169 -13.54 13.04 33.41
C CYS C 169 -12.54 13.80 34.31
N TYR C 170 -11.72 14.66 33.70
CA TYR C 170 -10.77 15.51 34.40
C TYR C 170 -10.86 16.89 33.80
N ASP C 171 -11.18 17.87 34.65
CA ASP C 171 -11.20 19.26 34.25
C ASP C 171 -11.06 20.11 35.52
N VAL C 172 -10.57 21.35 35.39
CA VAL C 172 -10.52 22.26 36.53
C VAL C 172 -11.87 22.93 36.76
N VAL C 173 -12.74 22.90 35.75
CA VAL C 173 -14.10 23.39 35.86
C VAL C 173 -15.07 22.19 35.76
N LYS C 174 -15.72 21.86 36.88
CA LYS C 174 -16.70 20.76 36.92
C LYS C 174 -18.03 21.19 36.31
N ARG C 175 -18.61 20.30 35.52
CA ARG C 175 -19.88 20.54 34.87
C ARG C 175 -20.94 19.64 35.47
N GLU C 176 -21.98 20.25 36.03
CA GLU C 176 -23.01 19.47 36.69
C GLU C 176 -23.83 18.68 35.64
N ASP C 177 -24.09 19.28 34.49
CA ASP C 177 -24.79 18.54 33.43
C ASP C 177 -24.17 17.16 33.09
N LEU C 178 -22.82 17.08 33.04
CA LEU C 178 -22.17 15.81 32.76
C LEU C 178 -22.30 14.82 33.90
N LYS C 179 -22.19 15.28 35.15
CA LYS C 179 -22.45 14.39 36.30
C LYS C 179 -23.87 13.82 36.27
N GLU C 180 -24.82 14.65 35.87
CA GLU C 180 -26.23 14.25 35.87
C GLU C 180 -26.49 13.23 34.76
N LYS C 181 -25.64 13.22 33.72
CA LYS C 181 -25.71 12.17 32.69
C LYS C 181 -24.97 10.89 33.05
N GLY C 182 -24.20 10.88 34.12
CA GLY C 182 -23.49 9.67 34.52
C GLY C 182 -21.97 9.70 34.39
N CYS C 183 -21.38 10.76 33.83
CA CYS C 183 -19.92 10.97 33.94
C CYS C 183 -19.46 11.16 35.37
N VAL C 184 -18.24 10.71 35.68
CA VAL C 184 -17.69 10.78 37.01
C VAL C 184 -16.35 11.53 36.91
N TYR C 185 -16.21 12.63 37.64
CA TYR C 185 -14.95 13.36 37.66
C TYR C 185 -14.03 12.67 38.60
N THR C 186 -12.74 12.60 38.25
CA THR C 186 -11.71 12.08 39.15
C THR C 186 -10.43 12.90 39.04
N SER C 187 -9.42 12.51 39.80
CA SER C 187 -8.07 13.08 39.68
C SER C 187 -7.40 12.58 38.38
N LEU C 188 -6.43 13.35 37.88
CA LEU C 188 -5.69 12.99 36.69
C LEU C 188 -5.10 11.63 36.87
N ASP C 189 -4.45 11.41 37.99
CA ASP C 189 -3.78 10.14 38.18
C ASP C 189 -4.70 8.96 38.15
N GLU C 190 -5.90 9.11 38.73
CA GLU C 190 -6.86 8.04 38.72
C GLU C 190 -7.44 7.80 37.32
N LEU C 191 -7.72 8.87 36.59
CA LEU C 191 -8.18 8.76 35.21
C LEU C 191 -7.12 8.00 34.38
N LEU C 192 -5.84 8.34 34.58
CA LEU C 192 -4.75 7.72 33.81
C LEU C 192 -4.65 6.22 34.11
N LYS C 193 -4.82 5.85 35.38
CA LYS C 193 -4.65 4.49 35.81
C LYS C 193 -5.84 3.61 35.46
N GLU C 194 -7.00 4.20 35.33
CA GLU C 194 -8.19 3.40 35.26
C GLU C 194 -8.76 3.33 33.86
N SER C 195 -8.44 4.29 33.01
CA SER C 195 -9.03 4.34 31.68
C SER C 195 -8.43 3.34 30.66
N ASP C 196 -9.28 2.79 29.82
CA ASP C 196 -8.85 1.94 28.73
C ASP C 196 -8.60 2.76 27.47
N VAL C 197 -9.33 3.89 27.35
CA VAL C 197 -9.21 4.81 26.21
C VAL C 197 -9.09 6.19 26.82
N ILE C 198 -8.15 7.02 26.35
CA ILE C 198 -8.00 8.37 26.86
C ILE C 198 -8.04 9.33 25.70
N SER C 199 -8.76 10.41 25.87
CA SER C 199 -8.85 11.40 24.86
C SER C 199 -8.62 12.78 25.42
N LEU C 200 -7.83 13.58 24.68
CA LEU C 200 -7.39 14.91 25.12
C LEU C 200 -8.18 16.00 24.45
N HIS C 201 -8.68 16.95 25.23
CA HIS C 201 -9.53 18.03 24.74
C HIS C 201 -9.29 19.38 25.48
N VAL C 202 -8.03 19.61 25.88
CA VAL C 202 -7.62 20.85 26.55
C VAL C 202 -7.00 21.84 25.55
N PRO C 203 -7.09 23.14 25.82
CA PRO C 203 -6.32 24.08 24.99
C PRO C 203 -4.84 23.98 25.28
N TYR C 204 -4.00 24.54 24.41
CA TYR C 204 -2.57 24.58 24.74
C TYR C 204 -2.29 25.81 25.60
N THR C 205 -1.75 25.60 26.78
CA THR C 205 -1.28 26.68 27.68
C THR C 205 -0.02 26.22 28.37
N LYS C 206 0.62 27.14 29.12
CA LYS C 206 1.78 26.77 29.96
C LYS C 206 1.45 25.60 30.83
N GLU C 207 0.22 25.57 31.36
CA GLU C 207 -0.15 24.50 32.30
C GLU C 207 -0.36 23.16 31.61
N THR C 208 -0.78 23.17 30.35
CA THR C 208 -0.99 21.88 29.64
C THR C 208 0.24 21.36 28.85
N HIS C 209 1.30 22.18 28.80
CA HIS C 209 2.48 21.87 28.02
C HIS C 209 3.07 20.57 28.47
N HIS C 210 3.18 19.62 27.55
CA HIS C 210 3.68 18.28 27.87
C HIS C 210 2.99 17.66 29.05
N ILE C 212 1.03 15.27 28.95
CA ILE C 212 1.18 13.83 28.75
C ILE C 212 2.66 13.57 28.45
N ASN C 213 3.41 13.18 29.49
CA ASN C 213 4.86 13.06 29.45
C ASN C 213 5.25 11.65 29.88
N GLU C 214 6.55 11.39 30.00
CA GLU C 214 7.04 10.06 30.43
C GLU C 214 6.34 9.58 31.70
N GLU C 215 6.21 10.47 32.68
CA GLU C 215 5.62 10.08 33.97
C GLU C 215 4.13 9.76 33.79
N ARG C 216 3.38 10.63 33.12
CA ARG C 216 1.92 10.39 32.97
C ARG C 216 1.66 9.13 32.14
N ILE C 217 2.42 8.95 31.06
CA ILE C 217 2.25 7.74 30.20
C ILE C 217 2.51 6.46 30.98
N SER C 218 3.51 6.49 31.85
CA SER C 218 3.85 5.32 32.65
C SER C 218 2.72 4.94 33.62
N LEU C 219 1.87 5.89 33.99
CA LEU C 219 0.71 5.58 34.83
C LEU C 219 -0.42 4.82 34.08
N LYS C 221 -2.59 2.19 31.70
CA LYS C 221 -2.59 0.73 31.53
C LYS C 221 -1.70 0.41 30.32
N ASP C 222 -0.99 -0.72 30.41
CA ASP C 222 -0.38 -1.31 29.22
C ASP C 222 -1.55 -1.79 28.38
N GLY C 223 -1.55 -1.45 27.09
CA GLY C 223 -2.71 -1.74 26.24
C GLY C 223 -3.63 -0.55 26.02
N VAL C 224 -3.34 0.58 26.65
CA VAL C 224 -4.21 1.76 26.54
C VAL C 224 -4.33 2.25 25.08
N TYR C 225 -5.45 2.92 24.77
CA TYR C 225 -5.59 3.67 23.52
C TYR C 225 -5.55 5.14 23.86
N LEU C 226 -4.75 5.91 23.13
CA LEU C 226 -4.63 7.34 23.41
C LEU C 226 -4.97 8.12 22.19
N ILE C 227 -5.81 9.12 22.36
CA ILE C 227 -6.24 9.98 21.30
C ILE C 227 -5.88 11.45 21.59
N ASN C 228 -5.48 12.17 20.54
CA ASN C 228 -5.25 13.60 20.65
C ASN C 228 -5.72 14.38 19.44
N THR C 229 -6.79 15.14 19.67
CA THR C 229 -7.34 16.10 18.77
C THR C 229 -7.30 17.49 19.39
N ALA C 230 -6.48 17.67 20.41
CA ALA C 230 -6.38 18.99 21.04
C ALA C 230 -5.29 19.89 20.41
N ARG C 231 -4.08 19.81 20.97
CA ARG C 231 -2.90 20.47 20.43
C ARG C 231 -1.71 19.56 20.56
N GLY C 232 -0.84 19.55 19.56
CA GLY C 232 0.33 18.67 19.61
C GLY C 232 1.20 18.84 20.86
N LYS C 233 1.36 20.08 21.28
CA LYS C 233 2.24 20.35 22.42
C LYS C 233 1.71 19.93 23.79
N VAL C 234 0.50 19.41 23.87
CA VAL C 234 -0.03 18.84 25.12
C VAL C 234 0.60 17.51 25.39
N VAL C 235 1.14 16.89 24.34
CA VAL C 235 1.80 15.60 24.45
C VAL C 235 3.32 15.70 24.22
N ASP C 236 4.11 15.03 25.05
CA ASP C 236 5.55 14.99 24.79
C ASP C 236 5.81 13.96 23.74
N THR C 237 5.99 14.39 22.49
CA THR C 237 6.10 13.43 21.37
C THR C 237 7.22 12.39 21.56
N ASP C 238 8.33 12.77 22.21
CA ASP C 238 9.48 11.90 22.39
C ASP C 238 9.17 10.78 23.35
N ALA C 239 8.55 11.11 24.47
CA ALA C 239 8.05 10.12 25.41
C ALA C 239 6.99 9.19 24.77
N LEU C 240 6.09 9.76 23.98
CA LEU C 240 5.04 8.96 23.30
C LEU C 240 5.67 7.93 22.34
N TYR C 241 6.65 8.37 21.55
CA TYR C 241 7.40 7.49 20.65
C TYR C 241 8.13 6.41 21.41
N ARG C 242 8.82 6.79 22.47
CA ARG C 242 9.57 5.80 23.25
C ARG C 242 8.66 4.76 23.85
N ALA C 243 7.50 5.22 24.37
CA ALA C 243 6.51 4.29 24.95
C ALA C 243 5.92 3.35 23.90
N TYR C 244 5.57 3.92 22.76
CA TYR C 244 5.08 3.09 21.64
C TYR C 244 6.04 1.93 21.29
N GLN C 245 7.35 2.21 21.21
CA GLN C 245 8.35 1.20 20.82
C GLN C 245 8.48 0.13 21.92
N ARG C 246 8.12 0.47 23.16
CA ARG C 246 8.09 -0.51 24.24
C ARG C 246 6.79 -1.34 24.28
N GLY C 247 5.86 -1.07 23.37
CA GLY C 247 4.61 -1.81 23.27
C GLY C 247 3.54 -1.34 24.26
N LYS C 248 3.63 -0.12 24.72
CA LYS C 248 2.70 0.42 25.72
C LYS C 248 1.25 0.49 25.24
N PHE C 249 1.02 0.74 23.95
CA PHE C 249 -0.30 1.11 23.42
C PHE C 249 -0.96 0.06 22.55
N SER C 250 -2.28 -0.09 22.74
CA SER C 250 -3.08 -0.87 21.79
C SER C 250 -3.31 -0.01 20.58
N GLY C 251 -3.36 1.30 20.74
CA GLY C 251 -3.47 2.17 19.61
C GLY C 251 -3.26 3.62 19.92
N LEU C 252 -2.90 4.38 18.90
CA LEU C 252 -2.80 5.83 18.99
C LEU C 252 -3.54 6.50 17.86
N GLY C 253 -4.18 7.61 18.16
CA GLY C 253 -4.86 8.38 17.17
C GLY C 253 -4.53 9.82 17.38
N LEU C 254 -3.86 10.42 16.40
CA LEU C 254 -3.39 11.78 16.55
C LEU C 254 -3.76 12.56 15.33
N ASP C 255 -4.56 13.59 15.54
CA ASP C 255 -4.90 14.57 14.54
C ASP C 255 -4.05 15.81 14.68
N VAL C 256 -3.36 15.92 15.80
CA VAL C 256 -2.49 17.04 16.07
C VAL C 256 -1.19 16.52 16.62
N PHE C 257 -0.10 17.21 16.34
CA PHE C 257 1.19 16.71 16.85
C PHE C 257 2.27 17.81 16.76
N GLU C 258 3.25 17.75 17.63
CA GLU C 258 4.36 18.73 17.60
C GLU C 258 4.99 18.81 16.22
N ASP C 259 5.19 20.06 15.76
CA ASP C 259 5.88 20.38 14.50
C ASP C 259 5.08 19.97 13.24
N GLU C 260 3.78 19.74 13.44
CA GLU C 260 2.84 19.37 12.36
C GLU C 260 2.86 20.36 11.23
N GLU C 261 3.09 21.64 11.52
CA GLU C 261 3.05 22.63 10.45
C GLU C 261 4.13 22.43 9.38
N ILE C 262 5.23 21.76 9.72
CA ILE C 262 6.29 21.49 8.71
C ILE C 262 5.77 20.52 7.64
N LEU C 263 5.04 19.47 8.07
CA LEU C 263 4.42 18.52 7.15
C LEU C 263 3.20 19.13 6.46
N ILE C 264 2.35 19.80 7.24
CA ILE C 264 1.08 20.31 6.71
C ILE C 264 1.28 21.43 5.72
N LEU C 265 2.20 22.33 6.01
CA LEU C 265 2.49 23.40 5.05
C LEU C 265 3.74 23.10 4.17
N LYS C 266 4.29 21.89 4.25
CA LYS C 266 5.47 21.52 3.46
C LYS C 266 6.64 22.51 3.60
N LYS C 267 6.96 22.85 4.85
CA LYS C 267 8.06 23.81 5.12
C LYS C 267 9.44 23.19 4.88
N TYR C 268 9.50 21.88 4.69
CA TYR C 268 10.74 21.23 4.32
C TYR C 268 11.16 21.62 2.93
N THR C 269 10.22 22.14 2.16
CA THR C 269 10.50 22.88 0.94
C THR C 269 11.43 24.11 1.13
N GLU C 270 11.48 24.67 2.35
CA GLU C 270 12.26 25.86 2.68
C GLU C 270 13.26 25.54 3.81
N GLY C 271 13.73 24.31 3.86
CA GLY C 271 14.77 23.92 4.80
C GLY C 271 14.35 23.53 6.19
N LYS C 272 13.05 23.47 6.49
CA LYS C 272 12.65 23.09 7.86
C LYS C 272 12.50 21.56 8.02
N ALA C 273 12.83 21.04 9.20
CA ALA C 273 12.56 19.64 9.54
C ALA C 273 12.99 19.35 10.96
N THR C 274 12.30 18.42 11.63
CA THR C 274 12.70 18.02 12.96
C THR C 274 12.52 16.55 13.15
N ASP C 275 13.12 16.03 14.19
CA ASP C 275 13.01 14.64 14.52
C ASP C 275 11.58 14.18 14.76
N LYS C 276 10.77 15.06 15.31
CA LYS C 276 9.40 14.73 15.61
C LYS C 276 8.58 14.53 14.31
N ASN C 277 8.96 15.21 13.25
CA ASN C 277 8.39 14.96 11.94
C ASN C 277 8.66 13.50 11.56
N LEU C 278 9.91 13.05 11.74
CA LEU C 278 10.26 11.68 11.34
C LEU C 278 9.61 10.64 12.25
N LYS C 279 9.48 10.97 13.54
CA LYS C 279 8.83 10.03 14.48
C LYS C 279 7.36 9.90 14.13
N ILE C 280 6.72 11.00 13.79
CA ILE C 280 5.32 10.97 13.43
C ILE C 280 5.19 10.14 12.11
N LEU C 281 6.05 10.42 11.11
CA LEU C 281 5.98 9.67 9.85
C LEU C 281 6.14 8.18 10.08
N GLU C 282 7.01 7.75 11.00
CA GLU C 282 7.18 6.34 11.27
C GLU C 282 5.93 5.71 11.95
N LEU C 283 5.40 6.43 12.93
CA LEU C 283 4.20 5.97 13.63
C LEU C 283 3.00 5.87 12.69
N ALA C 284 2.85 6.84 11.79
CA ALA C 284 1.78 6.84 10.78
C ALA C 284 1.66 5.54 9.97
N CYS C 285 2.77 4.86 9.76
CA CYS C 285 2.79 3.62 8.98
C CYS C 285 2.41 2.38 9.77
N LYS C 286 2.28 2.47 11.10
CA LYS C 286 1.94 1.27 11.88
C LYS C 286 0.45 0.94 11.75
N ASP C 287 0.10 -0.35 11.91
CA ASP C 287 -1.28 -0.79 11.74
C ASP C 287 -2.22 -0.47 12.91
N ASN C 288 -1.67 -0.06 14.04
CA ASN C 288 -2.48 0.34 15.19
C ASN C 288 -2.33 1.81 15.49
N VAL C 289 -2.10 2.60 14.46
CA VAL C 289 -1.94 4.02 14.61
C VAL C 289 -2.68 4.71 13.49
N ILE C 290 -3.38 5.79 13.81
CA ILE C 290 -3.97 6.62 12.80
C ILE C 290 -3.51 8.03 13.03
N ILE C 291 -2.88 8.59 12.00
CA ILE C 291 -2.50 9.99 11.99
C ILE C 291 -3.27 10.72 10.94
N THR C 292 -3.86 11.86 11.29
CA THR C 292 -4.60 12.68 10.33
C THR C 292 -4.07 14.12 10.43
N PRO C 293 -4.11 14.86 9.32
CA PRO C 293 -3.42 16.15 9.23
C PRO C 293 -4.20 17.34 9.80
N HIS C 294 -4.54 17.27 11.07
CA HIS C 294 -5.26 18.34 11.76
C HIS C 294 -6.53 18.65 11.00
N ILE C 295 -7.34 17.64 10.76
CA ILE C 295 -8.58 17.89 10.01
C ILE C 295 -9.85 17.47 10.78
N ALA C 296 -9.75 17.26 12.10
CA ALA C 296 -10.91 16.90 12.89
C ALA C 296 -12.06 17.91 12.67
N TYR C 297 -11.70 19.17 12.49
CA TYR C 297 -12.66 20.24 12.29
C TYR C 297 -13.16 20.38 10.86
N TYR C 298 -12.53 19.66 9.94
CA TYR C 298 -12.61 20.01 8.53
C TYR C 298 -13.84 19.38 7.87
N THR C 299 -15.00 19.94 8.16
CA THR C 299 -16.31 19.47 7.67
C THR C 299 -16.96 20.63 6.97
N ASP C 300 -17.85 20.36 6.02
CA ASP C 300 -18.58 21.42 5.30
C ASP C 300 -19.35 22.41 6.20
N LYS C 301 -19.96 21.92 7.27
CA LYS C 301 -20.65 22.81 8.20
C LYS C 301 -19.65 23.72 8.94
N SER C 302 -18.53 23.17 9.40
CA SER C 302 -17.48 23.99 10.00
C SER C 302 -17.04 25.13 9.11
N LEU C 303 -16.76 24.85 7.83
CA LEU C 303 -16.24 25.89 6.91
C LEU C 303 -17.27 26.96 6.67
N GLU C 304 -18.53 26.57 6.45
CA GLU C 304 -19.61 27.53 6.35
C GLU C 304 -19.72 28.43 7.58
N ARG C 305 -19.72 27.83 8.76
CA ARG C 305 -19.88 28.63 9.98
C ARG C 305 -18.68 29.56 10.26
N ILE C 306 -17.45 29.09 9.98
CA ILE C 306 -16.25 29.92 10.15
C ILE C 306 -16.32 31.17 9.26
N ARG C 307 -16.73 31.00 7.99
CA ARG C 307 -16.97 32.13 7.07
C ARG C 307 -17.95 33.15 7.67
N GLU C 308 -19.11 32.66 8.13
CA GLU C 308 -20.19 33.55 8.61
C GLU C 308 -19.77 34.31 9.85
N GLU C 309 -19.21 33.61 10.84
CA GLU C 309 -18.72 34.23 12.05
C GLU C 309 -17.58 35.24 11.79
N THR C 310 -16.71 34.96 10.83
CA THR C 310 -15.63 35.87 10.52
C THR C 310 -16.17 37.16 9.90
N VAL C 311 -17.02 37.04 8.89
CA VAL C 311 -17.73 38.18 8.37
C VAL C 311 -18.44 39.00 9.48
N LYS C 312 -19.23 38.36 10.34
CA LYS C 312 -19.94 39.08 11.41
C LYS C 312 -18.98 39.86 12.31
N VAL C 313 -17.89 39.21 12.72
CA VAL C 313 -16.90 39.85 13.57
C VAL C 313 -16.32 41.09 12.92
N VAL C 314 -15.93 40.99 11.65
CA VAL C 314 -15.35 42.13 10.96
C VAL C 314 -16.37 43.26 10.81
N LYS C 315 -17.55 42.95 10.28
CA LYS C 315 -18.61 43.96 10.09
C LYS C 315 -19.05 44.63 11.39
N ALA C 316 -19.04 43.88 12.48
CA ALA C 316 -19.35 44.42 13.80
C ALA C 316 -18.29 45.42 14.21
N PHE C 317 -17.03 44.98 14.26
CA PHE C 317 -15.91 45.85 14.66
C PHE C 317 -15.86 47.17 13.92
N VAL C 318 -16.14 47.17 12.63
CA VAL C 318 -16.05 48.40 11.83
C VAL C 318 -17.17 49.34 12.16
N LYS C 319 -18.33 48.79 12.55
CA LYS C 319 -19.48 49.58 12.91
C LYS C 319 -19.42 50.02 14.36
N GLY C 320 -18.46 49.48 15.11
CA GLY C 320 -18.32 49.78 16.54
C GLY C 320 -19.26 49.00 17.46
N ASP C 321 -20.08 48.11 16.89
CA ASP C 321 -21.04 47.35 17.68
C ASP C 321 -20.36 46.16 18.34
N LEU C 322 -19.59 46.44 19.39
CA LEU C 322 -18.84 45.41 20.09
C LEU C 322 -19.75 44.48 20.89
N GLU C 323 -20.94 44.97 21.24
CA GLU C 323 -21.89 44.16 22.00
C GLU C 323 -22.30 42.90 21.21
N GLN C 324 -22.51 43.05 19.91
CA GLN C 324 -22.83 41.91 19.04
C GLN C 324 -21.91 40.68 19.23
N ILE C 325 -20.61 40.92 19.20
CA ILE C 325 -19.61 39.86 19.11
C ILE C 325 -18.98 39.61 20.47
N LYS C 326 -19.75 39.91 21.52
CA LYS C 326 -19.27 39.80 22.87
C LYS C 326 -18.79 38.37 23.17
N GLY C 327 -19.50 37.39 22.62
CA GLY C 327 -19.14 35.99 22.82
C GLY C 327 -17.82 35.62 22.15
N ASN C 328 -17.40 36.40 21.15
CA ASN C 328 -16.16 36.09 20.42
C ASN C 328 -14.87 36.52 21.09
N PHE C 329 -14.94 37.32 22.15
CA PHE C 329 -13.73 37.92 22.68
C PHE C 329 -12.90 36.95 23.51
N VAL C 330 -11.62 36.84 23.18
CA VAL C 330 -10.63 36.21 24.05
C VAL C 330 -10.06 37.32 24.95
N VAL C 331 -9.70 38.44 24.33
CA VAL C 331 -9.24 39.63 25.04
C VAL C 331 -10.18 40.78 24.69
N GLY C 332 -11.07 41.11 25.62
CA GLY C 332 -12.10 42.12 25.38
C GLY C 332 -11.65 43.52 25.77
N PRO C 333 -12.49 44.53 25.47
CA PRO C 333 -12.16 45.94 25.78
C PRO C 333 -11.76 46.20 27.24
N SER C 334 -10.67 46.96 27.43
CA SER C 334 -10.21 47.41 28.76
C SER C 334 -10.44 46.39 29.87
N ASN D 2 -24.36 -38.92 21.74
CA ASN D 2 -23.23 -38.61 20.84
C ASN D 2 -23.27 -37.17 20.33
N VAL D 3 -22.26 -36.38 20.72
CA VAL D 3 -22.23 -34.96 20.40
C VAL D 3 -21.19 -34.76 19.33
N LEU D 4 -21.54 -33.95 18.33
CA LEU D 4 -20.65 -33.65 17.23
C LEU D 4 -20.51 -32.13 17.03
N PHE D 5 -19.28 -31.64 17.16
CA PHE D 5 -18.94 -30.22 16.95
C PHE D 5 -18.19 -30.03 15.63
N THR D 6 -18.63 -29.09 14.80
CA THR D 6 -17.93 -28.79 13.54
C THR D 6 -17.51 -27.31 13.49
N SER D 7 -16.59 -27.02 12.56
CA SER D 7 -15.95 -25.69 12.42
C SER D 7 -15.49 -25.05 13.72
N VAL D 8 -15.00 -25.83 14.67
CA VAL D 8 -14.48 -25.27 15.92
C VAL D 8 -13.05 -24.71 15.66
N PRO D 9 -12.79 -23.45 16.02
CA PRO D 9 -11.41 -22.98 15.91
C PRO D 9 -10.46 -23.82 16.76
N GLN D 10 -9.29 -24.14 16.23
CA GLN D 10 -8.30 -24.94 16.98
C GLN D 10 -8.08 -24.42 18.40
N GLU D 11 -8.04 -23.10 18.55
CA GLU D 11 -7.89 -22.49 19.88
C GLU D 11 -9.02 -22.88 20.89
N ASP D 12 -10.19 -23.29 20.40
CA ASP D 12 -11.35 -23.66 21.27
C ASP D 12 -11.45 -25.16 21.60
N VAL D 13 -10.76 -25.99 20.85
CA VAL D 13 -10.85 -27.44 21.03
C VAL D 13 -10.60 -27.89 22.49
N PRO D 14 -9.45 -27.52 23.10
CA PRO D 14 -9.25 -27.92 24.49
C PRO D 14 -10.33 -27.42 25.44
N PHE D 15 -10.85 -26.23 25.18
CA PHE D 15 -11.91 -25.69 26.01
C PHE D 15 -13.12 -26.62 26.02
N TYR D 16 -13.58 -27.02 24.85
CA TYR D 16 -14.83 -27.80 24.77
C TYR D 16 -14.65 -29.22 25.31
N GLN D 17 -13.52 -29.85 25.01
CA GLN D 17 -13.21 -31.18 25.55
C GLN D 17 -13.29 -31.17 27.07
N GLU D 18 -12.79 -30.10 27.69
CA GLU D 18 -12.79 -30.01 29.14
C GLU D 18 -14.20 -29.77 29.71
N ALA D 19 -14.94 -28.86 29.09
CA ALA D 19 -16.29 -28.54 29.55
C ALA D 19 -17.25 -29.74 29.41
N LEU D 20 -17.08 -30.49 28.33
CA LEU D 20 -17.96 -31.60 27.98
C LEU D 20 -17.24 -32.94 28.12
N LYS D 21 -16.29 -33.02 29.05
CA LYS D 21 -15.51 -34.24 29.29
C LYS D 21 -16.39 -35.43 29.67
N ASP D 22 -17.50 -35.14 30.35
CA ASP D 22 -18.49 -36.18 30.72
C ASP D 22 -19.23 -36.83 29.54
N LEU D 23 -19.23 -36.20 28.36
CA LEU D 23 -19.99 -36.73 27.21
C LEU D 23 -19.12 -37.42 26.17
N SER D 24 -19.77 -38.05 25.20
CA SER D 24 -19.07 -38.70 24.11
C SER D 24 -19.01 -37.70 22.96
N LEU D 25 -17.86 -37.05 22.85
CA LEU D 25 -17.73 -35.85 22.05
C LEU D 25 -16.74 -36.01 20.89
N LYS D 26 -17.15 -35.54 19.72
CA LYS D 26 -16.27 -35.46 18.56
C LYS D 26 -16.22 -34.02 18.05
N ILE D 27 -15.01 -33.43 18.05
CA ILE D 27 -14.82 -32.05 17.60
C ILE D 27 -14.03 -32.03 16.30
N TYR D 28 -14.47 -31.19 15.37
CA TYR D 28 -13.81 -30.99 14.08
C TYR D 28 -13.57 -29.48 13.87
N THR D 29 -12.40 -29.13 13.35
CA THR D 29 -12.11 -27.75 12.96
C THR D 29 -12.55 -27.51 11.54
N THR D 30 -12.72 -28.59 10.80
CA THR D 30 -13.28 -28.57 9.44
C THR D 30 -14.81 -28.40 9.51
N ASP D 31 -15.46 -28.14 8.37
CA ASP D 31 -16.91 -27.98 8.35
C ASP D 31 -17.64 -29.34 8.23
N VAL D 32 -18.96 -29.33 8.35
CA VAL D 32 -19.75 -30.56 8.41
C VAL D 32 -19.64 -31.41 7.15
N SER D 33 -19.47 -30.77 5.99
CA SER D 33 -19.39 -31.46 4.71
C SER D 33 -18.15 -32.35 4.62
N LYS D 34 -17.14 -32.10 5.45
CA LYS D 34 -15.94 -32.92 5.46
C LYS D 34 -15.88 -33.90 6.64
N VAL D 35 -17.00 -34.12 7.33
CA VAL D 35 -17.06 -35.12 8.39
C VAL D 35 -17.39 -36.50 7.82
N PRO D 36 -16.70 -37.56 8.28
CA PRO D 36 -17.01 -38.92 7.83
C PRO D 36 -18.44 -39.39 8.17
N GLU D 37 -19.05 -40.03 7.19
CA GLU D 37 -20.45 -40.44 7.25
C GLU D 37 -20.79 -41.29 8.47
N ASN D 38 -19.89 -42.18 8.85
CA ASN D 38 -20.09 -42.99 10.07
C ASN D 38 -20.24 -42.12 11.34
N GLU D 39 -19.51 -41.00 11.40
CA GLU D 39 -19.68 -40.03 12.47
C GLU D 39 -20.96 -39.20 12.30
N LEU D 40 -21.34 -38.87 11.06
CA LEU D 40 -22.61 -38.18 10.80
C LEU D 40 -23.82 -39.01 11.29
N LYS D 41 -23.75 -40.33 11.07
CA LYS D 41 -24.81 -41.26 11.45
C LYS D 41 -24.97 -41.47 12.96
N LYS D 42 -23.86 -41.47 13.71
CA LYS D 42 -23.88 -41.58 15.18
C LYS D 42 -24.50 -40.35 15.88
N ALA D 43 -24.46 -39.19 15.21
CA ALA D 43 -24.64 -37.89 15.86
C ALA D 43 -26.07 -37.59 16.30
N GLU D 44 -26.23 -37.23 17.56
CA GLU D 44 -27.53 -36.87 18.10
C GLU D 44 -27.67 -35.38 18.39
N LEU D 45 -26.57 -34.74 18.73
CA LEU D 45 -26.50 -33.29 18.90
C LEU D 45 -25.35 -32.79 18.05
N ILE D 46 -25.61 -31.85 17.15
CA ILE D 46 -24.54 -31.25 16.36
C ILE D 46 -24.49 -29.73 16.63
N SER D 47 -23.28 -29.24 16.92
CA SER D 47 -23.03 -27.79 17.04
C SER D 47 -22.23 -27.36 15.83
N VAL D 48 -22.69 -26.31 15.15
CA VAL D 48 -22.09 -25.80 13.92
C VAL D 48 -21.90 -24.29 13.97
N PHE D 49 -21.38 -23.73 12.89
CA PHE D 49 -21.32 -22.28 12.72
C PHE D 49 -21.88 -21.94 11.35
N VAL D 50 -21.78 -20.70 10.92
CA VAL D 50 -22.62 -20.18 9.84
C VAL D 50 -22.21 -20.66 8.47
N TYR D 51 -21.01 -21.23 8.32
CA TYR D 51 -20.57 -21.75 7.00
C TYR D 51 -20.85 -23.24 6.83
N ASP D 52 -21.39 -23.90 7.87
CA ASP D 52 -21.81 -25.30 7.76
C ASP D 52 -23.18 -25.31 7.15
N LYS D 53 -23.27 -25.78 5.91
CA LYS D 53 -24.54 -25.81 5.20
C LYS D 53 -25.38 -27.02 5.62
N LEU D 54 -26.29 -26.83 6.58
CA LEU D 54 -27.19 -27.92 7.00
C LEU D 54 -28.36 -27.99 6.01
N THR D 55 -28.05 -28.58 4.87
CA THR D 55 -28.98 -28.77 3.78
C THR D 55 -29.83 -30.03 4.02
N GLU D 56 -30.93 -30.21 3.28
CA GLU D 56 -31.73 -31.44 3.46
C GLU D 56 -30.87 -32.67 3.13
N GLU D 57 -30.16 -32.58 2.01
CA GLU D 57 -29.23 -33.62 1.56
C GLU D 57 -28.23 -34.02 2.66
N LEU D 58 -27.69 -33.06 3.40
CA LEU D 58 -26.73 -33.36 4.46
C LEU D 58 -27.44 -33.92 5.69
N LEU D 59 -28.57 -33.31 6.07
CA LEU D 59 -29.32 -33.79 7.25
C LEU D 59 -29.94 -35.20 7.02
N SER D 60 -30.17 -35.57 5.77
CA SER D 60 -30.54 -36.96 5.39
C SER D 60 -29.63 -38.01 6.00
N LYS D 61 -28.34 -37.69 6.08
CA LYS D 61 -27.32 -38.63 6.47
C LYS D 61 -27.12 -38.64 7.98
N PRO D 63 -29.58 -39.72 10.59
CA PRO D 63 -30.88 -40.24 11.04
C PRO D 63 -31.13 -40.18 12.54
N ARG D 64 -30.06 -40.12 13.35
CA ARG D 64 -30.23 -40.06 14.79
C ARG D 64 -30.19 -38.64 15.38
N LEU D 65 -30.23 -37.62 14.52
CA LEU D 65 -30.12 -36.23 14.99
C LEU D 65 -31.37 -35.74 15.72
N LYS D 66 -31.22 -35.33 16.98
CA LYS D 66 -32.32 -34.68 17.75
C LYS D 66 -32.21 -33.13 17.81
N LEU D 67 -30.98 -32.60 17.92
CA LEU D 67 -30.79 -31.15 18.08
C LEU D 67 -29.65 -30.59 17.21
N ILE D 68 -29.92 -29.50 16.48
CA ILE D 68 -28.88 -28.65 15.86
C ILE D 68 -28.72 -27.36 16.66
N HIS D 69 -27.50 -27.09 17.16
CA HIS D 69 -27.16 -25.82 17.81
C HIS D 69 -26.13 -25.09 16.94
N THR D 70 -26.52 -23.92 16.43
CA THR D 70 -25.62 -23.08 15.69
C THR D 70 -25.04 -22.01 16.64
N ARG D 71 -23.71 -21.86 16.64
CA ARG D 71 -23.05 -20.97 17.55
C ARG D 71 -23.08 -19.54 17.04
N SER D 72 -24.28 -19.00 16.87
CA SER D 72 -24.49 -17.80 16.09
C SER D 72 -25.89 -17.28 16.26
N VAL D 73 -26.10 -16.00 15.91
CA VAL D 73 -27.45 -15.43 15.82
C VAL D 73 -28.22 -15.94 14.63
N GLY D 74 -27.54 -15.96 13.48
CA GLY D 74 -28.19 -16.32 12.24
C GLY D 74 -28.40 -17.83 12.18
N PHE D 75 -29.48 -18.24 11.51
CA PHE D 75 -29.79 -19.67 11.27
C PHE D 75 -30.21 -19.94 9.81
N ASP D 76 -29.98 -18.98 8.91
CA ASP D 76 -30.35 -19.11 7.51
C ASP D 76 -29.58 -20.21 6.76
N HIS D 77 -28.47 -20.67 7.34
CA HIS D 77 -27.68 -21.78 6.79
C HIS D 77 -28.30 -23.16 7.15
N ILE D 78 -29.43 -23.18 7.86
CA ILE D 78 -30.06 -24.44 8.32
C ILE D 78 -31.44 -24.57 7.66
N ASP D 79 -31.71 -25.71 7.00
CA ASP D 79 -33.04 -26.01 6.45
C ASP D 79 -34.08 -26.29 7.57
N LEU D 80 -34.80 -25.24 7.97
CA LEU D 80 -35.74 -25.34 9.09
C LEU D 80 -37.02 -26.17 8.78
N ASP D 81 -37.50 -26.07 7.55
CA ASP D 81 -38.62 -26.90 7.07
C ASP D 81 -38.30 -28.40 7.19
N TYR D 82 -37.14 -28.83 6.70
CA TYR D 82 -36.74 -30.22 6.89
C TYR D 82 -36.66 -30.60 8.40
N CYS D 83 -36.02 -29.76 9.21
CA CYS D 83 -36.00 -29.99 10.67
C CYS D 83 -37.41 -30.15 11.27
N LYS D 84 -38.32 -29.26 10.88
CA LYS D 84 -39.70 -29.26 11.38
C LYS D 84 -40.40 -30.56 11.03
N LYS D 85 -40.32 -30.98 9.76
CA LYS D 85 -40.97 -32.23 9.40
C LYS D 85 -40.35 -33.48 10.03
N LYS D 86 -39.08 -33.43 10.42
CA LYS D 86 -38.46 -34.57 11.07
C LYS D 86 -38.43 -34.51 12.58
N GLY D 87 -38.88 -33.41 13.17
CA GLY D 87 -38.84 -33.24 14.62
C GLY D 87 -37.47 -32.87 15.20
N ILE D 88 -36.55 -32.41 14.35
CA ILE D 88 -35.24 -31.95 14.86
C ILE D 88 -35.38 -30.58 15.51
N LEU D 89 -34.94 -30.48 16.75
CA LEU D 89 -34.90 -29.19 17.43
C LEU D 89 -33.72 -28.38 16.88
N VAL D 90 -33.89 -27.05 16.80
CA VAL D 90 -32.83 -26.14 16.37
C VAL D 90 -32.62 -25.02 17.38
N THR D 91 -31.39 -24.86 17.89
CA THR D 91 -31.04 -23.77 18.78
C THR D 91 -30.00 -22.82 18.15
N HIS D 92 -29.97 -21.59 18.67
CA HIS D 92 -29.00 -20.59 18.28
C HIS D 92 -28.63 -19.76 19.52
N ILE D 93 -27.82 -18.72 19.34
CA ILE D 93 -27.37 -17.86 20.43
C ILE D 93 -27.81 -16.45 20.06
N PRO D 94 -28.99 -16.01 20.57
CA PRO D 94 -29.61 -14.82 20.02
C PRO D 94 -28.95 -13.50 20.43
N ALA D 95 -28.17 -13.52 21.50
CA ALA D 95 -27.74 -12.26 22.12
C ALA D 95 -26.40 -12.39 22.81
N TYR D 96 -25.43 -13.06 22.19
CA TYR D 96 -24.08 -13.06 22.75
C TYR D 96 -23.51 -11.62 22.79
N SER D 97 -23.82 -10.80 21.79
CA SER D 97 -23.36 -9.42 21.79
C SER D 97 -23.86 -8.66 20.59
N PRO D 98 -25.10 -8.18 20.64
CA PRO D 98 -25.51 -7.30 19.57
C PRO D 98 -24.71 -6.00 19.56
N GLU D 99 -24.12 -5.60 20.67
CA GLU D 99 -23.30 -4.41 20.70
C GLU D 99 -22.07 -4.52 19.79
N SER D 100 -21.43 -5.68 19.76
CA SER D 100 -20.26 -5.90 18.87
C SER D 100 -20.59 -5.47 17.45
N VAL D 101 -21.70 -5.97 16.91
CA VAL D 101 -22.06 -5.64 15.52
C VAL D 101 -22.54 -4.23 15.32
N ALA D 102 -23.25 -3.68 16.30
CA ALA D 102 -23.72 -2.33 16.16
C ALA D 102 -22.55 -1.33 16.28
N GLU D 103 -21.56 -1.62 17.10
CA GLU D 103 -20.35 -0.79 17.17
C GLU D 103 -19.59 -0.85 15.83
N HIS D 104 -19.49 -2.05 15.25
CA HIS D 104 -18.84 -2.20 13.95
C HIS D 104 -19.52 -1.37 12.87
N THR D 105 -20.86 -1.42 12.83
CA THR D 105 -21.63 -0.63 11.86
C THR D 105 -21.25 0.81 11.99
N PHE D 106 -21.21 1.32 13.21
CA PHE D 106 -20.84 2.71 13.39
C PHE D 106 -19.37 3.03 13.08
N ALA D 107 -18.47 2.10 13.35
CA ALA D 107 -17.08 2.27 12.93
C ALA D 107 -17.02 2.46 11.41
N ILE D 109 -19.58 3.52 9.34
CA ILE D 109 -20.23 4.78 9.00
C ILE D 109 -19.28 5.97 9.22
N LEU D 110 -18.62 5.98 10.40
CA LEU D 110 -17.64 7.06 10.73
C LEU D 110 -16.41 7.05 9.81
N THR D 111 -15.89 5.87 9.53
CA THR D 111 -14.80 5.72 8.57
C THR D 111 -15.13 6.41 7.26
N LEU D 112 -16.33 6.17 6.75
CA LEU D 112 -16.69 6.64 5.42
C LEU D 112 -16.99 8.10 5.41
N VAL D 113 -17.73 8.55 6.43
CA VAL D 113 -18.19 9.94 6.45
C VAL D 113 -17.00 10.85 6.75
N LYS D 114 -16.08 10.38 7.57
CA LYS D 114 -14.84 11.13 7.86
C LYS D 114 -13.70 10.93 6.82
N ARG D 115 -13.99 10.11 5.81
CA ARG D 115 -13.09 9.87 4.71
C ARG D 115 -11.71 9.43 5.14
N LEU D 116 -11.66 8.54 6.13
CA LEU D 116 -10.40 8.14 6.74
C LEU D 116 -9.49 7.37 5.75
N LYS D 117 -10.10 6.60 4.86
CA LYS D 117 -9.32 5.77 3.93
C LYS D 117 -8.63 6.69 2.92
N ARG D 118 -9.33 7.72 2.43
CA ARG D 118 -8.68 8.66 1.54
C ARG D 118 -7.57 9.49 2.20
N ILE D 119 -7.82 9.91 3.45
CA ILE D 119 -6.85 10.66 4.20
C ILE D 119 -5.58 9.83 4.44
N GLU D 120 -5.75 8.58 4.84
CA GLU D 120 -4.66 7.63 4.99
C GLU D 120 -3.80 7.50 3.67
N ASP D 121 -4.44 7.41 2.51
CA ASP D 121 -3.70 7.30 1.23
C ASP D 121 -2.86 8.54 1.05
N ARG D 122 -3.42 9.72 1.40
CA ARG D 122 -2.70 10.98 1.26
C ARG D 122 -1.51 11.05 2.20
N VAL D 123 -1.74 10.67 3.47
CA VAL D 123 -0.71 10.70 4.48
C VAL D 123 0.46 9.75 4.15
N LYS D 124 0.15 8.59 3.59
CA LYS D 124 1.18 7.63 3.12
C LYS D 124 2.04 8.21 2.03
N LYS D 125 1.54 9.20 1.30
CA LYS D 125 2.31 9.91 0.27
C LYS D 125 2.92 11.20 0.77
N LEU D 126 2.99 11.38 2.10
CA LEU D 126 3.42 12.64 2.72
CA LEU D 126 3.44 12.62 2.71
C LEU D 126 2.62 13.82 2.22
N ASN D 127 1.35 13.59 1.86
CA ASN D 127 0.45 14.67 1.54
C ASN D 127 -0.43 14.99 2.79
N PHE D 128 -0.01 16.00 3.55
CA PHE D 128 -0.69 16.44 4.77
C PHE D 128 -1.48 17.72 4.55
N SER D 129 -1.75 18.07 3.30
CA SER D 129 -2.54 19.26 3.02
C SER D 129 -4.04 19.01 3.19
N GLN D 130 -4.81 20.09 3.16
CA GLN D 130 -6.27 20.07 3.30
C GLN D 130 -6.88 20.64 2.05
N ASP D 131 -7.82 19.92 1.46
CA ASP D 131 -8.55 20.46 0.36
C ASP D 131 -9.90 19.73 0.24
N SER D 132 -10.73 20.15 -0.71
CA SER D 132 -12.10 19.68 -0.77
C SER D 132 -12.19 18.17 -1.00
N GLU D 133 -11.12 17.54 -1.49
CA GLU D 133 -11.13 16.09 -1.71
C GLU D 133 -11.23 15.29 -0.42
N ILE D 134 -10.91 15.87 0.74
CA ILE D 134 -11.11 15.21 2.01
C ILE D 134 -12.05 16.00 2.94
N LEU D 135 -12.77 16.97 2.39
CA LEU D 135 -13.78 17.70 3.16
C LEU D 135 -14.86 16.73 3.67
N ALA D 136 -15.03 16.65 4.99
CA ALA D 136 -15.93 15.68 5.60
C ALA D 136 -17.34 16.24 5.77
N ARG D 137 -18.26 15.33 6.07
CA ARG D 137 -19.61 15.71 6.47
C ARG D 137 -19.80 15.41 7.95
N GLU D 138 -20.86 15.95 8.56
CA GLU D 138 -21.17 15.60 9.97
C GLU D 138 -22.41 14.73 10.11
N LEU D 139 -22.33 13.73 10.97
CA LEU D 139 -23.44 12.82 11.24
C LEU D 139 -24.63 13.60 11.78
N ASN D 140 -24.41 14.58 12.66
CA ASN D 140 -25.56 15.37 13.19
C ASN D 140 -26.35 16.11 12.11
N ARG D 141 -25.81 16.20 10.90
CA ARG D 141 -26.56 16.81 9.79
C ARG D 141 -27.18 15.74 8.89
N LEU D 142 -27.13 14.48 9.26
CA LEU D 142 -27.58 13.46 8.36
C LEU D 142 -28.77 12.69 8.93
N THR D 143 -29.47 12.02 8.00
CA THR D 143 -30.55 11.12 8.29
C THR D 143 -30.07 9.70 8.12
N LEU D 144 -30.19 8.93 9.18
CA LEU D 144 -29.92 7.49 9.18
C LEU D 144 -31.21 6.69 8.99
N GLY D 145 -31.21 5.75 8.03
CA GLY D 145 -32.26 4.72 7.86
C GLY D 145 -31.82 3.35 8.34
N VAL D 146 -32.50 2.80 9.34
CA VAL D 146 -32.17 1.51 9.89
C VAL D 146 -33.22 0.50 9.44
N ILE D 147 -32.80 -0.50 8.68
CA ILE D 147 -33.70 -1.51 8.17
C ILE D 147 -33.50 -2.73 9.03
N GLY D 148 -34.48 -2.98 9.91
CA GLY D 148 -34.39 -4.03 10.93
C GLY D 148 -34.01 -3.43 12.28
N THR D 149 -34.97 -3.41 13.21
CA THR D 149 -34.74 -2.75 14.51
C THR D 149 -34.86 -3.79 15.60
N GLY D 150 -34.09 -4.87 15.44
CA GLY D 150 -34.01 -5.91 16.44
C GLY D 150 -32.90 -5.61 17.43
N ARG D 151 -32.28 -6.66 17.97
CA ARG D 151 -31.25 -6.45 18.99
C ARG D 151 -30.08 -5.63 18.48
N ILE D 152 -29.66 -5.88 17.24
CA ILE D 152 -28.58 -5.11 16.67
C ILE D 152 -29.04 -3.76 16.14
N GLY D 153 -30.07 -3.75 15.30
CA GLY D 153 -30.51 -2.51 14.67
C GLY D 153 -31.04 -1.46 15.62
N SER D 154 -31.62 -1.88 16.72
CA SER D 154 -32.14 -0.90 17.68
C SER D 154 -30.95 -0.18 18.33
N ARG D 155 -29.86 -0.90 18.57
CA ARG D 155 -28.67 -0.26 19.13
C ARG D 155 -28.04 0.66 18.13
N VAL D 156 -27.97 0.26 16.87
CA VAL D 156 -27.55 1.17 15.82
C VAL D 156 -28.40 2.45 15.80
N ALA D 157 -29.73 2.31 15.87
CA ALA D 157 -30.61 3.50 15.87
C ALA D 157 -30.35 4.43 17.08
N TYR D 159 -27.39 4.66 18.78
CA TYR D 159 -26.12 5.36 18.52
C TYR D 159 -26.38 6.55 17.63
N GLY D 160 -27.17 6.37 16.58
CA GLY D 160 -27.45 7.46 15.68
C GLY D 160 -28.13 8.64 16.36
N LEU D 161 -29.07 8.32 17.24
CA LEU D 161 -29.75 9.37 18.00
C LEU D 161 -28.74 10.12 18.87
N ALA D 162 -27.84 9.40 19.55
CA ALA D 162 -26.79 10.08 20.36
C ALA D 162 -25.90 10.98 19.52
N PHE D 163 -25.67 10.64 18.25
CA PHE D 163 -24.90 11.51 17.37
C PHE D 163 -25.69 12.66 16.81
N GLY D 164 -26.94 12.83 17.24
CA GLY D 164 -27.77 13.95 16.74
C GLY D 164 -28.33 13.71 15.35
N LYS D 166 -31.10 12.50 12.65
CA LYS D 166 -32.50 12.07 12.42
C LYS D 166 -32.45 10.57 12.05
N VAL D 167 -33.17 9.74 12.79
CA VAL D 167 -33.20 8.31 12.55
C VAL D 167 -34.57 7.83 12.11
N LEU D 168 -34.60 7.26 10.90
CA LEU D 168 -35.76 6.55 10.37
C LEU D 168 -35.58 5.05 10.58
N CYS D 169 -36.68 4.37 10.93
CA CYS D 169 -36.66 2.96 11.28
C CYS D 169 -37.69 2.24 10.42
N TYR D 170 -37.34 1.06 9.95
CA TYR D 170 -38.26 0.21 9.23
C TYR D 170 -38.11 -1.20 9.78
N ASP D 171 -39.23 -1.84 10.11
CA ASP D 171 -39.25 -3.22 10.63
C ASP D 171 -40.69 -3.78 10.50
N VAL D 172 -40.84 -5.10 10.43
CA VAL D 172 -42.19 -5.70 10.46
C VAL D 172 -42.92 -5.44 11.78
N VAL D 173 -42.16 -5.15 12.84
CA VAL D 173 -42.69 -4.87 14.17
C VAL D 173 -42.19 -3.51 14.62
N LYS D 174 -43.11 -2.60 14.95
CA LYS D 174 -42.79 -1.29 15.58
C LYS D 174 -42.45 -1.44 17.08
N ARG D 175 -41.40 -0.77 17.54
CA ARG D 175 -41.02 -0.77 18.98
C ARG D 175 -41.28 0.57 19.60
N GLU D 176 -41.97 0.58 20.73
CA GLU D 176 -42.30 1.83 21.42
C GLU D 176 -41.09 2.48 22.05
N ASP D 177 -40.23 1.64 22.64
CA ASP D 177 -39.00 2.14 23.25
C ASP D 177 -38.17 2.99 22.28
N LEU D 178 -38.05 2.57 21.01
CA LEU D 178 -37.31 3.35 19.99
C LEU D 178 -38.05 4.60 19.58
N LYS D 179 -39.37 4.47 19.42
CA LYS D 179 -40.20 5.61 19.07
C LYS D 179 -40.10 6.70 20.14
N GLU D 180 -40.11 6.28 21.40
CA GLU D 180 -40.05 7.23 22.50
C GLU D 180 -38.69 7.94 22.55
N LYS D 181 -37.62 7.22 22.18
CA LYS D 181 -36.30 7.83 22.12
C LYS D 181 -36.14 8.80 20.91
N GLY D 182 -37.11 8.81 19.98
CA GLY D 182 -37.06 9.72 18.83
C GLY D 182 -36.94 9.11 17.42
N CYS D 183 -36.84 7.78 17.29
CA CYS D 183 -36.83 7.17 15.97
CA CYS D 183 -36.82 7.16 15.95
C CYS D 183 -38.22 7.31 15.33
N VAL D 184 -38.25 7.61 14.04
CA VAL D 184 -39.48 7.72 13.31
C VAL D 184 -39.68 6.46 12.45
N TYR D 185 -40.61 5.58 12.85
CA TYR D 185 -40.94 4.44 11.99
C TYR D 185 -41.61 4.91 10.71
N THR D 186 -41.21 4.37 9.58
CA THR D 186 -41.76 4.82 8.32
C THR D 186 -41.86 3.62 7.39
N SER D 187 -42.34 3.85 6.17
CA SER D 187 -42.35 2.78 5.19
C SER D 187 -40.94 2.62 4.55
N LEU D 188 -40.70 1.45 3.96
CA LEU D 188 -39.41 1.17 3.33
C LEU D 188 -39.11 2.19 2.26
N ASP D 189 -40.09 2.50 1.43
CA ASP D 189 -39.82 3.41 0.32
C ASP D 189 -39.50 4.83 0.79
N GLU D 190 -40.09 5.25 1.92
CA GLU D 190 -39.78 6.57 2.49
CA GLU D 190 -39.79 6.57 2.48
C GLU D 190 -38.38 6.61 3.08
N LEU D 191 -38.01 5.53 3.77
CA LEU D 191 -36.69 5.40 4.38
C LEU D 191 -35.60 5.45 3.29
N LEU D 192 -35.80 4.68 2.21
CA LEU D 192 -34.90 4.64 1.06
C LEU D 192 -34.75 6.00 0.37
N LYS D 193 -35.80 6.76 0.25
CA LYS D 193 -35.72 8.05 -0.46
C LYS D 193 -35.16 9.17 0.41
N GLU D 194 -35.27 9.01 1.72
CA GLU D 194 -34.95 10.14 2.60
C GLU D 194 -33.65 9.95 3.36
N SER D 195 -33.11 8.73 3.43
CA SER D 195 -31.93 8.50 4.25
C SER D 195 -30.64 8.97 3.54
N ASP D 196 -29.70 9.52 4.29
CA ASP D 196 -28.36 9.81 3.77
C ASP D 196 -27.42 8.61 4.00
N VAL D 197 -27.68 7.87 5.08
CA VAL D 197 -26.98 6.63 5.45
C VAL D 197 -28.01 5.56 5.73
N ILE D 198 -27.88 4.41 5.07
CA ILE D 198 -28.81 3.31 5.23
C ILE D 198 -28.02 2.15 5.75
N SER D 199 -28.52 1.53 6.81
CA SER D 199 -27.86 0.36 7.35
C SER D 199 -28.84 -0.80 7.53
N LEU D 200 -28.37 -2.02 7.24
CA LEU D 200 -29.20 -3.22 7.17
C LEU D 200 -28.95 -4.13 8.32
N HIS D 201 -30.03 -4.61 8.96
CA HIS D 201 -29.94 -5.44 10.15
C HIS D 201 -31.11 -6.45 10.25
N VAL D 202 -31.45 -7.04 9.12
CA VAL D 202 -32.50 -8.05 9.05
C VAL D 202 -31.85 -9.38 8.81
N PRO D 203 -32.54 -10.47 9.20
CA PRO D 203 -32.09 -11.80 8.89
C PRO D 203 -32.29 -12.10 7.39
N TYR D 204 -31.53 -13.06 6.88
CA TYR D 204 -31.78 -13.57 5.53
C TYR D 204 -32.96 -14.54 5.54
N THR D 205 -34.03 -14.22 4.82
CA THR D 205 -35.15 -15.12 4.59
C THR D 205 -35.59 -15.00 3.13
N LYS D 206 -36.62 -15.76 2.75
CA LYS D 206 -37.15 -15.63 1.40
C LYS D 206 -37.65 -14.21 1.17
N GLU D 207 -38.10 -13.53 2.20
CA GLU D 207 -38.65 -12.19 2.05
C GLU D 207 -37.55 -11.11 2.02
N THR D 208 -36.39 -11.34 2.62
CA THR D 208 -35.30 -10.33 2.56
C THR D 208 -34.30 -10.60 1.42
N HIS D 209 -34.47 -11.74 0.73
CA HIS D 209 -33.60 -12.08 -0.40
C HIS D 209 -33.53 -11.00 -1.45
N HIS D 210 -32.35 -10.42 -1.72
CA HIS D 210 -32.23 -9.35 -2.73
C HIS D 210 -33.24 -8.24 -2.51
N ILE D 212 -32.40 -5.41 -1.26
CA ILE D 212 -31.70 -4.28 -1.85
C ILE D 212 -31.29 -4.67 -3.28
N ASN D 213 -32.15 -4.32 -4.22
CA ASN D 213 -32.02 -4.72 -5.61
C ASN D 213 -31.94 -3.47 -6.44
N GLU D 214 -31.99 -3.63 -7.76
CA GLU D 214 -31.91 -2.53 -8.71
C GLU D 214 -32.94 -1.43 -8.47
N GLU D 215 -34.21 -1.81 -8.37
CA GLU D 215 -35.28 -0.84 -8.14
C GLU D 215 -35.07 -0.03 -6.85
N ARG D 216 -34.81 -0.71 -5.75
CA ARG D 216 -34.66 0.02 -4.48
C ARG D 216 -33.43 0.90 -4.34
N ILE D 217 -32.31 0.44 -4.91
CA ILE D 217 -31.09 1.26 -5.01
C ILE D 217 -31.42 2.55 -5.81
N SER D 218 -32.20 2.40 -6.88
CA SER D 218 -32.60 3.58 -7.67
C SER D 218 -33.45 4.60 -6.86
N LEU D 219 -34.12 4.15 -5.81
CA LEU D 219 -34.87 5.07 -4.92
C LEU D 219 -33.97 5.88 -3.94
N LYS D 221 -30.99 8.25 -2.44
CA LYS D 221 -30.41 9.51 -2.93
C LYS D 221 -29.11 9.17 -3.63
N ASP D 222 -28.80 9.95 -4.67
CA ASP D 222 -27.42 10.04 -5.17
C ASP D 222 -26.49 10.53 -4.04
N GLY D 223 -25.39 9.83 -3.81
CA GLY D 223 -24.50 10.14 -2.69
C GLY D 223 -24.79 9.42 -1.38
N VAL D 224 -25.75 8.51 -1.38
CA VAL D 224 -26.09 7.78 -0.19
C VAL D 224 -24.89 6.93 0.23
N TYR D 225 -24.80 6.68 1.53
CA TYR D 225 -23.88 5.73 2.11
C TYR D 225 -24.68 4.49 2.46
N LEU D 226 -24.20 3.30 2.11
CA LEU D 226 -24.91 2.07 2.40
C LEU D 226 -24.04 1.10 3.15
N ILE D 227 -24.57 0.60 4.26
CA ILE D 227 -23.91 -0.33 5.12
C ILE D 227 -24.69 -1.64 5.16
N ASN D 228 -23.94 -2.75 5.09
CA ASN D 228 -24.47 -4.08 5.30
C ASN D 228 -23.63 -4.91 6.24
N THR D 229 -24.19 -5.15 7.42
CA THR D 229 -23.66 -6.13 8.36
C THR D 229 -24.67 -7.25 8.65
N ALA D 230 -25.65 -7.41 7.75
CA ALA D 230 -26.72 -8.38 7.99
C ALA D 230 -26.33 -9.73 7.40
N ARG D 231 -26.72 -9.92 6.14
CA ARG D 231 -26.35 -11.07 5.37
C ARG D 231 -26.10 -10.63 3.96
N GLY D 232 -25.14 -11.27 3.31
CA GLY D 232 -24.81 -10.95 1.92
C GLY D 232 -25.98 -11.02 0.96
N LYS D 233 -26.78 -12.08 1.06
CA LYS D 233 -27.84 -12.26 0.07
C LYS D 233 -29.03 -11.30 0.21
N VAL D 234 -29.00 -10.38 1.19
CA VAL D 234 -30.02 -9.36 1.35
C VAL D 234 -29.83 -8.27 0.27
N VAL D 235 -28.62 -8.21 -0.30
CA VAL D 235 -28.25 -7.26 -1.31
C VAL D 235 -27.91 -8.00 -2.60
N ASP D 236 -28.46 -7.50 -3.72
CA ASP D 236 -28.09 -7.95 -5.03
C ASP D 236 -26.73 -7.29 -5.40
N THR D 237 -25.67 -8.06 -5.16
CA THR D 237 -24.28 -7.61 -5.40
C THR D 237 -24.09 -7.07 -6.81
N ASP D 238 -24.70 -7.71 -7.81
CA ASP D 238 -24.58 -7.25 -9.18
C ASP D 238 -25.18 -5.86 -9.39
N ALA D 239 -26.35 -5.62 -8.80
CA ALA D 239 -26.98 -4.30 -8.89
C ALA D 239 -26.18 -3.28 -8.10
N LEU D 240 -25.66 -3.69 -6.95
CA LEU D 240 -24.78 -2.82 -6.13
C LEU D 240 -23.54 -2.36 -6.92
N TYR D 241 -22.85 -3.34 -7.48
CA TYR D 241 -21.64 -3.08 -8.28
C TYR D 241 -21.94 -2.15 -9.42
N ARG D 242 -23.03 -2.39 -10.16
CA ARG D 242 -23.41 -1.51 -11.29
C ARG D 242 -23.68 -0.08 -10.83
N ALA D 243 -24.41 0.06 -9.73
CA ALA D 243 -24.73 1.38 -9.21
C ALA D 243 -23.45 2.11 -8.76
N TYR D 244 -22.57 1.35 -8.09
CA TYR D 244 -21.29 1.89 -7.66
C TYR D 244 -20.52 2.45 -8.84
N GLN D 245 -20.40 1.66 -9.92
CA GLN D 245 -19.66 2.10 -11.11
C GLN D 245 -20.28 3.35 -11.76
N ARG D 246 -21.57 3.61 -11.56
CA ARG D 246 -22.17 4.84 -12.07
C ARG D 246 -22.02 6.03 -11.11
N GLY D 247 -21.40 5.81 -9.94
CA GLY D 247 -21.22 6.91 -8.98
C GLY D 247 -22.38 7.13 -8.01
N LYS D 248 -23.19 6.10 -7.76
CA LYS D 248 -24.38 6.25 -6.93
C LYS D 248 -24.04 6.59 -5.47
N PHE D 249 -22.92 6.09 -4.97
CA PHE D 249 -22.67 6.07 -3.56
C PHE D 249 -21.55 7.00 -3.15
N SER D 250 -21.71 7.66 -2.00
CA SER D 250 -20.61 8.35 -1.34
C SER D 250 -19.74 7.31 -0.68
N GLY D 251 -20.31 6.19 -0.26
CA GLY D 251 -19.50 5.14 0.35
C GLY D 251 -20.29 3.87 0.60
N LEU D 252 -19.57 2.75 0.79
CA LEU D 252 -20.14 1.45 1.04
C LEU D 252 -19.36 0.80 2.13
N GLY D 253 -20.05 0.14 3.04
CA GLY D 253 -19.44 -0.59 4.10
C GLY D 253 -20.13 -1.95 4.14
N LEU D 254 -19.38 -2.99 3.78
CA LEU D 254 -19.90 -4.35 3.70
C LEU D 254 -19.05 -5.26 4.56
N ASP D 255 -19.66 -5.86 5.58
CA ASP D 255 -19.00 -6.87 6.37
C ASP D 255 -19.44 -8.26 5.92
N VAL D 256 -20.49 -8.29 5.10
CA VAL D 256 -21.06 -9.53 4.59
C VAL D 256 -21.39 -9.28 3.13
N PHE D 257 -21.25 -10.32 2.34
CA PHE D 257 -21.48 -10.19 0.91
C PHE D 257 -21.67 -11.55 0.27
N GLU D 258 -22.37 -11.56 -0.85
CA GLU D 258 -22.62 -12.79 -1.58
C GLU D 258 -21.34 -13.53 -1.93
N ASP D 259 -21.32 -14.82 -1.62
CA ASP D 259 -20.22 -15.71 -1.95
C ASP D 259 -19.00 -15.48 -1.09
N GLU D 260 -19.19 -14.75 0.02
CA GLU D 260 -18.11 -14.40 0.93
C GLU D 260 -17.31 -15.61 1.35
N GLU D 261 -17.96 -16.77 1.46
CA GLU D 261 -17.28 -17.93 2.02
C GLU D 261 -16.13 -18.46 1.17
N ILE D 262 -16.18 -18.14 -0.12
CA ILE D 262 -15.13 -18.57 -1.06
C ILE D 262 -13.82 -17.88 -0.72
N LEU D 263 -13.89 -16.60 -0.39
CA LEU D 263 -12.73 -15.81 0.09
C LEU D 263 -12.38 -16.08 1.52
N ILE D 264 -13.39 -16.09 2.40
CA ILE D 264 -13.13 -16.27 3.83
C ILE D 264 -12.50 -17.63 4.14
N LEU D 265 -12.93 -18.67 3.45
CA LEU D 265 -12.38 -20.02 3.67
C LEU D 265 -11.45 -20.46 2.54
N LYS D 266 -11.04 -19.55 1.66
CA LYS D 266 -10.16 -19.88 0.54
C LYS D 266 -10.63 -21.12 -0.23
N LYS D 267 -11.91 -21.18 -0.60
CA LYS D 267 -12.43 -22.33 -1.33
C LYS D 267 -11.92 -22.37 -2.79
N TYR D 268 -11.37 -21.26 -3.27
CA TYR D 268 -10.67 -21.25 -4.55
C TYR D 268 -9.44 -22.18 -4.60
N THR D 269 -8.94 -22.65 -3.46
CA THR D 269 -7.92 -23.67 -3.48
C THR D 269 -8.50 -25.02 -3.89
N GLU D 270 -9.83 -25.17 -3.86
CA GLU D 270 -10.49 -26.37 -4.35
C GLU D 270 -11.40 -26.09 -5.55
N GLY D 271 -11.07 -25.08 -6.35
CA GLY D 271 -11.77 -24.88 -7.62
C GLY D 271 -12.90 -23.88 -7.66
N LYS D 272 -13.34 -23.38 -6.51
CA LYS D 272 -14.47 -22.45 -6.48
C LYS D 272 -14.06 -21.02 -6.75
N ALA D 273 -14.94 -20.29 -7.42
CA ALA D 273 -14.77 -18.87 -7.65
C ALA D 273 -16.05 -18.34 -8.30
N THR D 274 -16.46 -17.11 -8.01
CA THR D 274 -17.56 -16.50 -8.72
C THR D 274 -17.19 -15.09 -9.10
N ASP D 275 -17.95 -14.54 -10.04
CA ASP D 275 -17.81 -13.15 -10.45
C ASP D 275 -18.07 -12.14 -9.36
N LYS D 276 -18.82 -12.55 -8.34
CA LYS D 276 -19.09 -11.66 -7.20
C LYS D 276 -17.88 -11.54 -6.31
N ASN D 277 -17.04 -12.58 -6.30
CA ASN D 277 -15.77 -12.54 -5.60
C ASN D 277 -14.90 -11.41 -6.21
N LEU D 278 -14.78 -11.40 -7.53
CA LEU D 278 -13.99 -10.39 -8.21
C LEU D 278 -14.54 -8.97 -8.12
N LYS D 279 -15.87 -8.83 -8.20
CA LYS D 279 -16.51 -7.52 -7.99
C LYS D 279 -16.24 -6.94 -6.60
N ILE D 280 -16.29 -7.78 -5.56
CA ILE D 280 -16.05 -7.35 -4.20
C ILE D 280 -14.56 -6.98 -4.02
N LEU D 281 -13.66 -7.81 -4.55
CA LEU D 281 -12.22 -7.51 -4.51
C LEU D 281 -11.92 -6.21 -5.18
N GLU D 282 -12.60 -5.90 -6.28
CA GLU D 282 -12.41 -4.62 -6.93
C GLU D 282 -12.93 -3.48 -6.08
N LEU D 283 -14.10 -3.71 -5.44
CA LEU D 283 -14.69 -2.64 -4.66
C LEU D 283 -13.79 -2.39 -3.45
N ALA D 284 -13.26 -3.45 -2.86
CA ALA D 284 -12.39 -3.38 -1.68
C ALA D 284 -11.22 -2.40 -1.78
N CYS D 285 -10.75 -2.14 -3.02
CA CYS D 285 -9.61 -1.27 -3.31
C CYS D 285 -10.01 0.17 -3.41
N LYS D 286 -11.31 0.47 -3.45
CA LYS D 286 -11.73 1.85 -3.66
C LYS D 286 -11.55 2.65 -2.37
N ASP D 287 -11.28 3.95 -2.50
CA ASP D 287 -11.02 4.72 -1.30
C ASP D 287 -12.28 5.13 -0.51
N ASN D 288 -13.48 4.83 -1.03
CA ASN D 288 -14.76 5.13 -0.34
C ASN D 288 -15.54 3.86 -0.09
N VAL D 289 -14.83 2.76 0.05
CA VAL D 289 -15.44 1.49 0.33
C VAL D 289 -14.65 0.82 1.42
N ILE D 290 -15.33 0.24 2.39
CA ILE D 290 -14.65 -0.60 3.34
C ILE D 290 -15.30 -1.98 3.30
N ILE D 291 -14.47 -3.03 3.15
CA ILE D 291 -14.91 -4.40 3.14
C ILE D 291 -14.21 -5.13 4.26
N THR D 292 -14.97 -5.83 5.10
CA THR D 292 -14.38 -6.60 6.19
C THR D 292 -14.90 -8.02 6.11
N PRO D 293 -14.11 -9.00 6.59
CA PRO D 293 -14.50 -10.39 6.31
C PRO D 293 -15.48 -11.01 7.32
N HIS D 294 -16.66 -10.47 7.39
CA HIS D 294 -17.67 -11.00 8.32
C HIS D 294 -17.09 -11.05 9.72
N ILE D 295 -16.56 -9.92 10.20
CA ILE D 295 -15.99 -9.93 11.54
C ILE D 295 -16.63 -8.93 12.51
N ALA D 296 -17.78 -8.36 12.14
CA ALA D 296 -18.48 -7.40 13.01
C ALA D 296 -18.68 -7.99 14.39
N TYR D 297 -18.97 -9.29 14.45
CA TYR D 297 -19.19 -10.00 15.72
C TYR D 297 -17.91 -10.35 16.49
N TYR D 298 -16.75 -10.15 15.86
CA TYR D 298 -15.55 -10.86 16.27
C TYR D 298 -14.77 -10.06 17.33
N THR D 299 -15.31 -10.06 18.54
CA THR D 299 -14.71 -9.39 19.68
C THR D 299 -14.47 -10.43 20.78
N ASP D 300 -13.69 -10.06 21.80
CA ASP D 300 -13.34 -10.95 22.87
C ASP D 300 -14.56 -11.37 23.71
N LYS D 301 -15.45 -10.41 23.98
CA LYS D 301 -16.70 -10.70 24.70
C LYS D 301 -17.62 -11.67 23.93
N SER D 302 -17.89 -11.38 22.65
CA SER D 302 -18.61 -12.32 21.77
C SER D 302 -18.11 -13.78 21.91
N LEU D 303 -16.82 -14.01 21.68
CA LEU D 303 -16.24 -15.35 21.69
C LEU D 303 -16.41 -16.03 23.06
N GLU D 304 -16.18 -15.26 24.12
CA GLU D 304 -16.40 -15.75 25.48
C GLU D 304 -17.87 -16.17 25.68
N ARG D 305 -18.81 -15.31 25.29
CA ARG D 305 -20.23 -15.56 25.51
C ARG D 305 -20.75 -16.73 24.67
N ILE D 306 -20.24 -16.85 23.43
CA ILE D 306 -20.55 -17.98 22.56
C ILE D 306 -20.07 -19.30 23.16
N ARG D 307 -18.86 -19.33 23.72
CA ARG D 307 -18.38 -20.52 24.42
C ARG D 307 -19.30 -20.91 25.61
N GLU D 308 -19.64 -19.93 26.45
CA GLU D 308 -20.48 -20.14 27.63
C GLU D 308 -21.90 -20.64 27.26
N GLU D 309 -22.59 -19.89 26.40
CA GLU D 309 -23.94 -20.27 25.97
C GLU D 309 -23.97 -21.65 25.35
N THR D 310 -22.91 -22.02 24.64
CA THR D 310 -22.86 -23.29 23.95
C THR D 310 -22.75 -24.47 24.95
N VAL D 311 -21.87 -24.39 25.94
CA VAL D 311 -21.79 -25.49 26.92
C VAL D 311 -23.11 -25.54 27.71
N LYS D 312 -23.71 -24.38 27.93
CA LYS D 312 -24.95 -24.30 28.65
C LYS D 312 -26.02 -25.13 27.92
N VAL D 313 -26.22 -24.82 26.64
CA VAL D 313 -27.21 -25.50 25.81
C VAL D 313 -26.97 -27.00 25.72
N VAL D 314 -25.73 -27.38 25.47
CA VAL D 314 -25.38 -28.78 25.34
C VAL D 314 -25.67 -29.53 26.67
N LYS D 315 -25.24 -28.97 27.80
CA LYS D 315 -25.47 -29.62 29.10
C LYS D 315 -26.95 -29.68 29.50
N ALA D 316 -27.72 -28.66 29.14
CA ALA D 316 -29.13 -28.62 29.44
C ALA D 316 -29.85 -29.65 28.58
N PHE D 317 -29.44 -29.80 27.33
CA PHE D 317 -30.08 -30.77 26.45
C PHE D 317 -29.80 -32.23 26.83
N VAL D 318 -28.57 -32.52 27.27
CA VAL D 318 -28.23 -33.88 27.69
C VAL D 318 -28.94 -34.30 29.00
N LYS D 319 -29.07 -33.37 29.96
CA LYS D 319 -30.13 -33.46 30.98
C LYS D 319 -31.41 -33.19 30.21
N GLY D 320 -32.57 -33.36 30.80
CA GLY D 320 -33.78 -33.07 30.04
C GLY D 320 -34.22 -31.62 30.14
N ASP D 321 -33.34 -30.75 30.64
CA ASP D 321 -33.75 -29.44 31.12
C ASP D 321 -34.01 -28.40 30.01
N LEU D 322 -35.10 -28.58 29.27
CA LEU D 322 -35.40 -27.72 28.13
C LEU D 322 -35.82 -26.31 28.53
N GLU D 323 -36.28 -26.12 29.76
CA GLU D 323 -36.76 -24.81 30.19
C GLU D 323 -35.59 -23.83 30.29
N GLN D 324 -34.45 -24.35 30.70
CA GLN D 324 -33.26 -23.56 30.92
C GLN D 324 -32.80 -22.88 29.63
N ILE D 325 -33.09 -23.50 28.49
CA ILE D 325 -32.69 -22.98 27.19
C ILE D 325 -33.89 -22.62 26.30
N LYS D 326 -34.98 -22.21 26.95
CA LYS D 326 -36.19 -21.80 26.27
C LYS D 326 -35.91 -20.67 25.27
N GLY D 327 -35.13 -19.69 25.70
CA GLY D 327 -34.80 -18.56 24.87
C GLY D 327 -33.88 -18.88 23.68
N ASN D 328 -33.24 -20.05 23.70
CA ASN D 328 -32.36 -20.45 22.59
C ASN D 328 -33.05 -21.16 21.44
N PHE D 329 -34.29 -21.62 21.60
CA PHE D 329 -34.96 -22.35 20.51
C PHE D 329 -35.36 -21.48 19.36
N VAL D 330 -34.98 -21.92 18.15
CA VAL D 330 -35.49 -21.41 16.90
C VAL D 330 -36.64 -22.33 16.41
N VAL D 331 -36.42 -23.64 16.51
CA VAL D 331 -37.46 -24.64 16.30
C VAL D 331 -37.50 -25.41 17.60
N GLY D 332 -38.56 -25.17 18.37
CA GLY D 332 -38.69 -25.79 19.72
C GLY D 332 -39.57 -27.05 19.71
N PRO D 333 -39.76 -27.67 20.88
CA PRO D 333 -40.78 -28.75 21.00
C PRO D 333 -42.19 -28.21 20.65
N SER D 334 -43.05 -28.91 19.91
CA SER D 334 -42.97 -30.29 19.54
C SER D 334 -43.49 -30.37 18.10
#